data_8R6Y
#
_entry.id   8R6Y
#
_cell.length_a   1.00
_cell.length_b   1.00
_cell.length_c   1.00
_cell.angle_alpha   90.00
_cell.angle_beta   90.00
_cell.angle_gamma   90.00
#
_symmetry.space_group_name_H-M   'P 1'
#
loop_
_entity.id
_entity.type
_entity.pdbx_description
1 polymer 'RNA-directed RNA polymerase L'
2 polymer "RNA (5'-R(*AP*CP*AP*CP*AP*GP*AP*GP*AP*CP*GP*CP*CP*CP*AP*G)-3')"
3 polymer "RNA (5'-R(P*CP*UP*GP*GP*GP*CP*GP*GP*UP*AP*AP*AP*UP*GP*U)-3')"
4 polymer "RNA (5'-R(P*AP*CP*A)-3')"
5 polymer "RNA (5'-R(*(M7G)*AP*AP*A)-3')"
6 non-polymer "5'-O-[(S)-hydroxy{[(S)-hydroxy(phosphonooxy)phosphoryl]amino}phosphoryl]uridine"
7 non-polymer 'MAGNESIUM ION'
#
loop_
_entity_poly.entity_id
_entity_poly.type
_entity_poly.pdbx_seq_one_letter_code
_entity_poly.pdbx_strand_id
1 'polypeptide(L)'
;MNLEVLCGRINVENGLSLGEPGLYDQIYDRPGLPDLDVTVDATGVTVDIGAVPDSASQLGSSINAGLITIQLSEAYKINH
DFTFSGLSKTTDRRLSEVFPITHDGSDGMTPAVIHTRLDGTIVVVEFSTTRSHNIGGLEAAYRTKIEKYRDPISRRVDIM
ENPRVFFGVIVVSSGGVLSNMPLTQDEAEELMYRFCIANEIYTKARSMDADIELQKSEEELEAISRALSFFSLFEPNIER
VEGTFPNSEIKMLEQFLSTPADVDFITKTLKAKEVEAYADLCDSHYLKPEKTIQERLEINRCEAIDKTQDLLAGLHARSN
KQTSLNRGTVKLPPWLPKPSSESIDIKTDSGFGSLMDHGAYGELWAKCLLDVSLGNVEGVVSDPAKELDIAISDDPEKDT
PKEAKITYRRFKPALSSSARQEFSLQGVEGKKWKRMAANQKKEKESHETLSPFLDVEDIGDFLTFNNLLTDSRYGDESIQ
RAVSILLEKASAMQDTELTHALNDSFKRNLSSNVVQWSLWVSCLAQELASALKQHCRAGEFIIKKLKFWPIYVIIKPTKS
SSHIFYSLGIRKADVTRRLTGRVFSDTIDAGEWELTEFKSLKTCKLTNLVNLPCTMLNSIAFWREKLGVAPWLVRKPCSE
LREQVGLTFLISLEDKSKTEEIITLTRYTQMEGFVSPPMLPKPQKMLGKLDGPLRTKLQVYLLRKHLDCMVRIASQPFSL
IPREGRVEWGGTFHAISGRSTNLENMVNSWYIGYYKNKEESTELNALGEMYKKIVEMEEDKPSSPEFLGWGDTDSPKKHE
FSRSFLRAACSSLEREIAQRHGRQWKQNLEERVLREIGTKNILDLASMKATSNFSKDWELYSEVQTKEYHRSKLLEKMAT
LIEKGVMWYIDAVGQAWKAVLDDGCMRICLFKKNQHGGLREIYVMDANARLVQFGVETMARCVCELSPHETVANPRLKNS
IIENHGLKSARSLGPGSININSSNDAKKWNQGHYTTKLALVLCWFMPAKFHRFIWAAISMFRRKKMMVDLRFLAHLSSKS
ESRSSDPFREAMTDAFHGNRDVSWMDKGRTYIKTETGMMQGILHFTSSLLHSCVQSFYKSYFVSKLKEGYMGESISGVVD
VIEGSDDSAIMISIRPKSDMDEVRSRFFVANLLHSVKFLNPLFGIYSSEKSTVNTVYCVEYNSEFHFHRHLVRPTLRWIA
ASHQISETEALASRQEDYSNLLTQCLEGGASFSLTYLIQCAQLLHHYMLLGLCLHPLFGTFMGMLISDPDPALGFFLMDN
PAFAGGAGFRFNLWRACKTTDLGRKYAYYFNEIQGKTKGDEDYRALDATSGGTLSHSVMVYWGDRKKYQALLNRMGLPED
WVEQIDENPGVLYRRAANKKELLLKLAEKVHSPGVTSSLSKGHVVPRVVAAGVYLLSRHCFRFSSSIHGRGSTQKASLIK
LLMMSSISAMKHGGSLNPNQERMLFPQAQEYDRVCTLLEEVEHLTGKFVVRERNIVRSRIDLFQEPVDLRCKAEDLVSEV
WFGLKRTKLGPRLLKEEWDKLRASFAWLSTDPSETLRDGPFLSHVQFRNFIAHVDAKSRSVRLLGAPVKKSGGVTTISQV
VRMNFFPGFSLEAEKSLDNQERLESISILKHVLFMVLNGPYTEEYKLEMIIEAFSTLVIPQPSEVIRKSRTMTLCLLSNY
LSSRGGSILDQIERAQSGTLGGFSKPQKTFVRPGGGVGYKGKGVWTGVMEDTHVQILIDGDGTSNWLEEIRLSSDARLYD
VIESIRRLCDDLGINNRVASAYRGHCMVRLSGFKIKPASRTDGCPVRIMERGFRIRELQNPDEVKMRVRGDILNLSVTIQ
EGRVMNILSYRPRDTDISESAAAYLWSNRDLFSFGKKEPSCSWICLKTLDNWAWSHASVLLANDRKTQGIDNRAMGNIFR
DCLEGSLRKQGLMRSKLTEMVEKNVVPLTTQELVDILEEDIDFSDVIAVELSEGSLDIESIFDGAPILWSAEVEEFGEGV
VAVSYSSKYYHLTLMDQAAITMCAIMGKEGCRGLLTEKRCMAAIREQVRPFLIFLQIPEDSISWVSDQFCDSRGLDEEST
IMWG
;
A
2 'polyribonucleotide' ACACAGAGACGCCCAGAUGA P
3 'polyribonucleotide' GAUCUGGGCGGUAAAUGUGU T
4 'polyribonucleotide' ACA G
5 'polyribonucleotide' (M7G)AAAAACGCAACCAACAC C
#
# COMPACT_ATOMS: atom_id res chain seq x y z
N MET A 1 -27.26 -43.85 21.06
CA MET A 1 -27.65 -45.03 20.31
C MET A 1 -26.72 -45.26 19.13
N ASN A 2 -26.99 -46.29 18.34
CA ASN A 2 -26.18 -46.64 17.19
C ASN A 2 -26.92 -46.31 15.90
N LEU A 3 -26.16 -46.18 14.81
CA LEU A 3 -26.75 -45.94 13.50
C LEU A 3 -26.73 -47.15 12.59
N GLU A 4 -25.89 -48.15 12.88
CA GLU A 4 -25.76 -49.31 12.00
C GLU A 4 -27.05 -50.12 11.96
N VAL A 5 -27.60 -50.46 13.14
CA VAL A 5 -28.84 -51.23 13.20
C VAL A 5 -30.00 -50.41 12.63
N LEU A 6 -30.02 -49.11 12.92
CA LEU A 6 -31.09 -48.25 12.43
C LEU A 6 -31.10 -48.17 10.91
N CYS A 7 -29.91 -48.07 10.29
CA CYS A 7 -29.85 -48.09 8.84
C CYS A 7 -30.13 -49.49 8.29
N GLY A 8 -29.78 -50.53 9.05
CA GLY A 8 -30.03 -51.89 8.60
C GLY A 8 -31.51 -52.22 8.54
N ARG A 9 -32.30 -51.69 9.47
CA ARG A 9 -33.73 -51.95 9.49
C ARG A 9 -34.52 -51.04 8.55
N ILE A 10 -33.85 -50.43 7.57
CA ILE A 10 -34.50 -49.59 6.56
C ILE A 10 -34.39 -50.31 5.22
N ASN A 11 -35.53 -50.49 4.56
CA ASN A 11 -35.59 -51.09 3.23
C ASN A 11 -35.68 -49.98 2.20
N VAL A 12 -34.71 -49.91 1.30
CA VAL A 12 -34.62 -48.86 0.30
C VAL A 12 -34.91 -49.47 -1.06
N GLU A 13 -35.90 -48.91 -1.76
CA GLU A 13 -36.21 -49.31 -3.12
C GLU A 13 -35.57 -48.33 -4.10
N ASN A 14 -35.83 -48.55 -5.39
CA ASN A 14 -35.28 -47.69 -6.42
C ASN A 14 -36.02 -46.35 -6.43
N GLY A 15 -35.25 -45.26 -6.50
CA GLY A 15 -35.82 -43.93 -6.55
C GLY A 15 -35.78 -43.23 -5.21
N LEU A 16 -36.51 -42.11 -5.15
CA LEU A 16 -36.61 -41.31 -3.95
C LEU A 16 -37.87 -41.67 -3.16
N SER A 17 -37.80 -41.51 -1.85
CA SER A 17 -38.93 -41.81 -0.98
C SER A 17 -38.86 -40.94 0.26
N LEU A 18 -40.01 -40.83 0.95
CA LEU A 18 -40.08 -40.11 2.20
C LEU A 18 -40.72 -40.91 3.33
N GLY A 19 -41.27 -42.09 3.04
CA GLY A 19 -41.91 -42.89 4.07
C GLY A 19 -43.19 -42.25 4.57
N GLU A 20 -43.53 -42.55 5.83
CA GLU A 20 -44.68 -41.96 6.49
C GLU A 20 -44.28 -41.57 7.91
N PRO A 21 -44.75 -40.42 8.39
CA PRO A 21 -44.37 -39.97 9.75
C PRO A 21 -45.10 -40.78 10.81
N GLY A 22 -44.32 -41.39 11.70
CA GLY A 22 -44.88 -42.14 12.80
C GLY A 22 -44.87 -41.37 14.09
N LEU A 23 -46.04 -40.93 14.56
CA LEU A 23 -46.12 -40.14 15.78
C LEU A 23 -45.90 -41.05 16.98
N TYR A 24 -44.89 -40.73 17.79
CA TYR A 24 -44.57 -41.50 18.98
C TYR A 24 -44.93 -40.70 20.22
N ASP A 25 -45.24 -41.42 21.29
CA ASP A 25 -45.59 -40.83 22.57
C ASP A 25 -44.91 -41.60 23.68
N GLN A 26 -44.75 -40.95 24.83
CA GLN A 26 -44.13 -41.60 25.97
C GLN A 26 -45.05 -42.70 26.51
N ILE A 27 -44.43 -43.78 26.99
CA ILE A 27 -45.18 -44.92 27.50
C ILE A 27 -44.73 -45.20 28.93
N TYR A 28 -43.43 -45.45 29.11
CA TYR A 28 -42.90 -45.78 30.43
C TYR A 28 -42.89 -44.55 31.32
N ASP A 29 -42.97 -44.79 32.62
CA ASP A 29 -42.88 -43.69 33.57
C ASP A 29 -41.45 -43.17 33.64
N ARG A 30 -41.32 -41.87 33.92
CA ARG A 30 -40.03 -41.21 33.87
C ARG A 30 -39.53 -40.89 35.27
N PRO A 31 -38.27 -41.21 35.57
CA PRO A 31 -37.65 -40.70 36.80
C PRO A 31 -37.44 -39.19 36.71
N GLY A 32 -37.14 -38.58 37.84
CA GLY A 32 -37.09 -37.13 37.88
C GLY A 32 -35.92 -36.51 37.14
N LEU A 33 -34.70 -36.61 37.70
CA LEU A 33 -33.50 -36.04 37.11
C LEU A 33 -32.25 -36.44 37.91
N PRO A 34 -31.11 -36.63 37.27
CA PRO A 34 -29.84 -36.68 37.98
C PRO A 34 -29.40 -35.26 38.36
N ASP A 35 -28.36 -35.19 39.20
CA ASP A 35 -27.85 -33.90 39.61
C ASP A 35 -27.13 -33.22 38.44
N LEU A 36 -27.37 -31.92 38.30
CA LEU A 36 -26.97 -31.15 37.12
C LEU A 36 -26.28 -29.86 37.52
N ASP A 37 -25.30 -29.95 38.41
CA ASP A 37 -24.56 -28.78 38.84
C ASP A 37 -23.83 -28.14 37.66
N VAL A 38 -24.04 -26.84 37.49
CA VAL A 38 -23.54 -26.11 36.32
C VAL A 38 -22.97 -24.77 36.80
N THR A 39 -21.74 -24.47 36.38
CA THR A 39 -21.14 -23.17 36.61
C THR A 39 -20.52 -22.67 35.31
N VAL A 40 -20.32 -21.36 35.24
CA VAL A 40 -19.81 -20.71 34.03
C VAL A 40 -18.62 -19.84 34.39
N ASP A 41 -17.58 -19.90 33.56
CA ASP A 41 -16.41 -19.03 33.70
C ASP A 41 -15.86 -18.76 32.31
N ALA A 42 -14.67 -18.18 32.25
CA ALA A 42 -14.06 -17.87 30.96
C ALA A 42 -13.61 -19.12 30.20
N THR A 43 -13.32 -20.22 30.91
CA THR A 43 -12.90 -21.44 30.24
C THR A 43 -14.06 -22.08 29.49
N GLY A 44 -15.19 -22.25 30.16
CA GLY A 44 -16.33 -22.89 29.53
C GLY A 44 -17.49 -22.99 30.51
N VAL A 45 -18.37 -23.94 30.25
CA VAL A 45 -19.43 -24.30 31.18
C VAL A 45 -19.22 -25.76 31.58
N THR A 46 -19.24 -26.03 32.88
CA THR A 46 -19.00 -27.37 33.41
C THR A 46 -20.35 -28.01 33.73
N VAL A 47 -20.57 -29.21 33.18
CA VAL A 47 -21.82 -29.92 33.41
C VAL A 47 -21.55 -31.14 34.27
N ASP A 48 -21.70 -30.98 35.58
CA ASP A 48 -21.49 -32.09 36.51
C ASP A 48 -22.71 -32.99 36.48
N ILE A 49 -22.53 -34.23 36.07
CA ILE A 49 -23.63 -35.18 35.89
C ILE A 49 -23.69 -36.09 37.11
N GLY A 50 -24.82 -36.05 37.82
CA GLY A 50 -25.03 -36.91 38.95
C GLY A 50 -25.55 -38.28 38.56
N ALA A 51 -25.85 -39.08 39.57
CA ALA A 51 -26.36 -40.42 39.34
C ALA A 51 -27.83 -40.38 38.92
N VAL A 52 -28.16 -41.12 37.87
CA VAL A 52 -29.55 -41.20 37.41
C VAL A 52 -30.37 -41.96 38.45
N PRO A 53 -31.58 -41.49 38.80
CA PRO A 53 -32.43 -42.26 39.72
C PRO A 53 -32.77 -43.63 39.16
N ASP A 54 -32.77 -44.63 40.04
CA ASP A 54 -32.99 -46.00 39.63
C ASP A 54 -34.46 -46.25 39.28
N SER A 55 -34.67 -47.08 38.26
CA SER A 55 -36.03 -47.46 37.85
C SER A 55 -35.96 -48.82 37.16
N ALA A 56 -37.10 -49.50 37.13
CA ALA A 56 -37.19 -50.81 36.52
C ALA A 56 -37.27 -50.76 35.00
N SER A 57 -37.49 -49.58 34.42
CA SER A 57 -37.61 -49.42 32.98
C SER A 57 -36.27 -49.22 32.28
N GLN A 58 -35.16 -49.23 33.04
CA GLN A 58 -33.79 -49.07 32.53
C GLN A 58 -33.60 -47.74 31.82
N LEU A 59 -34.42 -46.75 32.13
CA LEU A 59 -34.27 -45.41 31.55
C LEU A 59 -33.11 -44.68 32.23
N GLY A 60 -32.32 -43.98 31.42
CA GLY A 60 -31.18 -43.25 31.92
C GLY A 60 -29.86 -43.98 31.88
N SER A 61 -29.80 -45.14 31.21
CA SER A 61 -28.54 -45.86 31.08
C SER A 61 -27.61 -45.22 30.05
N SER A 62 -28.13 -44.38 29.17
CA SER A 62 -27.30 -43.73 28.17
C SER A 62 -26.31 -42.74 28.81
N ILE A 63 -26.77 -41.98 29.80
CA ILE A 63 -25.90 -41.00 30.43
C ILE A 63 -24.89 -41.69 31.34
N ASN A 64 -23.81 -40.98 31.65
CA ASN A 64 -22.76 -41.46 32.53
C ASN A 64 -22.41 -40.36 33.52
N ALA A 65 -22.31 -40.72 34.79
CA ALA A 65 -21.99 -39.75 35.83
C ALA A 65 -20.59 -39.21 35.64
N GLY A 66 -20.43 -37.91 35.76
CA GLY A 66 -19.14 -37.27 35.55
C GLY A 66 -19.32 -35.79 35.28
N LEU A 67 -18.41 -35.24 34.48
CA LEU A 67 -18.43 -33.83 34.11
C LEU A 67 -18.32 -33.68 32.60
N ILE A 68 -19.08 -32.73 32.07
CA ILE A 68 -19.08 -32.42 30.64
C ILE A 68 -18.74 -30.95 30.47
N THR A 69 -17.85 -30.66 29.54
CA THR A 69 -17.42 -29.29 29.26
C THR A 69 -17.84 -28.87 27.87
N ILE A 70 -18.39 -27.66 27.77
CA ILE A 70 -18.80 -27.07 26.50
C ILE A 70 -18.26 -25.65 26.44
N GLN A 71 -17.68 -25.27 25.31
CA GLN A 71 -17.15 -23.92 25.17
C GLN A 71 -18.30 -22.92 25.06
N LEU A 72 -17.98 -21.66 25.35
CA LEU A 72 -19.01 -20.62 25.46
C LEU A 72 -19.65 -20.31 24.11
N SER A 73 -18.93 -20.52 23.01
CA SER A 73 -19.43 -20.09 21.71
C SER A 73 -20.66 -20.88 21.28
N GLU A 74 -20.62 -22.21 21.41
CA GLU A 74 -21.70 -23.07 20.97
C GLU A 74 -22.73 -23.33 22.06
N ALA A 75 -22.80 -22.47 23.07
CA ALA A 75 -23.77 -22.67 24.14
C ALA A 75 -25.20 -22.40 23.70
N TYR A 76 -25.39 -21.74 22.56
CA TYR A 76 -26.75 -21.47 22.09
C TYR A 76 -27.42 -22.74 21.56
N LYS A 77 -26.67 -23.56 20.84
CA LYS A 77 -27.20 -24.81 20.29
C LYS A 77 -26.90 -25.99 21.22
N ILE A 78 -27.27 -25.85 22.49
CA ILE A 78 -26.98 -26.88 23.47
C ILE A 78 -28.01 -28.01 23.40
N ASN A 79 -29.28 -27.66 23.17
CA ASN A 79 -30.32 -28.69 23.07
C ASN A 79 -30.08 -29.62 21.90
N HIS A 80 -29.65 -29.07 20.77
CA HIS A 80 -29.47 -29.88 19.57
C HIS A 80 -28.34 -30.89 19.73
N ASP A 81 -27.19 -30.45 20.25
CA ASP A 81 -26.04 -31.35 20.32
C ASP A 81 -25.98 -32.14 21.62
N PHE A 82 -26.83 -31.85 22.60
CA PHE A 82 -26.89 -32.69 23.80
C PHE A 82 -28.08 -33.65 23.79
N THR A 83 -29.24 -33.21 23.28
CA THR A 83 -30.36 -34.13 23.11
C THR A 83 -30.00 -35.23 22.11
N PHE A 84 -29.36 -34.87 21.01
CA PHE A 84 -28.87 -35.82 20.03
C PHE A 84 -27.38 -36.11 20.22
N SER A 85 -26.91 -36.16 21.46
CA SER A 85 -25.54 -36.55 21.74
C SER A 85 -25.30 -37.98 21.28
N GLY A 86 -24.18 -38.20 20.61
CA GLY A 86 -23.98 -39.47 19.95
C GLY A 86 -24.82 -39.55 18.68
N LEU A 87 -24.93 -40.78 18.17
CA LEU A 87 -25.72 -41.12 16.99
C LEU A 87 -25.23 -40.43 15.72
N SER A 88 -24.10 -39.73 15.80
CA SER A 88 -23.50 -39.04 14.68
C SER A 88 -22.03 -39.44 14.59
N LYS A 89 -21.60 -39.79 13.39
CA LYS A 89 -20.23 -40.23 13.17
C LYS A 89 -19.25 -39.07 13.04
N THR A 90 -19.71 -37.83 13.17
CA THR A 90 -18.97 -36.60 12.92
C THR A 90 -18.38 -36.66 11.51
N THR A 91 -17.28 -35.93 11.28
CA THR A 91 -16.62 -35.83 9.98
C THR A 91 -17.63 -35.49 8.88
N ASP A 92 -18.38 -34.41 9.12
CA ASP A 92 -19.55 -34.10 8.31
C ASP A 92 -19.17 -33.82 6.87
N ARG A 93 -19.77 -34.56 5.96
CA ARG A 93 -19.54 -34.43 4.53
C ARG A 93 -20.59 -33.52 3.91
N ARG A 94 -20.51 -33.36 2.60
CA ARG A 94 -21.42 -32.51 1.87
C ARG A 94 -22.06 -33.29 0.73
N LEU A 95 -23.02 -32.66 0.06
CA LEU A 95 -23.67 -33.30 -1.07
C LEU A 95 -22.77 -33.41 -2.29
N SER A 96 -21.64 -32.71 -2.32
CA SER A 96 -20.74 -32.77 -3.46
C SER A 96 -20.06 -34.12 -3.58
N GLU A 97 -19.91 -34.85 -2.48
CA GLU A 97 -19.16 -36.10 -2.51
C GLU A 97 -19.99 -37.25 -3.08
N VAL A 98 -21.09 -37.60 -2.41
CA VAL A 98 -21.85 -38.77 -2.83
C VAL A 98 -22.74 -38.43 -4.03
N PHE A 99 -23.29 -37.20 -4.09
CA PHE A 99 -24.10 -36.84 -5.24
C PHE A 99 -23.25 -36.14 -6.29
N PRO A 100 -23.62 -36.23 -7.57
CA PRO A 100 -22.86 -35.50 -8.59
C PRO A 100 -23.10 -33.99 -8.55
N ILE A 101 -22.48 -33.26 -9.45
CA ILE A 101 -22.56 -31.81 -9.46
C ILE A 101 -23.73 -31.38 -10.35
N THR A 102 -24.59 -30.53 -9.81
CA THR A 102 -25.75 -30.04 -10.55
C THR A 102 -25.70 -28.55 -10.86
N HIS A 103 -24.82 -27.79 -10.20
CA HIS A 103 -24.68 -26.34 -10.39
C HIS A 103 -26.00 -25.61 -10.14
N ASP A 104 -26.68 -25.98 -9.05
CA ASP A 104 -27.92 -25.34 -8.65
C ASP A 104 -27.76 -24.36 -7.50
N GLY A 105 -26.59 -24.32 -6.86
CA GLY A 105 -26.34 -23.43 -5.76
C GLY A 105 -26.56 -24.05 -4.39
N SER A 106 -27.27 -25.16 -4.31
CA SER A 106 -27.55 -25.83 -3.04
C SER A 106 -26.48 -26.85 -2.68
N ASP A 107 -25.35 -26.86 -3.38
CA ASP A 107 -24.30 -27.85 -3.11
C ASP A 107 -23.62 -27.58 -1.78
N GLY A 108 -23.41 -26.31 -1.42
CA GLY A 108 -22.79 -25.97 -0.16
C GLY A 108 -23.59 -26.38 1.06
N MET A 109 -24.90 -26.60 0.89
CA MET A 109 -25.72 -27.10 1.98
C MET A 109 -25.34 -28.53 2.33
N THR A 110 -25.23 -28.81 3.63
CA THR A 110 -24.90 -30.15 4.09
C THR A 110 -25.86 -30.58 5.19
N PRO A 111 -26.22 -31.86 5.22
CA PRO A 111 -27.11 -32.34 6.30
C PRO A 111 -26.33 -32.73 7.54
N ALA A 112 -27.03 -33.24 8.55
CA ALA A 112 -26.38 -33.62 9.80
C ALA A 112 -25.58 -34.91 9.66
N VAL A 113 -26.23 -35.98 9.20
CA VAL A 113 -25.58 -37.28 9.04
C VAL A 113 -25.80 -37.75 7.61
N ILE A 114 -24.76 -38.34 7.03
CA ILE A 114 -24.83 -38.89 5.68
C ILE A 114 -24.21 -40.29 5.72
N HIS A 115 -24.99 -41.30 5.38
CA HIS A 115 -24.62 -42.69 5.63
C HIS A 115 -24.57 -43.47 4.32
N THR A 116 -23.38 -43.92 3.94
CA THR A 116 -23.23 -44.88 2.85
C THR A 116 -23.52 -46.27 3.42
N ARG A 117 -24.62 -46.88 3.00
CA ARG A 117 -25.07 -48.13 3.58
C ARG A 117 -24.16 -49.29 3.14
N LEU A 118 -24.35 -50.42 3.81
CA LEU A 118 -23.53 -51.61 3.56
C LEU A 118 -23.79 -52.23 2.20
N ASP A 119 -24.89 -51.89 1.54
CA ASP A 119 -25.20 -52.41 0.21
C ASP A 119 -25.21 -51.32 -0.85
N GLY A 120 -24.83 -50.09 -0.51
CA GLY A 120 -24.71 -49.02 -1.48
C GLY A 120 -25.83 -48.00 -1.47
N THR A 121 -26.89 -48.22 -0.70
CA THR A 121 -27.96 -47.22 -0.65
C THR A 121 -27.52 -46.02 0.18
N ILE A 122 -28.23 -44.91 0.00
CA ILE A 122 -27.92 -43.66 0.66
C ILE A 122 -29.10 -43.25 1.53
N VAL A 123 -28.83 -42.99 2.80
CA VAL A 123 -29.85 -42.55 3.75
C VAL A 123 -29.38 -41.27 4.42
N VAL A 124 -30.25 -40.27 4.46
CA VAL A 124 -29.95 -38.97 5.04
C VAL A 124 -31.01 -38.68 6.10
N VAL A 125 -30.58 -38.40 7.32
CA VAL A 125 -31.47 -38.12 8.44
C VAL A 125 -31.18 -36.71 8.95
N GLU A 126 -32.23 -35.93 9.17
CA GLU A 126 -32.12 -34.58 9.67
C GLU A 126 -32.77 -34.49 11.05
N PHE A 127 -32.06 -33.87 11.99
CA PHE A 127 -32.54 -33.75 13.37
C PHE A 127 -33.09 -32.35 13.61
N SER A 128 -34.10 -32.27 14.48
CA SER A 128 -34.72 -31.01 14.81
C SER A 128 -35.45 -31.13 16.14
N THR A 129 -35.28 -30.13 17.00
CA THR A 129 -35.96 -30.07 18.29
C THR A 129 -36.69 -28.75 18.42
N THR A 130 -37.71 -28.74 19.26
CA THR A 130 -38.47 -27.52 19.51
C THR A 130 -39.03 -27.56 20.94
N ARG A 131 -39.11 -26.37 21.54
CA ARG A 131 -39.63 -26.21 22.89
C ARG A 131 -41.12 -25.87 22.87
N SER A 132 -41.90 -26.70 22.19
CA SER A 132 -43.34 -26.50 22.06
C SER A 132 -44.08 -27.71 22.63
N HIS A 133 -45.36 -27.50 22.91
CA HIS A 133 -46.20 -28.54 23.51
C HIS A 133 -47.40 -28.92 22.65
N ASN A 134 -47.53 -28.34 21.45
CA ASN A 134 -48.65 -28.63 20.57
C ASN A 134 -48.20 -29.53 19.43
N ILE A 135 -49.11 -30.41 18.98
CA ILE A 135 -48.82 -31.32 17.89
C ILE A 135 -48.61 -30.54 16.59
N GLY A 136 -49.33 -29.43 16.41
CA GLY A 136 -49.19 -28.62 15.22
C GLY A 136 -47.80 -28.05 15.04
N GLY A 137 -47.14 -27.69 16.14
CA GLY A 137 -45.76 -27.22 16.05
C GLY A 137 -44.81 -28.29 15.56
N LEU A 138 -44.97 -29.51 16.07
CA LEU A 138 -44.15 -30.63 15.60
C LEU A 138 -44.41 -30.93 14.13
N GLU A 139 -45.68 -30.87 13.72
CA GLU A 139 -46.01 -31.09 12.31
C GLU A 139 -45.41 -30.00 11.43
N ALA A 140 -45.45 -28.75 11.89
CA ALA A 140 -44.85 -27.66 11.13
C ALA A 140 -43.34 -27.82 11.00
N ALA A 141 -42.67 -28.22 12.09
CA ALA A 141 -41.23 -28.46 12.03
C ALA A 141 -40.89 -29.61 11.09
N TYR A 142 -41.68 -30.69 11.16
CA TYR A 142 -41.46 -31.83 10.27
C TYR A 142 -41.64 -31.43 8.81
N ARG A 143 -42.70 -30.68 8.52
CA ARG A 143 -42.96 -30.25 7.15
C ARG A 143 -41.89 -29.30 6.65
N THR A 144 -41.40 -28.40 7.51
CA THR A 144 -40.36 -27.47 7.12
C THR A 144 -39.05 -28.21 6.81
N LYS A 145 -38.68 -29.16 7.66
CA LYS A 145 -37.46 -29.92 7.42
C LYS A 145 -37.59 -30.83 6.19
N ILE A 146 -38.82 -31.28 5.90
CA ILE A 146 -39.04 -32.06 4.68
C ILE A 146 -38.88 -31.18 3.44
N GLU A 147 -39.51 -30.00 3.46
CA GLU A 147 -39.57 -29.19 2.25
C GLU A 147 -38.25 -28.46 1.98
N LYS A 148 -37.45 -28.19 3.01
CA LYS A 148 -36.18 -27.52 2.78
C LYS A 148 -35.12 -28.45 2.19
N TYR A 149 -35.39 -29.75 2.15
CA TYR A 149 -34.45 -30.72 1.60
C TYR A 149 -34.98 -31.52 0.42
N ARG A 150 -36.30 -31.61 0.23
CA ARG A 150 -36.85 -32.55 -0.74
C ARG A 150 -36.49 -32.17 -2.18
N ASP A 151 -36.60 -30.89 -2.52
CA ASP A 151 -36.37 -30.46 -3.91
C ASP A 151 -34.93 -30.67 -4.38
N PRO A 152 -33.88 -30.23 -3.66
CA PRO A 152 -32.53 -30.48 -4.18
C PRO A 152 -32.14 -31.95 -4.22
N ILE A 153 -32.59 -32.74 -3.24
CA ILE A 153 -32.30 -34.18 -3.27
C ILE A 153 -32.99 -34.83 -4.46
N SER A 154 -34.22 -34.40 -4.77
CA SER A 154 -34.91 -34.91 -5.95
C SER A 154 -34.16 -34.54 -7.23
N ARG A 155 -33.66 -33.30 -7.32
CA ARG A 155 -32.90 -32.90 -8.51
C ARG A 155 -31.60 -33.69 -8.62
N ARG A 156 -30.97 -34.01 -7.49
CA ARG A 156 -29.73 -34.79 -7.53
C ARG A 156 -29.98 -36.24 -7.91
N VAL A 157 -31.11 -36.81 -7.49
CA VAL A 157 -31.37 -38.22 -7.77
C VAL A 157 -32.07 -38.45 -9.11
N ASP A 158 -32.63 -37.41 -9.73
CA ASP A 158 -33.27 -37.58 -11.03
C ASP A 158 -32.27 -37.51 -12.19
N ILE A 159 -30.97 -37.52 -11.92
CA ILE A 159 -29.95 -37.55 -12.95
C ILE A 159 -29.01 -38.75 -12.78
N MET A 160 -28.59 -39.06 -11.56
CA MET A 160 -27.67 -40.16 -11.32
C MET A 160 -28.33 -41.50 -11.61
N GLU A 161 -27.55 -42.43 -12.16
CA GLU A 161 -28.05 -43.75 -12.51
C GLU A 161 -28.23 -44.63 -11.27
N ASN A 162 -29.10 -45.64 -11.41
CA ASN A 162 -29.61 -46.57 -10.40
C ASN A 162 -29.81 -45.91 -9.03
N PRO A 163 -30.71 -44.94 -8.90
CA PRO A 163 -30.85 -44.24 -7.62
C PRO A 163 -31.70 -45.02 -6.64
N ARG A 164 -31.12 -45.32 -5.48
CA ARG A 164 -31.84 -45.94 -4.36
C ARG A 164 -31.52 -45.13 -3.12
N VAL A 165 -32.35 -44.14 -2.81
CA VAL A 165 -32.12 -43.26 -1.67
C VAL A 165 -33.37 -43.23 -0.80
N PHE A 166 -33.17 -42.85 0.46
CA PHE A 166 -34.25 -42.67 1.40
C PHE A 166 -33.94 -41.48 2.29
N PHE A 167 -34.95 -40.64 2.52
CA PHE A 167 -34.80 -39.43 3.32
C PHE A 167 -35.66 -39.53 4.56
N GLY A 168 -35.07 -39.23 5.71
CA GLY A 168 -35.79 -39.26 6.96
C GLY A 168 -35.48 -38.02 7.79
N VAL A 169 -36.34 -37.80 8.80
CA VAL A 169 -36.20 -36.64 9.67
C VAL A 169 -36.85 -36.94 11.02
N ILE A 170 -36.15 -36.62 12.10
CA ILE A 170 -36.62 -36.87 13.46
C ILE A 170 -36.91 -35.55 14.14
N VAL A 171 -38.11 -35.41 14.67
CA VAL A 171 -38.52 -34.22 15.42
C VAL A 171 -38.84 -34.66 16.85
N VAL A 172 -38.14 -34.07 17.81
CA VAL A 172 -38.28 -34.41 19.22
C VAL A 172 -38.61 -33.15 19.99
N SER A 173 -39.69 -33.20 20.76
CA SER A 173 -40.09 -32.10 21.63
C SER A 173 -40.23 -32.63 23.06
N SER A 174 -40.73 -31.78 23.96
CA SER A 174 -40.98 -32.19 25.33
C SER A 174 -42.34 -32.88 25.49
N GLY A 175 -43.16 -32.89 24.45
CA GLY A 175 -44.48 -33.48 24.54
C GLY A 175 -44.64 -34.75 23.72
N GLY A 176 -43.83 -34.88 22.67
CA GLY A 176 -43.88 -36.08 21.84
C GLY A 176 -42.72 -36.12 20.87
N VAL A 177 -42.63 -37.23 20.16
CA VAL A 177 -41.62 -37.45 19.15
C VAL A 177 -42.33 -37.81 17.85
N LEU A 178 -42.06 -37.05 16.79
CA LEU A 178 -42.65 -37.28 15.47
C LEU A 178 -41.53 -37.52 14.48
N SER A 179 -41.54 -38.67 13.83
CA SER A 179 -40.49 -39.03 12.88
C SER A 179 -41.00 -40.09 11.93
N ASN A 180 -40.46 -40.07 10.71
CA ASN A 180 -40.70 -41.14 9.75
C ASN A 180 -39.76 -42.31 9.94
N MET A 181 -38.73 -42.15 10.76
CA MET A 181 -37.78 -43.23 11.02
C MET A 181 -38.39 -44.24 11.98
N PRO A 182 -38.45 -45.52 11.62
CA PRO A 182 -38.95 -46.53 12.57
C PRO A 182 -38.00 -46.69 13.75
N LEU A 183 -38.49 -46.33 14.93
CA LEU A 183 -37.71 -46.37 16.16
C LEU A 183 -38.45 -47.15 17.22
N THR A 184 -37.69 -47.79 18.09
CA THR A 184 -38.28 -48.47 19.25
C THR A 184 -38.73 -47.42 20.27
N GLN A 185 -39.59 -47.87 21.20
CA GLN A 185 -40.14 -46.96 22.20
C GLN A 185 -39.06 -46.47 23.16
N ASP A 186 -38.13 -47.35 23.54
CA ASP A 186 -37.09 -46.98 24.49
C ASP A 186 -36.20 -45.88 23.95
N GLU A 187 -35.94 -45.88 22.63
CA GLU A 187 -35.18 -44.81 22.02
C GLU A 187 -35.89 -43.47 22.15
N ALA A 188 -37.21 -43.46 21.93
CA ALA A 188 -37.99 -42.24 22.11
C ALA A 188 -37.98 -41.77 23.56
N GLU A 189 -38.07 -42.71 24.50
CA GLU A 189 -38.06 -42.34 25.91
C GLU A 189 -36.72 -41.76 26.34
N GLU A 190 -35.61 -42.36 25.88
CA GLU A 190 -34.30 -41.83 26.25
C GLU A 190 -34.02 -40.51 25.56
N LEU A 191 -34.51 -40.32 24.33
CA LEU A 191 -34.39 -39.01 23.69
C LEU A 191 -35.20 -37.95 24.43
N MET A 192 -36.38 -38.33 24.92
CA MET A 192 -37.17 -37.42 25.76
C MET A 192 -36.41 -37.03 27.02
N TYR A 193 -35.80 -38.02 27.68
CA TYR A 193 -35.05 -37.73 28.90
C TYR A 193 -33.85 -36.84 28.61
N ARG A 194 -33.14 -37.09 27.51
CA ARG A 194 -32.01 -36.24 27.15
C ARG A 194 -32.46 -34.83 26.83
N PHE A 195 -33.62 -34.68 26.17
CA PHE A 195 -34.13 -33.34 25.89
C PHE A 195 -34.51 -32.60 27.16
N CYS A 196 -35.12 -33.30 28.12
CA CYS A 196 -35.45 -32.66 29.40
C CYS A 196 -34.19 -32.23 30.14
N ILE A 197 -33.17 -33.09 30.17
CA ILE A 197 -31.91 -32.71 30.82
C ILE A 197 -31.28 -31.53 30.09
N ALA A 198 -31.34 -31.52 28.75
CA ALA A 198 -30.72 -30.46 27.97
C ALA A 198 -31.39 -29.12 28.23
N ASN A 199 -32.73 -29.08 28.25
CA ASN A 199 -33.37 -27.78 28.45
C ASN A 199 -33.25 -27.32 29.90
N GLU A 200 -33.20 -28.26 30.85
CA GLU A 200 -32.92 -27.87 32.23
C GLU A 200 -31.53 -27.25 32.36
N ILE A 201 -30.53 -27.84 31.70
CA ILE A 201 -29.18 -27.30 31.75
C ILE A 201 -29.13 -25.93 31.07
N TYR A 202 -29.83 -25.78 29.94
CA TYR A 202 -29.83 -24.49 29.24
C TYR A 202 -30.49 -23.40 30.08
N THR A 203 -31.61 -23.73 30.75
CA THR A 203 -32.25 -22.75 31.63
C THR A 203 -31.36 -22.41 32.82
N LYS A 204 -30.63 -23.39 33.35
CA LYS A 204 -29.72 -23.12 34.46
C LYS A 204 -28.56 -22.23 34.03
N ALA A 205 -28.01 -22.47 32.84
CA ALA A 205 -26.84 -21.74 32.40
C ALA A 205 -27.19 -20.33 31.93
N ARG A 206 -28.35 -20.16 31.31
CA ARG A 206 -28.76 -18.85 30.80
C ARG A 206 -29.10 -17.90 31.95
N GLU A 218 -27.11 -20.36 7.22
CA GLU A 218 -25.97 -19.78 6.51
C GLU A 218 -24.81 -19.52 7.45
N GLU A 219 -23.60 -19.45 6.88
CA GLU A 219 -22.40 -19.22 7.68
C GLU A 219 -22.43 -17.85 8.37
N GLU A 220 -23.03 -16.85 7.70
CA GLU A 220 -23.15 -15.52 8.30
C GLU A 220 -23.97 -15.56 9.58
N LEU A 221 -25.14 -16.20 9.53
CA LEU A 221 -26.00 -16.26 10.70
C LEU A 221 -25.38 -17.10 11.80
N GLU A 222 -24.66 -18.17 11.43
CA GLU A 222 -23.97 -18.98 12.42
C GLU A 222 -22.89 -18.19 13.13
N ALA A 223 -22.11 -17.39 12.37
CA ALA A 223 -21.07 -16.56 12.98
C ALA A 223 -21.67 -15.50 13.89
N ILE A 224 -22.77 -14.87 13.46
CA ILE A 224 -23.43 -13.86 14.28
C ILE A 224 -23.93 -14.47 15.58
N SER A 225 -24.59 -15.63 15.48
CA SER A 225 -25.13 -16.29 16.67
C SER A 225 -24.00 -16.72 17.61
N ARG A 226 -22.91 -17.25 17.05
CA ARG A 226 -21.78 -17.69 17.87
C ARG A 226 -21.16 -16.53 18.64
N ALA A 227 -20.89 -15.43 17.94
CA ALA A 227 -20.30 -14.27 18.60
C ALA A 227 -21.25 -13.68 19.64
N LEU A 228 -22.55 -13.63 19.32
CA LEU A 228 -23.52 -13.07 20.25
C LEU A 228 -23.64 -13.92 21.51
N SER A 229 -23.64 -15.26 21.35
CA SER A 229 -23.69 -16.13 22.51
C SER A 229 -22.44 -16.00 23.36
N PHE A 230 -21.27 -15.90 22.72
CA PHE A 230 -20.03 -15.72 23.47
C PHE A 230 -20.06 -14.43 24.28
N PHE A 231 -20.43 -13.32 23.65
CA PHE A 231 -20.46 -12.05 24.37
C PHE A 231 -21.59 -11.99 25.39
N SER A 232 -22.62 -12.81 25.23
CA SER A 232 -23.67 -12.88 26.23
C SER A 232 -23.24 -13.67 27.45
N LEU A 233 -22.44 -14.73 27.27
CA LEU A 233 -22.07 -15.60 28.37
C LEU A 233 -20.67 -15.35 28.91
N PHE A 234 -19.96 -14.34 28.41
CA PHE A 234 -18.61 -14.06 28.90
C PHE A 234 -18.68 -13.17 30.12
N GLU A 235 -18.05 -13.63 31.21
CA GLU A 235 -18.09 -12.92 32.48
C GLU A 235 -16.75 -13.07 33.18
N PRO A 236 -15.84 -12.11 32.99
CA PRO A 236 -14.63 -12.07 33.81
C PRO A 236 -14.94 -11.47 35.18
N ASN A 237 -14.27 -12.00 36.20
CA ASN A 237 -14.48 -11.53 37.57
C ASN A 237 -13.91 -10.12 37.71
N ILE A 238 -14.79 -9.16 37.94
CA ILE A 238 -14.37 -7.76 38.08
C ILE A 238 -13.53 -7.58 39.34
N GLU A 239 -13.88 -8.31 40.41
CA GLU A 239 -13.22 -8.14 41.69
C GLU A 239 -11.76 -8.56 41.63
N ARG A 240 -11.46 -9.63 40.88
CA ARG A 240 -10.07 -10.05 40.73
C ARG A 240 -9.26 -9.02 39.95
N VAL A 241 -9.88 -8.41 38.93
CA VAL A 241 -9.20 -7.35 38.17
C VAL A 241 -8.93 -6.15 39.05
N GLU A 242 -9.92 -5.76 39.86
CA GLU A 242 -9.74 -4.61 40.75
C GLU A 242 -8.67 -4.88 41.80
N GLY A 243 -8.62 -6.11 42.32
CA GLY A 243 -7.57 -6.45 43.25
C GLY A 243 -6.21 -6.59 42.60
N THR A 244 -6.18 -6.84 41.30
CA THR A 244 -4.91 -7.06 40.61
C THR A 244 -4.38 -5.79 39.94
N PHE A 245 -5.21 -5.12 39.14
CA PHE A 245 -4.71 -3.99 38.36
C PHE A 245 -5.17 -2.66 38.95
N PRO A 246 -4.27 -1.67 39.03
CA PRO A 246 -4.65 -0.39 39.62
C PRO A 246 -5.57 0.40 38.71
N ASN A 247 -6.45 1.20 39.35
CA ASN A 247 -7.38 2.10 38.68
C ASN A 247 -8.25 1.36 37.67
N SER A 248 -8.75 0.20 38.05
CA SER A 248 -9.57 -0.64 37.20
C SER A 248 -10.94 -0.86 37.79
N GLU A 249 -11.54 0.19 38.33
CA GLU A 249 -12.86 0.12 38.96
C GLU A 249 -13.94 0.51 37.96
N ILE A 250 -15.00 -0.28 37.88
CA ILE A 250 -16.10 -0.01 36.95
C ILE A 250 -16.93 1.20 37.38
N LYS A 251 -16.78 1.65 38.63
CA LYS A 251 -17.51 2.82 39.10
C LYS A 251 -17.11 4.07 38.31
N MET A 252 -15.84 4.19 37.95
CA MET A 252 -15.39 5.31 37.12
C MET A 252 -16.08 5.30 35.77
N LEU A 253 -16.20 4.13 35.14
CA LEU A 253 -16.88 4.02 33.85
C LEU A 253 -18.36 4.37 33.98
N GLU A 254 -19.01 3.88 35.04
CA GLU A 254 -20.42 4.18 35.23
C GLU A 254 -20.65 5.67 35.47
N GLN A 255 -19.77 6.31 36.25
CA GLN A 255 -19.88 7.74 36.47
C GLN A 255 -19.64 8.53 35.19
N PHE A 256 -18.65 8.10 34.39
CA PHE A 256 -18.39 8.79 33.12
C PHE A 256 -19.57 8.69 32.18
N LEU A 257 -20.22 7.52 32.13
CA LEU A 257 -21.40 7.37 31.28
C LEU A 257 -22.65 7.98 31.90
N SER A 258 -22.64 8.32 33.18
CA SER A 258 -23.86 8.80 33.85
C SER A 258 -23.98 10.32 33.85
N THR A 259 -23.03 11.01 34.49
CA THR A 259 -23.21 12.45 34.69
C THR A 259 -22.84 13.23 33.43
N PRO A 260 -23.54 14.33 33.17
CA PRO A 260 -23.20 15.20 32.03
C PRO A 260 -22.02 16.10 32.37
N ALA A 261 -21.70 16.97 31.43
CA ALA A 261 -20.59 17.91 31.59
C ALA A 261 -21.04 19.18 32.30
N ASP A 262 -20.06 19.90 32.86
CA ASP A 262 -20.29 21.17 33.53
C ASP A 262 -19.90 22.30 32.59
N VAL A 263 -20.90 22.99 32.04
CA VAL A 263 -20.66 24.00 31.02
C VAL A 263 -19.93 25.20 31.59
N ASP A 264 -20.21 25.56 32.85
CA ASP A 264 -19.58 26.72 33.46
C ASP A 264 -18.08 26.52 33.62
N PHE A 265 -17.67 25.31 34.03
CA PHE A 265 -16.25 25.00 34.12
C PHE A 265 -15.58 25.08 32.75
N ILE A 266 -16.26 24.60 31.71
CA ILE A 266 -15.75 24.69 30.35
C ILE A 266 -15.54 26.14 29.95
N THR A 267 -16.52 26.99 30.24
CA THR A 267 -16.43 28.40 29.86
C THR A 267 -15.29 29.10 30.60
N LYS A 268 -15.17 28.86 31.91
CA LYS A 268 -14.10 29.48 32.68
C LYS A 268 -12.73 29.03 32.21
N THR A 269 -12.58 27.73 31.94
CA THR A 269 -11.30 27.22 31.45
C THR A 269 -10.96 27.79 30.08
N LEU A 270 -11.97 27.89 29.21
CA LEU A 270 -11.73 28.45 27.87
C LEU A 270 -11.28 29.90 27.95
N LYS A 271 -11.94 30.70 28.81
CA LYS A 271 -11.54 32.10 28.95
C LYS A 271 -10.13 32.22 29.53
N ALA A 272 -9.80 31.40 30.53
CA ALA A 272 -8.47 31.47 31.13
C ALA A 272 -7.38 31.08 30.14
N LYS A 273 -7.60 29.99 29.39
CA LYS A 273 -6.60 29.58 28.42
C LYS A 273 -6.51 30.58 27.27
N GLU A 274 -7.63 31.22 26.91
CA GLU A 274 -7.61 32.23 25.86
C GLU A 274 -6.79 33.45 26.27
N VAL A 275 -6.98 33.94 27.49
CA VAL A 275 -6.19 35.09 27.91
C VAL A 275 -4.72 34.72 28.11
N GLU A 276 -4.43 33.49 28.55
CA GLU A 276 -3.03 33.07 28.66
C GLU A 276 -2.38 32.98 27.28
N ALA A 277 -3.11 32.45 26.29
CA ALA A 277 -2.59 32.37 24.94
C ALA A 277 -2.35 33.76 24.37
N TYR A 278 -3.26 34.70 24.64
CA TYR A 278 -3.07 36.07 24.18
C TYR A 278 -1.84 36.70 24.81
N ALA A 279 -1.63 36.45 26.11
CA ALA A 279 -0.44 36.98 26.78
C ALA A 279 0.83 36.42 26.18
N ASP A 280 0.86 35.10 25.93
CA ASP A 280 2.06 34.51 25.35
C ASP A 280 2.31 35.02 23.93
N LEU A 281 1.25 35.16 23.14
CA LEU A 281 1.39 35.69 21.78
C LEU A 281 1.90 37.13 21.79
N CYS A 282 1.38 37.95 22.72
CA CYS A 282 1.75 39.36 22.72
C CYS A 282 3.17 39.57 23.24
N ASP A 283 3.57 38.82 24.26
CA ASP A 283 4.90 39.06 24.83
C ASP A 283 6.01 38.29 24.13
N SER A 284 5.71 37.14 23.51
CA SER A 284 6.75 36.35 22.87
C SER A 284 7.18 36.94 21.53
N HIS A 285 6.24 37.49 20.77
CA HIS A 285 6.52 38.01 19.44
C HIS A 285 6.74 39.51 19.42
N TYR A 286 6.91 40.13 20.61
CA TYR A 286 7.16 41.56 20.75
C TYR A 286 6.05 42.40 20.12
N LEU A 287 4.80 42.01 20.38
CA LEU A 287 3.67 42.75 19.84
C LEU A 287 3.52 44.10 20.53
N LYS A 288 3.61 44.13 21.85
CA LYS A 288 3.46 45.37 22.59
C LYS A 288 4.79 45.79 23.22
N PRO A 289 5.12 47.09 23.21
CA PRO A 289 4.39 48.20 22.60
C PRO A 289 4.60 48.29 21.10
N GLU A 290 4.27 49.42 20.48
CA GLU A 290 4.36 49.55 19.03
C GLU A 290 5.82 49.54 18.58
N LYS A 291 6.12 48.70 17.59
CA LYS A 291 7.46 48.60 17.03
C LYS A 291 7.35 48.32 15.53
N THR A 292 8.36 48.78 14.79
CA THR A 292 8.45 48.47 13.37
C THR A 292 8.83 47.01 13.17
N ILE A 293 8.45 46.47 12.01
CA ILE A 293 8.72 45.07 11.69
C ILE A 293 10.22 44.79 11.68
N GLN A 294 11.01 45.73 11.15
CA GLN A 294 12.45 45.56 11.12
C GLN A 294 13.03 45.50 12.52
N GLU A 295 12.52 46.34 13.43
CA GLU A 295 12.97 46.29 14.82
C GLU A 295 12.61 44.95 15.47
N ARG A 296 11.41 44.45 15.19
CA ARG A 296 10.98 43.18 15.76
C ARG A 296 11.87 42.03 15.28
N LEU A 297 12.15 41.98 13.98
CA LEU A 297 13.00 40.91 13.49
C LEU A 297 14.45 41.08 13.95
N GLU A 298 14.91 42.31 14.15
CA GLU A 298 16.24 42.51 14.71
C GLU A 298 16.33 42.00 16.15
N ILE A 299 15.29 42.25 16.96
CA ILE A 299 15.26 41.74 18.32
C ILE A 299 15.24 40.21 18.31
N ASN A 300 14.43 39.62 17.42
CA ASN A 300 14.37 38.17 17.32
C ASN A 300 15.71 37.58 16.88
N ARG A 301 16.40 38.25 15.96
CA ARG A 301 17.70 37.79 15.51
C ARG A 301 18.72 37.86 16.63
N CYS A 302 18.68 38.93 17.43
CA CYS A 302 19.58 39.03 18.58
C CYS A 302 19.33 37.92 19.58
N GLU A 303 18.05 37.61 19.85
CA GLU A 303 17.73 36.50 20.75
C GLU A 303 18.24 35.18 20.21
N ALA A 304 18.06 34.94 18.91
CA ALA A 304 18.53 33.69 18.31
C ALA A 304 20.05 33.59 18.37
N ILE A 305 20.75 34.70 18.13
CA ILE A 305 22.21 34.70 18.22
C ILE A 305 22.67 34.39 19.64
N ASP A 306 22.00 34.98 20.63
CA ASP A 306 22.35 34.70 22.02
C ASP A 306 22.13 33.23 22.37
N LYS A 307 21.02 32.65 21.92
CA LYS A 307 20.74 31.25 22.22
C LYS A 307 21.74 30.32 21.55
N THR A 308 22.07 30.58 20.28
CA THR A 308 23.07 29.76 19.60
C THR A 308 24.42 29.88 20.28
N GLN A 309 24.80 31.09 20.71
CA GLN A 309 26.08 31.28 21.36
C GLN A 309 26.15 30.55 22.70
N ASP A 310 25.08 30.61 23.50
CA ASP A 310 25.17 29.92 24.79
C ASP A 310 25.11 28.40 24.61
N LEU A 311 24.40 27.91 23.59
CA LEU A 311 24.45 26.48 23.30
C LEU A 311 25.85 26.05 22.89
N LEU A 312 26.51 26.85 22.05
CA LEU A 312 27.88 26.52 21.65
C LEU A 312 28.83 26.55 22.84
N ALA A 313 28.67 27.52 23.73
CA ALA A 313 29.52 27.59 24.92
C ALA A 313 29.30 26.39 25.83
N GLY A 314 28.03 26.03 26.06
CA GLY A 314 27.74 24.87 26.89
C GLY A 314 28.23 23.57 26.29
N LEU A 315 28.20 23.46 24.95
CA LEU A 315 28.75 22.28 24.30
C LEU A 315 30.27 22.24 24.41
N HIS A 316 30.92 23.40 24.28
CA HIS A 316 32.37 23.48 24.40
C HIS A 316 32.84 23.23 25.82
N ALA A 317 31.98 23.47 26.82
CA ALA A 317 32.39 23.32 28.21
C ALA A 317 32.75 21.86 28.52
N ARG A 318 31.92 20.92 28.10
CA ARG A 318 32.19 19.50 28.35
C ARG A 318 32.82 18.87 27.11
N SER A 319 34.07 19.27 26.86
CA SER A 319 34.85 18.76 25.74
C SER A 319 36.32 19.12 25.97
N ASN A 320 37.19 18.40 25.28
CA ASN A 320 38.57 18.85 25.17
C ASN A 320 38.65 20.05 24.23
N LYS A 321 39.69 20.85 24.41
CA LYS A 321 39.75 22.11 23.66
C LYS A 321 40.07 21.85 22.19
N GLN A 322 41.29 21.39 21.93
CA GLN A 322 41.73 20.79 20.66
C GLN A 322 41.25 21.58 19.43
N THR A 323 41.78 22.80 19.30
CA THR A 323 41.40 23.66 18.19
C THR A 323 41.77 23.05 16.85
N SER A 324 42.98 22.50 16.75
CA SER A 324 43.45 21.85 15.54
C SER A 324 43.54 20.35 15.78
N LEU A 325 42.99 19.57 14.86
CA LEU A 325 43.00 18.11 14.96
C LEU A 325 43.21 17.51 13.58
N ASN A 326 43.86 16.35 13.55
CA ASN A 326 44.17 15.66 12.30
C ASN A 326 43.35 14.38 12.24
N ARG A 327 42.43 14.31 11.30
CA ARG A 327 41.58 13.14 11.11
C ARG A 327 41.02 13.17 9.69
N GLY A 328 40.72 11.98 9.17
CA GLY A 328 40.15 11.85 7.84
C GLY A 328 38.72 11.35 7.92
N THR A 329 37.82 12.06 7.24
CA THR A 329 36.42 11.66 7.21
C THR A 329 36.18 10.46 6.30
N VAL A 330 37.01 10.30 5.27
CA VAL A 330 36.94 9.16 4.37
C VAL A 330 38.15 8.27 4.65
N LYS A 331 37.90 7.03 5.07
CA LYS A 331 38.99 6.13 5.41
C LYS A 331 39.67 5.55 4.18
N LEU A 332 38.94 5.44 3.06
CA LEU A 332 39.50 4.86 1.85
C LEU A 332 40.47 5.83 1.18
N PRO A 333 41.52 5.33 0.54
CA PRO A 333 42.48 6.22 -0.13
C PRO A 333 41.88 6.82 -1.39
N PRO A 334 42.41 7.96 -1.84
CA PRO A 334 41.83 8.62 -3.03
C PRO A 334 42.40 8.12 -4.34
N TRP A 335 43.03 6.94 -4.35
CA TRP A 335 43.66 6.42 -5.55
C TRP A 335 42.63 6.16 -6.65
N LEU A 336 43.00 6.48 -7.88
CA LEU A 336 42.17 6.20 -9.05
C LEU A 336 43.03 5.58 -10.14
N PRO A 337 43.25 4.27 -10.08
CA PRO A 337 44.09 3.61 -11.07
C PRO A 337 43.31 3.10 -12.28
N LYS A 338 44.01 3.04 -13.41
CA LYS A 338 43.40 2.56 -14.64
C LYS A 338 43.16 1.05 -14.55
N PRO A 339 41.99 0.56 -14.91
CA PRO A 339 41.75 -0.89 -14.92
C PRO A 339 42.62 -1.59 -15.94
N SER A 340 42.96 -2.84 -15.64
CA SER A 340 43.80 -3.64 -16.52
C SER A 340 43.32 -5.09 -16.47
N SER A 341 44.10 -5.98 -17.06
CA SER A 341 43.75 -7.39 -17.09
C SER A 341 44.00 -8.04 -15.73
N GLU A 342 43.49 -9.26 -15.59
CA GLU A 342 43.64 -10.03 -14.35
C GLU A 342 44.93 -10.86 -14.42
N SER A 343 46.05 -10.15 -14.34
CA SER A 343 47.37 -10.76 -14.35
C SER A 343 48.14 -10.27 -13.13
N ILE A 344 48.45 -11.17 -12.21
CA ILE A 344 49.16 -10.80 -10.99
C ILE A 344 50.63 -10.57 -11.33
N ASP A 345 51.16 -9.43 -10.89
CA ASP A 345 52.55 -9.07 -11.15
C ASP A 345 53.16 -8.49 -9.88
N ILE A 346 54.19 -9.15 -9.36
CA ILE A 346 54.95 -8.61 -8.24
C ILE A 346 55.94 -7.56 -8.73
N LYS A 347 56.85 -7.98 -9.62
CA LYS A 347 57.77 -7.11 -10.34
C LYS A 347 58.63 -6.26 -9.38
N THR A 348 59.39 -6.97 -8.56
CA THR A 348 60.29 -6.31 -7.61
C THR A 348 61.50 -5.76 -8.38
N ASP A 349 61.60 -4.44 -8.48
CA ASP A 349 62.70 -3.79 -9.19
C ASP A 349 63.68 -3.11 -8.26
N SER A 350 63.19 -2.26 -7.34
CA SER A 350 64.06 -1.62 -6.36
C SER A 350 64.48 -2.57 -5.26
N GLY A 351 63.86 -3.73 -5.14
CA GLY A 351 64.17 -4.69 -4.12
C GLY A 351 63.22 -4.62 -2.94
N PHE A 352 62.94 -5.77 -2.34
CA PHE A 352 62.09 -5.82 -1.15
C PHE A 352 62.78 -5.24 0.07
N GLY A 353 64.10 -5.11 0.04
CA GLY A 353 64.84 -4.57 1.18
C GLY A 353 64.51 -3.14 1.50
N SER A 354 64.03 -2.37 0.53
CA SER A 354 63.63 -0.99 0.77
C SER A 354 62.29 -0.88 1.48
N LEU A 355 61.57 -1.99 1.65
CA LEU A 355 60.25 -1.94 2.27
C LEU A 355 60.31 -2.09 3.79
N MET A 356 61.19 -2.96 4.30
CA MET A 356 61.23 -3.24 5.73
C MET A 356 61.61 -2.01 6.54
N ASP A 357 62.55 -1.22 6.04
CA ASP A 357 62.98 -0.01 6.76
C ASP A 357 62.05 1.16 6.50
N HIS A 358 60.75 0.95 6.70
CA HIS A 358 59.78 2.04 6.65
C HIS A 358 58.70 1.90 7.72
N GLY A 359 58.90 1.05 8.70
CA GLY A 359 57.94 0.82 9.76
C GLY A 359 57.45 -0.61 9.78
N ALA A 360 56.61 -0.88 10.78
CA ALA A 360 56.04 -2.22 10.93
C ALA A 360 55.14 -2.59 9.77
N TYR A 361 54.43 -1.60 9.21
CA TYR A 361 53.64 -1.85 8.01
C TYR A 361 54.52 -2.25 6.84
N GLY A 362 55.67 -1.59 6.69
CA GLY A 362 56.60 -1.98 5.65
C GLY A 362 57.15 -3.38 5.86
N GLU A 363 57.47 -3.72 7.10
CA GLU A 363 57.93 -5.08 7.41
C GLU A 363 56.87 -6.11 7.07
N LEU A 364 55.62 -5.84 7.46
CA LEU A 364 54.53 -6.77 7.20
C LEU A 364 54.31 -6.94 5.69
N TRP A 365 54.31 -5.85 4.93
CA TRP A 365 54.06 -5.95 3.50
C TRP A 365 55.21 -6.62 2.79
N ALA A 366 56.45 -6.38 3.22
CA ALA A 366 57.59 -7.05 2.62
C ALA A 366 57.53 -8.56 2.87
N LYS A 367 57.27 -8.96 4.11
CA LYS A 367 57.16 -10.38 4.42
C LYS A 367 55.96 -11.02 3.71
N CYS A 368 54.90 -10.24 3.48
CA CYS A 368 53.73 -10.78 2.78
C CYS A 368 54.02 -11.00 1.31
N LEU A 369 54.65 -10.02 0.66
CA LEU A 369 54.93 -10.15 -0.77
C LEU A 369 56.05 -11.15 -1.04
N LEU A 370 56.96 -11.34 -0.09
CA LEU A 370 58.05 -12.29 -0.30
C LEU A 370 57.54 -13.72 -0.43
N ASP A 371 56.55 -14.09 0.37
CA ASP A 371 55.98 -15.43 0.27
C ASP A 371 55.26 -15.64 -1.06
N VAL A 372 54.52 -14.62 -1.52
CA VAL A 372 53.84 -14.73 -2.80
C VAL A 372 54.84 -14.78 -3.95
N SER A 373 56.01 -14.15 -3.77
CA SER A 373 57.05 -14.21 -4.81
C SER A 373 57.60 -15.62 -4.97
N LEU A 374 57.52 -16.45 -3.92
CA LEU A 374 58.04 -17.81 -3.97
C LEU A 374 56.98 -18.81 -4.45
N GLY A 375 56.37 -18.52 -5.59
CA GLY A 375 55.40 -19.43 -6.18
C GLY A 375 54.11 -19.53 -5.37
N ASN A 376 53.40 -20.64 -5.61
CA ASN A 376 52.12 -20.96 -4.96
C ASN A 376 51.12 -19.81 -5.12
N VAL A 377 50.96 -19.36 -6.37
CA VAL A 377 50.10 -18.21 -6.66
C VAL A 377 48.62 -18.55 -6.55
N GLU A 378 48.27 -19.83 -6.46
CA GLU A 378 46.87 -20.21 -6.38
C GLU A 378 46.24 -19.74 -5.08
N GLY A 379 44.99 -19.30 -5.17
CA GLY A 379 44.31 -18.73 -4.03
C GLY A 379 44.23 -17.22 -4.11
N VAL A 380 45.33 -16.59 -4.54
CA VAL A 380 45.32 -15.15 -4.73
C VAL A 380 44.42 -14.77 -5.90
N VAL A 381 44.59 -15.45 -7.03
CA VAL A 381 43.76 -15.24 -8.22
C VAL A 381 43.16 -16.59 -8.62
N SER A 382 41.88 -16.57 -8.95
CA SER A 382 41.17 -17.79 -9.29
C SER A 382 41.64 -18.33 -10.64
N ASP A 383 41.62 -19.66 -10.77
CA ASP A 383 42.04 -20.32 -11.99
C ASP A 383 40.81 -20.64 -12.82
N PRO A 384 40.65 -20.04 -14.01
CA PRO A 384 39.46 -20.34 -14.84
C PRO A 384 39.39 -21.79 -15.29
N ALA A 385 40.54 -22.45 -15.46
CA ALA A 385 40.51 -23.82 -15.96
C ALA A 385 39.85 -24.75 -14.95
N LYS A 386 40.22 -24.64 -13.66
CA LYS A 386 39.65 -25.49 -12.63
C LYS A 386 38.15 -25.27 -12.50
N GLU A 387 37.71 -24.01 -12.54
CA GLU A 387 36.28 -23.72 -12.48
C GLU A 387 35.55 -24.28 -13.68
N LEU A 388 36.15 -24.20 -14.87
CA LEU A 388 35.49 -24.71 -16.07
C LEU A 388 35.38 -26.22 -16.05
N ASP A 389 36.42 -26.92 -15.57
CA ASP A 389 36.32 -28.38 -15.54
C ASP A 389 35.43 -28.87 -14.40
N ILE A 390 35.38 -28.13 -13.28
CA ILE A 390 34.48 -28.52 -12.20
C ILE A 390 33.03 -28.28 -12.57
N ALA A 391 32.74 -27.14 -13.21
CA ALA A 391 31.36 -26.76 -13.51
C ALA A 391 30.72 -27.71 -14.51
N ILE A 392 31.45 -28.05 -15.59
CA ILE A 392 30.85 -28.85 -16.65
C ILE A 392 30.78 -30.33 -16.31
N SER A 393 31.51 -30.77 -15.29
CA SER A 393 31.51 -32.17 -14.89
C SER A 393 30.23 -32.53 -14.15
N ILE A 406 36.65 -22.34 -2.95
CA ILE A 406 36.96 -21.10 -2.26
C ILE A 406 38.27 -21.26 -1.49
N THR A 407 39.39 -21.26 -2.22
CA THR A 407 40.70 -21.41 -1.62
C THR A 407 41.34 -20.03 -1.44
N TYR A 408 41.77 -19.75 -0.21
CA TYR A 408 42.46 -18.51 0.12
C TYR A 408 43.93 -18.78 0.39
N ARG A 409 44.76 -17.77 0.15
CA ARG A 409 46.20 -17.88 0.35
C ARG A 409 46.53 -17.41 1.76
N ARG A 410 46.71 -18.36 2.67
CA ARG A 410 47.07 -18.05 4.05
C ARG A 410 48.58 -18.13 4.23
N PHE A 411 49.09 -17.30 5.13
CA PHE A 411 50.52 -17.20 5.36
C PHE A 411 50.76 -16.64 6.75
N LYS A 412 51.94 -16.93 7.30
CA LYS A 412 52.30 -16.51 8.66
C LYS A 412 53.61 -15.73 8.64
N PRO A 413 53.58 -14.42 8.89
CA PRO A 413 54.82 -13.62 8.86
C PRO A 413 55.63 -13.71 10.14
N ALA A 414 56.68 -12.89 10.22
CA ALA A 414 57.57 -12.90 11.39
C ALA A 414 56.88 -12.37 12.63
N LEU A 415 56.21 -11.21 12.52
CA LEU A 415 55.44 -10.59 13.60
C LEU A 415 56.32 -10.28 14.81
N SER A 416 57.23 -9.34 14.60
CA SER A 416 58.04 -8.84 15.71
C SER A 416 57.17 -8.19 16.77
N SER A 417 57.71 -8.10 18.00
CA SER A 417 56.92 -7.65 19.14
C SER A 417 56.48 -6.19 18.99
N SER A 418 57.38 -5.32 18.51
CA SER A 418 57.01 -3.93 18.30
C SER A 418 55.96 -3.81 17.19
N ALA A 419 56.08 -4.63 16.14
CA ALA A 419 55.08 -4.64 15.09
C ALA A 419 53.72 -5.09 15.63
N ARG A 420 53.71 -6.12 16.48
CA ARG A 420 52.46 -6.56 17.09
C ARG A 420 51.87 -5.48 17.98
N GLN A 421 52.72 -4.75 18.71
CA GLN A 421 52.24 -3.66 19.55
C GLN A 421 51.59 -2.56 18.71
N GLU A 422 52.27 -2.14 17.64
CA GLU A 422 51.73 -1.06 16.81
C GLU A 422 50.46 -1.49 16.09
N PHE A 423 50.40 -2.74 15.64
CA PHE A 423 49.17 -3.25 15.03
C PHE A 423 48.05 -3.32 16.04
N SER A 424 48.34 -3.80 17.25
CA SER A 424 47.32 -3.91 18.30
C SER A 424 46.85 -2.55 18.78
N LEU A 425 47.62 -1.49 18.53
CA LEU A 425 47.08 -0.14 18.74
C LEU A 425 45.86 0.10 17.87
N GLN A 426 45.86 -0.43 16.64
CA GLN A 426 44.72 -0.28 15.75
C GLN A 426 43.58 -1.23 16.11
N GLY A 427 43.85 -2.27 16.87
CA GLY A 427 42.80 -3.16 17.35
C GLY A 427 42.64 -4.49 16.65
N VAL A 428 43.64 -4.93 15.88
CA VAL A 428 43.55 -6.23 15.23
C VAL A 428 43.59 -7.34 16.28
N GLU A 429 44.49 -7.24 17.25
CA GLU A 429 44.49 -8.10 18.43
C GLU A 429 44.51 -7.17 19.62
N GLY A 430 43.34 -6.66 20.00
CA GLY A 430 43.23 -5.71 21.07
C GLY A 430 42.93 -6.35 22.40
N LYS A 431 42.43 -7.59 22.37
CA LYS A 431 42.06 -8.25 23.63
C LYS A 431 43.29 -8.70 24.40
N LYS A 432 44.28 -9.29 23.71
CA LYS A 432 45.48 -9.75 24.39
C LYS A 432 46.40 -8.59 24.75
N TRP A 433 46.37 -7.51 23.99
CA TRP A 433 47.24 -6.36 24.22
C TRP A 433 46.50 -5.20 24.87
N LYS A 434 45.59 -5.50 25.81
CA LYS A 434 44.82 -4.46 26.48
C LYS A 434 45.53 -3.87 27.68
N ARG A 435 46.43 -4.63 28.30
CA ARG A 435 46.91 -4.28 29.64
C ARG A 435 47.88 -3.11 29.61
N MET A 436 48.73 -3.02 28.60
CA MET A 436 49.84 -2.07 28.63
C MET A 436 49.33 -0.63 28.52
N ALA A 437 50.22 0.30 28.89
CA ALA A 437 49.81 1.68 29.16
C ALA A 437 49.44 2.45 27.90
N ALA A 438 50.08 2.17 26.77
CA ALA A 438 49.76 2.87 25.53
C ALA A 438 48.33 2.57 25.07
N ASN A 439 47.94 1.30 25.14
CA ASN A 439 46.58 0.92 24.76
C ASN A 439 45.55 1.48 25.72
N GLN A 440 45.89 1.52 27.02
CA GLN A 440 44.99 2.14 28.00
C GLN A 440 44.83 3.62 27.73
N LYS A 441 45.92 4.31 27.37
CA LYS A 441 45.85 5.72 27.01
C LYS A 441 44.98 5.93 25.78
N LYS A 442 45.14 5.07 24.77
CA LYS A 442 44.31 5.21 23.56
C LYS A 442 42.84 4.98 23.87
N GLU A 443 42.54 3.98 24.71
CA GLU A 443 41.16 3.71 25.09
C GLU A 443 40.56 4.87 25.87
N LYS A 444 41.34 5.46 26.79
CA LYS A 444 40.84 6.59 27.55
C LYS A 444 40.66 7.83 26.67
N GLU A 445 41.52 8.00 25.68
CA GLU A 445 41.40 9.15 24.78
C GLU A 445 40.24 8.98 23.81
N SER A 446 39.88 7.74 23.47
CA SER A 446 38.80 7.49 22.51
C SER A 446 37.46 8.01 23.02
N HIS A 447 37.24 8.00 24.33
CA HIS A 447 35.97 8.45 24.91
C HIS A 447 35.98 9.96 25.13
N GLU A 448 36.16 10.70 24.04
CA GLU A 448 36.28 12.15 24.10
C GLU A 448 35.41 12.79 23.04
N THR A 449 34.74 13.88 23.42
CA THR A 449 33.84 14.62 22.54
C THR A 449 34.57 15.82 21.96
N LEU A 450 34.52 15.96 20.64
CA LEU A 450 35.20 17.07 19.97
C LEU A 450 34.50 18.39 20.26
N SER A 451 35.26 19.48 20.09
CA SER A 451 34.83 20.85 20.35
C SER A 451 34.25 21.48 19.10
N PRO A 452 33.23 22.33 19.24
CA PRO A 452 32.65 23.01 18.07
C PRO A 452 33.64 23.92 17.34
N PHE A 453 34.57 24.54 18.06
CA PHE A 453 35.54 25.44 17.45
C PHE A 453 36.74 24.64 16.97
N LEU A 454 36.52 23.84 15.93
CA LEU A 454 37.52 22.91 15.42
C LEU A 454 38.13 23.36 14.09
N ASP A 455 37.72 24.50 13.55
CA ASP A 455 38.22 25.04 12.27
C ASP A 455 37.99 24.04 11.13
N VAL A 456 36.71 23.83 10.83
CA VAL A 456 36.30 22.93 9.77
C VAL A 456 36.50 23.64 8.43
N GLU A 457 37.67 23.44 7.83
CA GLU A 457 38.09 24.20 6.66
C GLU A 457 38.15 23.37 5.39
N ASP A 458 38.74 22.17 5.45
CA ASP A 458 38.88 21.34 4.26
C ASP A 458 37.54 20.83 3.75
N ILE A 459 36.62 20.54 4.67
CA ILE A 459 35.27 20.16 4.26
C ILE A 459 34.58 21.31 3.57
N GLY A 460 34.85 22.55 4.02
CA GLY A 460 34.19 23.71 3.44
C GLY A 460 34.54 23.94 1.99
N ASP A 461 35.82 23.88 1.64
CA ASP A 461 36.23 24.11 0.26
C ASP A 461 36.31 22.84 -0.57
N PHE A 462 36.15 21.65 0.03
CA PHE A 462 36.04 20.44 -0.76
C PHE A 462 34.72 20.39 -1.53
N LEU A 463 33.63 20.83 -0.90
CA LEU A 463 32.32 20.76 -1.54
C LEU A 463 32.24 21.72 -2.73
N THR A 464 32.75 22.94 -2.58
CA THR A 464 32.66 23.92 -3.65
C THR A 464 33.66 23.65 -4.77
N PHE A 465 34.82 23.08 -4.44
CA PHE A 465 35.85 22.82 -5.44
C PHE A 465 36.29 21.37 -5.33
N ASN A 466 35.90 20.55 -6.30
CA ASN A 466 36.31 19.16 -6.36
C ASN A 466 36.30 18.71 -7.82
N ASN A 467 37.03 17.62 -8.08
CA ASN A 467 37.19 17.10 -9.43
C ASN A 467 36.42 15.80 -9.64
N LEU A 468 35.36 15.60 -8.87
CA LEU A 468 34.59 14.36 -8.95
C LEU A 468 33.90 14.22 -10.31
N LEU A 469 33.36 15.31 -10.84
CA LEU A 469 32.56 15.27 -12.06
C LEU A 469 33.41 15.41 -13.32
N THR A 470 34.72 15.59 -13.20
CA THR A 470 35.59 15.63 -14.37
C THR A 470 35.70 14.23 -14.97
N ASP A 471 35.60 14.15 -16.30
CA ASP A 471 35.66 12.88 -16.99
C ASP A 471 37.03 12.22 -16.83
N SER A 472 37.02 10.92 -16.55
CA SER A 472 38.24 10.17 -16.32
C SER A 472 38.94 9.71 -17.60
N ARG A 473 38.24 9.80 -18.74
CA ARG A 473 38.75 9.31 -20.03
C ARG A 473 39.15 7.85 -19.96
N TYR A 474 38.32 7.06 -19.26
CA TYR A 474 38.59 5.64 -19.05
C TYR A 474 37.55 4.74 -19.74
N GLY A 475 36.74 5.29 -20.64
CA GLY A 475 35.65 4.52 -21.22
C GLY A 475 36.07 3.56 -22.32
N ASP A 476 37.15 2.81 -22.09
CA ASP A 476 37.62 1.82 -23.05
C ASP A 476 38.06 0.52 -22.41
N GLU A 477 38.01 0.39 -21.09
CA GLU A 477 38.53 -0.79 -20.42
C GLU A 477 37.51 -1.92 -20.45
N SER A 478 37.86 -3.03 -19.79
CA SER A 478 37.09 -4.26 -19.91
C SER A 478 35.73 -4.15 -19.20
N ILE A 479 35.66 -3.44 -18.08
CA ILE A 479 34.40 -3.34 -17.35
C ILE A 479 33.37 -2.53 -18.15
N GLN A 480 33.80 -1.39 -18.69
CA GLN A 480 32.92 -0.60 -19.54
C GLN A 480 32.56 -1.36 -20.82
N ARG A 481 33.51 -2.12 -21.37
CA ARG A 481 33.23 -2.91 -22.56
C ARG A 481 32.16 -3.96 -22.29
N ALA A 482 32.27 -4.66 -21.16
CA ALA A 482 31.28 -5.68 -20.81
C ALA A 482 29.91 -5.07 -20.56
N VAL A 483 29.86 -3.96 -19.82
CA VAL A 483 28.56 -3.36 -19.54
C VAL A 483 27.95 -2.76 -20.81
N SER A 484 28.79 -2.27 -21.73
CA SER A 484 28.26 -1.76 -23.00
C SER A 484 27.74 -2.88 -23.88
N ILE A 485 28.42 -4.02 -23.89
CA ILE A 485 27.94 -5.17 -24.65
C ILE A 485 26.60 -5.65 -24.11
N LEU A 486 26.49 -5.76 -22.78
CA LEU A 486 25.23 -6.18 -22.18
C LEU A 486 24.13 -5.17 -22.43
N LEU A 487 24.45 -3.87 -22.37
CA LEU A 487 23.45 -2.84 -22.61
C LEU A 487 22.95 -2.84 -24.04
N GLU A 488 23.86 -2.98 -25.01
CA GLU A 488 23.43 -3.00 -26.41
C GLU A 488 22.70 -4.28 -26.75
N LYS A 489 22.99 -5.37 -26.05
CA LYS A 489 22.20 -6.59 -26.25
C LYS A 489 20.81 -6.44 -25.66
N ALA A 490 20.70 -5.79 -24.50
CA ALA A 490 19.40 -5.58 -23.88
C ALA A 490 18.54 -4.60 -24.67
N SER A 491 19.17 -3.60 -25.30
CA SER A 491 18.46 -2.60 -26.08
C SER A 491 18.30 -2.99 -27.55
N ALA A 492 18.31 -4.29 -27.87
CA ALA A 492 18.14 -4.72 -29.25
C ALA A 492 16.71 -4.58 -29.73
N MET A 493 15.73 -4.75 -28.83
CA MET A 493 14.33 -4.66 -29.23
C MET A 493 13.96 -3.24 -29.63
N GLN A 494 14.48 -2.25 -28.92
CA GLN A 494 14.21 -0.84 -29.17
C GLN A 494 15.46 -0.21 -29.76
N ASP A 495 15.45 0.05 -31.07
CA ASP A 495 16.64 0.46 -31.80
C ASP A 495 16.49 1.87 -32.37
N THR A 496 15.80 2.74 -31.67
CA THR A 496 15.56 4.10 -32.16
C THR A 496 16.73 5.02 -31.80
N GLU A 497 16.65 6.27 -32.24
CA GLU A 497 17.66 7.27 -31.92
C GLU A 497 17.60 7.68 -30.45
N LEU A 498 16.40 7.69 -29.87
CA LEU A 498 16.24 8.10 -28.47
C LEU A 498 16.99 7.18 -27.53
N THR A 499 16.91 5.87 -27.79
CA THR A 499 17.64 4.89 -26.97
C THR A 499 19.15 5.10 -27.09
N HIS A 500 19.64 5.38 -28.30
CA HIS A 500 21.06 5.64 -28.48
C HIS A 500 21.51 6.88 -27.74
N ALA A 501 20.70 7.94 -27.78
CA ALA A 501 21.05 9.17 -27.08
C ALA A 501 21.09 8.96 -25.57
N LEU A 502 20.09 8.26 -25.03
CA LEU A 502 20.08 8.02 -23.59
C LEU A 502 21.20 7.08 -23.16
N ASN A 503 21.54 6.09 -24.00
CA ASN A 503 22.68 5.23 -23.69
C ASN A 503 23.99 6.01 -23.72
N ASP A 504 24.13 6.94 -24.65
CA ASP A 504 25.32 7.78 -24.68
C ASP A 504 25.42 8.66 -23.44
N SER A 505 24.28 9.20 -22.99
CA SER A 505 24.27 9.98 -21.75
C SER A 505 24.67 9.12 -20.56
N PHE A 506 24.16 7.88 -20.49
CA PHE A 506 24.51 6.98 -19.40
C PHE A 506 25.99 6.61 -19.44
N LYS A 507 26.54 6.40 -20.64
CA LYS A 507 27.96 6.09 -20.74
C LYS A 507 28.82 7.28 -20.34
N ARG A 508 28.39 8.49 -20.67
CA ARG A 508 29.11 9.68 -20.22
C ARG A 508 29.08 9.80 -18.71
N ASN A 509 27.94 9.50 -18.09
CA ASN A 509 27.86 9.49 -16.63
C ASN A 509 28.77 8.40 -16.04
N LEU A 510 28.84 7.25 -16.70
CA LEU A 510 29.67 6.15 -16.22
C LEU A 510 31.15 6.50 -16.30
N SER A 511 31.56 7.20 -17.35
CA SER A 511 32.96 7.61 -17.52
C SER A 511 33.19 8.86 -16.68
N SER A 512 33.56 8.66 -15.42
CA SER A 512 33.81 9.76 -14.50
C SER A 512 34.76 9.28 -13.42
N ASN A 513 35.36 10.25 -12.72
CA ASN A 513 36.30 9.92 -11.64
C ASN A 513 35.58 9.24 -10.47
N VAL A 514 34.48 9.85 -10.01
CA VAL A 514 33.77 9.34 -8.84
C VAL A 514 33.18 7.97 -9.12
N VAL A 515 32.71 7.73 -10.35
CA VAL A 515 32.08 6.46 -10.67
C VAL A 515 33.12 5.34 -10.71
N GLN A 516 34.28 5.59 -11.28
CA GLN A 516 35.34 4.58 -11.28
C GLN A 516 35.85 4.31 -9.87
N TRP A 517 36.00 5.36 -9.08
CA TRP A 517 36.41 5.20 -7.69
C TRP A 517 35.41 4.34 -6.93
N SER A 518 34.11 4.62 -7.10
CA SER A 518 33.08 3.82 -6.46
C SER A 518 33.06 2.39 -6.98
N LEU A 519 33.39 2.19 -8.26
CA LEU A 519 33.43 0.85 -8.82
C LEU A 519 34.50 0.00 -8.15
N TRP A 520 35.72 0.52 -8.03
CA TRP A 520 36.74 -0.31 -7.39
C TRP A 520 36.52 -0.41 -5.89
N VAL A 521 35.92 0.60 -5.27
CA VAL A 521 35.55 0.50 -3.85
C VAL A 521 34.52 -0.59 -3.64
N SER A 522 33.51 -0.67 -4.52
CA SER A 522 32.49 -1.71 -4.40
C SER A 522 33.06 -3.09 -4.69
N CYS A 523 34.01 -3.19 -5.62
CA CYS A 523 34.70 -4.46 -5.82
C CYS A 523 35.43 -4.90 -4.55
N LEU A 524 36.12 -3.96 -3.90
CA LEU A 524 36.78 -4.26 -2.63
C LEU A 524 35.77 -4.69 -1.58
N ALA A 525 34.63 -4.01 -1.51
CA ALA A 525 33.61 -4.35 -0.52
C ALA A 525 33.04 -5.74 -0.77
N GLN A 526 32.81 -6.10 -2.04
CA GLN A 526 32.33 -7.43 -2.35
C GLN A 526 33.36 -8.49 -1.97
N GLU A 527 34.64 -8.22 -2.21
CA GLU A 527 35.69 -9.16 -1.83
C GLU A 527 35.73 -9.35 -0.31
N LEU A 528 35.62 -8.25 0.44
CA LEU A 528 35.61 -8.35 1.90
C LEU A 528 34.37 -9.10 2.40
N ALA A 529 33.22 -8.87 1.78
CA ALA A 529 32.01 -9.58 2.17
C ALA A 529 32.12 -11.07 1.88
N SER A 530 32.75 -11.43 0.77
CA SER A 530 33.00 -12.84 0.47
C SER A 530 33.95 -13.46 1.49
N ALA A 531 35.00 -12.74 1.86
CA ALA A 531 35.99 -13.23 2.81
C ALA A 531 35.61 -12.96 4.26
N LEU A 532 34.37 -12.53 4.52
CA LEU A 532 33.95 -12.21 5.87
C LEU A 532 33.93 -13.44 6.76
N LYS A 533 33.50 -14.59 6.25
CA LYS A 533 33.37 -15.81 7.03
C LYS A 533 34.48 -16.76 6.62
N GLN A 534 35.67 -16.56 7.21
CA GLN A 534 36.82 -17.44 6.97
C GLN A 534 37.67 -17.40 8.24
N HIS A 535 37.53 -18.40 9.09
CA HIS A 535 38.27 -18.43 10.34
C HIS A 535 39.75 -18.65 10.11
N CYS A 536 40.57 -17.87 10.81
CA CYS A 536 42.02 -17.97 10.71
C CYS A 536 42.62 -18.04 12.10
N ARG A 537 43.75 -18.74 12.20
CA ARG A 537 44.43 -18.92 13.47
C ARG A 537 45.21 -17.66 13.85
N ALA A 538 45.94 -17.75 14.96
CA ALA A 538 46.67 -16.59 15.47
C ALA A 538 47.89 -16.30 14.62
N GLY A 539 48.07 -15.03 14.26
CA GLY A 539 49.28 -14.60 13.57
C GLY A 539 49.31 -14.89 12.09
N GLU A 540 48.18 -15.15 11.46
CA GLU A 540 48.13 -15.42 10.03
C GLU A 540 47.11 -14.50 9.36
N PHE A 541 47.37 -14.17 8.10
CA PHE A 541 46.55 -13.25 7.33
C PHE A 541 46.26 -13.85 5.96
N ILE A 542 45.45 -13.14 5.18
CA ILE A 542 45.08 -13.56 3.83
C ILE A 542 45.38 -12.41 2.87
N ILE A 543 45.99 -12.73 1.73
CA ILE A 543 46.28 -11.76 0.69
C ILE A 543 45.48 -12.13 -0.56
N LYS A 544 44.84 -11.13 -1.17
CA LYS A 544 44.05 -11.34 -2.37
C LYS A 544 44.14 -10.11 -3.24
N LYS A 545 44.14 -10.32 -4.56
CA LYS A 545 44.18 -9.24 -5.53
C LYS A 545 42.83 -9.08 -6.20
N LEU A 546 42.41 -7.83 -6.40
CA LEU A 546 41.17 -7.56 -7.12
C LEU A 546 41.32 -7.92 -8.59
N LYS A 547 40.18 -8.18 -9.23
CA LYS A 547 40.19 -8.79 -10.56
C LYS A 547 40.78 -7.87 -11.61
N PHE A 548 40.30 -6.63 -11.69
CA PHE A 548 40.70 -5.71 -12.76
C PHE A 548 41.80 -4.76 -12.31
N TRP A 549 41.56 -3.99 -11.26
CA TRP A 549 42.52 -3.00 -10.82
C TRP A 549 43.71 -3.68 -10.15
N PRO A 550 44.91 -3.13 -10.33
CA PRO A 550 46.10 -3.68 -9.65
C PRO A 550 46.21 -3.23 -8.20
N ILE A 551 45.32 -3.77 -7.36
CA ILE A 551 45.23 -3.41 -5.95
C ILE A 551 45.28 -4.69 -5.13
N TYR A 552 46.16 -4.72 -4.14
CA TYR A 552 46.33 -5.87 -3.28
C TYR A 552 45.84 -5.54 -1.87
N VAL A 553 45.14 -6.48 -1.24
CA VAL A 553 44.58 -6.29 0.09
C VAL A 553 45.06 -7.42 0.99
N ILE A 554 45.38 -7.07 2.24
CA ILE A 554 45.73 -8.04 3.27
C ILE A 554 44.59 -8.06 4.28
N ILE A 555 43.99 -9.23 4.47
CA ILE A 555 42.74 -9.37 5.22
C ILE A 555 43.00 -10.18 6.47
N LYS A 556 42.60 -9.65 7.62
CA LYS A 556 42.66 -10.36 8.89
C LYS A 556 41.26 -10.49 9.45
N PRO A 557 40.59 -11.62 9.23
CA PRO A 557 39.20 -11.77 9.69
C PRO A 557 39.07 -12.35 11.08
N THR A 558 38.22 -11.72 11.89
CA THR A 558 37.81 -12.22 13.19
C THR A 558 36.51 -13.02 13.02
N LYS A 559 35.77 -13.25 14.11
CA LYS A 559 34.43 -13.82 14.05
C LYS A 559 33.57 -13.13 12.99
N SER A 560 32.64 -13.90 12.42
CA SER A 560 31.81 -13.39 11.32
C SER A 560 30.96 -12.21 11.74
N SER A 561 30.48 -12.20 12.99
CA SER A 561 29.69 -11.07 13.47
C SER A 561 30.56 -9.87 13.82
N SER A 562 31.80 -10.10 14.24
CA SER A 562 32.66 -9.04 14.76
C SER A 562 33.42 -8.37 13.62
N HIS A 563 34.44 -7.59 13.99
CA HIS A 563 35.16 -6.74 13.05
C HIS A 563 35.94 -7.57 12.03
N ILE A 564 36.29 -6.93 10.92
CA ILE A 564 37.18 -7.48 9.92
C ILE A 564 38.13 -6.37 9.47
N PHE A 565 39.41 -6.70 9.36
CA PHE A 565 40.45 -5.71 9.13
C PHE A 565 41.05 -5.89 7.75
N TYR A 566 41.59 -4.80 7.21
CA TYR A 566 42.15 -4.81 5.87
C TYR A 566 43.19 -3.71 5.74
N SER A 567 44.15 -3.93 4.86
CA SER A 567 45.14 -2.93 4.49
C SER A 567 45.35 -3.00 2.99
N LEU A 568 45.73 -1.87 2.40
CA LEU A 568 45.80 -1.74 0.94
C LEU A 568 47.23 -1.44 0.50
N GLY A 569 47.57 -1.93 -0.68
CA GLY A 569 48.88 -1.68 -1.27
C GLY A 569 48.82 -1.52 -2.76
N ILE A 570 49.54 -0.54 -3.31
CA ILE A 570 49.54 -0.26 -4.73
C ILE A 570 50.99 -0.06 -5.20
N ARG A 571 51.19 -0.22 -6.51
CA ARG A 571 52.51 -0.10 -7.11
C ARG A 571 53.04 1.33 -7.06
N LYS A 572 52.14 2.32 -7.01
CA LYS A 572 52.43 3.77 -6.95
C LYS A 572 52.95 4.29 -8.30
N ALA A 573 53.19 3.39 -9.25
CA ALA A 573 53.46 3.77 -10.62
C ALA A 573 52.24 3.60 -11.51
N ASP A 574 51.21 2.91 -11.02
CA ASP A 574 49.98 2.70 -11.76
C ASP A 574 48.85 3.62 -11.32
N VAL A 575 49.07 4.45 -10.31
CA VAL A 575 48.06 5.41 -9.90
C VAL A 575 48.13 6.61 -10.83
N THR A 576 47.31 6.58 -11.88
CA THR A 576 47.35 7.63 -12.89
C THR A 576 46.69 8.91 -12.38
N ARG A 577 45.55 8.78 -11.71
CA ARG A 577 44.78 9.93 -11.26
C ARG A 577 44.50 9.80 -9.77
N ARG A 578 44.22 10.95 -9.14
CA ARG A 578 43.89 11.00 -7.73
C ARG A 578 42.89 12.12 -7.50
N LEU A 579 41.88 11.84 -6.70
CA LEU A 579 40.89 12.85 -6.34
C LEU A 579 41.52 13.91 -5.44
N THR A 580 41.03 15.13 -5.56
CA THR A 580 41.54 16.24 -4.77
C THR A 580 40.74 16.39 -3.48
N GLY A 581 41.34 17.09 -2.52
CA GLY A 581 40.71 17.32 -1.23
C GLY A 581 41.48 16.75 -0.07
N ARG A 582 41.29 17.31 1.12
CA ARG A 582 41.97 16.85 2.32
C ARG A 582 41.08 15.98 3.20
N VAL A 583 39.85 15.68 2.77
CA VAL A 583 38.97 14.85 3.56
C VAL A 583 39.41 13.41 3.60
N PHE A 584 40.23 12.98 2.64
CA PHE A 584 40.72 11.61 2.62
C PHE A 584 41.76 11.39 3.71
N SER A 585 41.82 10.16 4.22
CA SER A 585 42.76 9.83 5.27
C SER A 585 44.18 9.79 4.74
N ASP A 586 45.13 9.96 5.66
CA ASP A 586 46.54 9.98 5.29
C ASP A 586 47.02 8.60 4.87
N THR A 587 47.92 8.57 3.90
CA THR A 587 48.46 7.33 3.35
C THR A 587 49.95 7.28 3.63
N ILE A 588 50.42 6.14 4.12
CA ILE A 588 51.84 5.96 4.42
C ILE A 588 52.59 5.62 3.13
N ASP A 589 53.64 6.37 2.85
CA ASP A 589 54.50 6.10 1.71
C ASP A 589 55.68 5.24 2.18
N ALA A 590 55.90 4.11 1.50
CA ALA A 590 56.98 3.19 1.82
C ALA A 590 57.76 2.89 0.54
N GLY A 591 58.71 3.75 0.22
CA GLY A 591 59.58 3.57 -0.93
C GLY A 591 58.85 3.50 -2.26
N GLU A 592 58.88 2.32 -2.89
CA GLU A 592 58.22 2.13 -4.17
C GLU A 592 56.71 1.97 -4.02
N TRP A 593 56.24 1.46 -2.90
CA TRP A 593 54.84 1.11 -2.70
C TRP A 593 54.17 2.09 -1.74
N GLU A 594 52.88 2.34 -1.98
CA GLU A 594 52.07 3.17 -1.12
C GLU A 594 51.09 2.29 -0.36
N LEU A 595 51.06 2.44 0.96
CA LEU A 595 50.30 1.57 1.83
C LEU A 595 49.31 2.39 2.66
N THR A 596 48.40 1.68 3.33
CA THR A 596 47.38 2.30 4.16
C THR A 596 47.22 1.48 5.44
N GLU A 597 46.70 2.14 6.47
CA GLU A 597 46.58 1.53 7.79
C GLU A 597 45.46 0.48 7.80
N PHE A 598 45.30 -0.16 8.95
CA PHE A 598 44.25 -1.15 9.16
C PHE A 598 42.97 -0.46 9.63
N LYS A 599 41.91 -0.61 8.86
CA LYS A 599 40.60 -0.11 9.22
C LYS A 599 39.65 -1.28 9.40
N SER A 600 38.47 -1.01 9.94
CA SER A 600 37.53 -2.05 10.30
C SER A 600 36.13 -1.73 9.81
N LEU A 601 35.39 -2.79 9.48
CA LEU A 601 33.98 -2.68 9.15
C LEU A 601 33.24 -3.86 9.75
N LYS A 602 31.92 -3.77 9.76
CA LYS A 602 31.05 -4.86 10.17
C LYS A 602 30.17 -5.26 8.99
N THR A 603 29.24 -6.18 9.24
CA THR A 603 28.31 -6.61 8.20
C THR A 603 27.35 -5.48 7.82
N CYS A 604 26.90 -4.71 8.80
CA CYS A 604 25.93 -3.65 8.53
C CYS A 604 26.54 -2.53 7.69
N LYS A 605 27.80 -2.20 7.92
CA LYS A 605 28.43 -1.08 7.22
C LYS A 605 28.85 -1.43 5.79
N LEU A 606 28.73 -2.68 5.38
CA LEU A 606 29.11 -3.06 4.02
C LEU A 606 28.02 -2.78 3.00
N THR A 607 26.81 -2.44 3.43
CA THR A 607 25.71 -2.26 2.49
C THR A 607 25.93 -1.03 1.60
N ASN A 608 26.30 0.10 2.21
CA ASN A 608 26.48 1.32 1.44
C ASN A 608 27.69 1.25 0.51
N LEU A 609 28.72 0.49 0.90
CA LEU A 609 29.90 0.38 0.05
C LEU A 609 29.62 -0.44 -1.20
N VAL A 610 28.77 -1.46 -1.10
CA VAL A 610 28.43 -2.26 -2.28
C VAL A 610 27.64 -1.43 -3.29
N ASN A 611 26.65 -0.67 -2.81
CA ASN A 611 25.73 0.06 -3.67
C ASN A 611 26.22 1.46 -4.02
N LEU A 612 27.52 1.68 -4.01
CA LEU A 612 28.07 3.03 -4.19
C LEU A 612 27.98 3.55 -5.63
N PRO A 613 28.43 2.82 -6.67
CA PRO A 613 28.37 3.41 -8.02
C PRO A 613 26.96 3.69 -8.50
N CYS A 614 26.00 2.80 -8.18
CA CYS A 614 24.62 3.05 -8.55
C CYS A 614 24.08 4.28 -7.84
N THR A 615 24.46 4.45 -6.57
CA THR A 615 24.05 5.63 -5.81
C THR A 615 24.59 6.91 -6.45
N MET A 616 25.86 6.91 -6.84
CA MET A 616 26.44 8.11 -7.43
C MET A 616 25.85 8.41 -8.79
N LEU A 617 25.61 7.37 -9.61
CA LEU A 617 24.98 7.57 -10.91
C LEU A 617 23.57 8.15 -10.76
N ASN A 618 22.79 7.61 -9.82
CA ASN A 618 21.45 8.12 -9.57
C ASN A 618 21.49 9.58 -9.12
N SER A 619 22.41 9.92 -8.21
CA SER A 619 22.50 11.29 -7.73
C SER A 619 22.90 12.25 -8.85
N ILE A 620 23.86 11.86 -9.68
CA ILE A 620 24.30 12.72 -10.78
C ILE A 620 23.16 12.96 -11.75
N ALA A 621 22.47 11.90 -12.16
CA ALA A 621 21.36 12.05 -13.10
C ALA A 621 20.23 12.87 -12.51
N PHE A 622 19.89 12.62 -11.24
CA PHE A 622 18.80 13.33 -10.59
C PHE A 622 19.08 14.82 -10.50
N TRP A 623 20.29 15.18 -10.07
CA TRP A 623 20.57 16.61 -9.90
C TRP A 623 20.78 17.31 -11.25
N ARG A 624 21.34 16.62 -12.25
CA ARG A 624 21.46 17.22 -13.56
C ARG A 624 20.08 17.47 -14.18
N GLU A 625 19.15 16.54 -13.99
CA GLU A 625 17.79 16.75 -14.47
C GLU A 625 17.10 17.87 -13.69
N LYS A 626 17.33 17.93 -12.37
CA LYS A 626 16.63 18.93 -11.56
C LYS A 626 17.16 20.34 -11.81
N LEU A 627 18.42 20.48 -12.20
CA LEU A 627 19.00 21.80 -12.45
C LEU A 627 18.72 22.31 -13.85
N GLY A 628 17.90 21.60 -14.63
CA GLY A 628 17.50 22.06 -15.95
C GLY A 628 18.35 21.61 -17.10
N VAL A 629 19.44 20.89 -16.85
CA VAL A 629 20.30 20.40 -17.92
C VAL A 629 19.65 19.19 -18.57
N ALA A 630 19.50 19.24 -19.89
CA ALA A 630 18.93 18.12 -20.62
C ALA A 630 19.93 16.95 -20.66
N PRO A 631 19.43 15.72 -20.65
CA PRO A 631 20.34 14.56 -20.71
C PRO A 631 21.20 14.50 -21.96
N TRP A 632 20.66 14.93 -23.11
CA TRP A 632 21.38 14.81 -24.37
C TRP A 632 22.37 15.95 -24.60
N LEU A 633 22.38 16.98 -23.76
CA LEU A 633 23.33 18.07 -23.89
C LEU A 633 24.60 17.76 -23.11
N VAL A 634 25.67 18.47 -23.47
CA VAL A 634 26.96 18.36 -22.79
C VAL A 634 27.36 19.75 -22.31
N ARG A 635 27.53 19.90 -21.01
CA ARG A 635 27.84 21.19 -20.41
C ARG A 635 28.84 20.99 -19.27
N LYS A 636 29.52 22.08 -18.92
CA LYS A 636 30.38 22.06 -17.74
C LYS A 636 29.52 22.01 -16.47
N PRO A 637 30.01 21.33 -15.43
CA PRO A 637 29.23 21.24 -14.19
C PRO A 637 29.10 22.58 -13.50
N CYS A 638 27.92 22.84 -12.96
CA CYS A 638 27.67 24.05 -12.20
C CYS A 638 28.31 23.95 -10.82
N SER A 639 28.42 25.11 -10.16
CA SER A 639 28.90 25.12 -8.78
C SER A 639 27.92 24.43 -7.83
N GLU A 640 26.63 24.61 -8.08
CA GLU A 640 25.61 23.97 -7.24
C GLU A 640 25.63 22.46 -7.39
N LEU A 641 25.91 21.96 -8.60
CA LEU A 641 25.92 20.52 -8.85
C LEU A 641 27.00 19.82 -8.04
N ARG A 642 28.20 20.41 -8.00
CA ARG A 642 29.31 19.79 -7.29
C ARG A 642 29.06 19.78 -5.78
N GLU A 643 28.33 20.77 -5.27
CA GLU A 643 28.02 20.79 -3.84
C GLU A 643 27.11 19.64 -3.46
N GLN A 644 26.04 19.43 -4.22
CA GLN A 644 25.11 18.34 -3.94
C GLN A 644 25.77 16.98 -4.11
N VAL A 645 26.55 16.78 -5.18
CA VAL A 645 27.19 15.49 -5.39
C VAL A 645 28.29 15.21 -4.37
N GLY A 646 29.05 16.23 -3.94
CA GLY A 646 30.04 16.02 -2.91
C GLY A 646 29.44 15.78 -1.54
N LEU A 647 28.33 16.47 -1.23
CA LEU A 647 27.63 16.22 0.01
C LEU A 647 27.05 14.83 0.06
N THR A 648 26.47 14.37 -1.05
CA THR A 648 25.95 13.00 -1.12
C THR A 648 27.08 11.98 -0.96
N PHE A 649 28.21 12.23 -1.63
CA PHE A 649 29.37 11.33 -1.52
C PHE A 649 29.86 11.25 -0.08
N LEU A 650 30.02 12.39 0.59
CA LEU A 650 30.53 12.40 1.96
C LEU A 650 29.55 11.75 2.92
N ILE A 651 28.25 11.98 2.76
CA ILE A 651 27.26 11.37 3.63
C ILE A 651 27.24 9.86 3.44
N SER A 652 27.31 9.39 2.20
CA SER A 652 27.31 7.94 1.96
C SER A 652 28.57 7.29 2.50
N LEU A 653 29.71 7.97 2.41
CA LEU A 653 30.96 7.33 2.83
C LEU A 653 31.10 7.25 4.35
N GLU A 654 30.71 8.31 5.08
CA GLU A 654 31.00 8.33 6.52
C GLU A 654 30.09 7.37 7.29
N ASP A 655 28.79 7.36 6.96
CA ASP A 655 27.84 6.38 7.47
C ASP A 655 27.78 6.35 9.01
N LYS A 656 27.29 7.45 9.57
CA LYS A 656 27.08 7.55 11.01
C LYS A 656 25.68 8.03 11.31
N SER A 657 25.13 7.57 12.44
CA SER A 657 23.75 7.88 12.79
C SER A 657 23.58 9.31 13.24
N LYS A 658 24.59 9.90 13.89
CA LYS A 658 24.49 11.27 14.37
C LYS A 658 24.45 12.26 13.22
N THR A 659 25.12 11.95 12.10
CA THR A 659 25.18 12.87 10.97
C THR A 659 23.82 13.05 10.31
N GLU A 660 22.96 12.03 10.39
CA GLU A 660 21.65 12.09 9.73
C GLU A 660 20.72 13.09 10.41
N GLU A 661 20.78 13.20 11.74
CA GLU A 661 19.84 14.03 12.48
C GLU A 661 19.97 15.51 12.13
N ILE A 662 21.21 15.98 11.97
CA ILE A 662 21.46 17.40 11.69
C ILE A 662 20.84 17.80 10.37
N ILE A 663 21.03 16.97 9.33
CA ILE A 663 20.41 17.25 8.04
C ILE A 663 18.90 17.10 8.11
N THR A 664 18.41 16.15 8.91
CA THR A 664 16.98 15.90 9.01
C THR A 664 16.25 17.09 9.62
N LEU A 665 16.83 17.71 10.66
CA LEU A 665 16.16 18.82 11.32
C LEU A 665 16.16 20.10 10.50
N THR A 666 16.88 20.13 9.38
CA THR A 666 16.85 21.31 8.51
C THR A 666 15.46 21.54 7.94
N ARG A 667 14.69 20.47 7.73
CA ARG A 667 13.31 20.63 7.27
C ARG A 667 12.48 21.41 8.28
N TYR A 668 12.59 21.06 9.56
CA TYR A 668 11.79 21.72 10.57
C TYR A 668 12.31 23.12 10.88
N THR A 669 13.62 23.35 10.79
CA THR A 669 14.14 24.69 11.03
C THR A 669 13.97 25.61 9.82
N GLN A 670 13.70 25.05 8.63
CA GLN A 670 13.52 25.84 7.43
C GLN A 670 12.05 26.07 7.10
N MET A 671 11.16 25.20 7.59
CA MET A 671 9.72 25.38 7.35
C MET A 671 9.17 26.61 8.05
N GLU A 672 9.86 27.11 9.07
CA GLU A 672 9.41 28.28 9.80
C GLU A 672 9.54 29.57 9.01
N GLY A 673 10.24 29.55 7.87
CA GLY A 673 10.38 30.77 7.09
C GLY A 673 9.13 31.17 6.34
N PHE A 674 8.13 30.30 6.28
CA PHE A 674 6.88 30.59 5.60
C PHE A 674 5.85 31.25 6.49
N VAL A 675 6.16 31.46 7.78
CA VAL A 675 5.17 31.97 8.72
C VAL A 675 4.88 33.43 8.42
N SER A 676 3.60 33.77 8.34
CA SER A 676 3.06 35.08 8.01
C SER A 676 2.94 35.95 9.26
N PRO A 677 2.80 37.25 9.09
CA PRO A 677 2.45 38.12 10.23
C PRO A 677 1.09 37.76 10.79
N PRO A 678 0.84 38.05 12.08
CA PRO A 678 1.66 38.80 13.04
C PRO A 678 2.73 37.96 13.71
N MET A 679 2.74 36.65 13.49
CA MET A 679 3.76 35.81 14.10
C MET A 679 5.09 35.98 13.39
N LEU A 680 6.15 35.99 14.15
CA LEU A 680 7.48 36.06 13.57
C LEU A 680 8.04 34.66 13.36
N PRO A 681 8.89 34.47 12.36
CA PRO A 681 9.57 33.17 12.21
C PRO A 681 10.55 32.92 13.34
N LYS A 682 10.27 31.91 14.17
CA LYS A 682 11.07 31.60 15.35
C LYS A 682 11.60 30.18 15.23
N PRO A 683 12.71 29.99 14.53
CA PRO A 683 13.30 28.65 14.42
C PRO A 683 14.14 28.23 15.60
N GLN A 684 14.29 29.07 16.63
CA GLN A 684 15.12 28.74 17.78
C GLN A 684 14.44 27.77 18.75
N LYS A 685 13.33 27.15 18.34
CA LYS A 685 12.70 26.09 19.10
C LYS A 685 13.38 24.74 18.89
N MET A 686 14.27 24.63 17.90
CA MET A 686 14.91 23.37 17.54
C MET A 686 16.21 23.13 18.29
N LEU A 687 16.56 23.98 19.25
CA LEU A 687 17.78 23.78 20.01
C LEU A 687 17.68 22.62 21.00
N GLY A 688 16.49 22.07 21.21
CA GLY A 688 16.34 20.95 22.13
C GLY A 688 16.92 19.65 21.60
N LYS A 689 17.07 19.51 20.28
CA LYS A 689 17.58 18.28 19.68
C LYS A 689 18.94 18.44 19.03
N LEU A 690 19.44 19.67 18.85
CA LEU A 690 20.75 19.86 18.24
C LEU A 690 21.89 19.58 19.20
N ASP A 691 21.63 19.52 20.50
CA ASP A 691 22.68 19.24 21.48
C ASP A 691 23.04 17.76 21.48
N GLY A 692 24.22 17.46 22.00
CA GLY A 692 24.70 16.10 22.05
C GLY A 692 26.17 16.02 21.69
N PRO A 693 26.75 14.83 21.86
CA PRO A 693 28.18 14.65 21.55
C PRO A 693 28.45 14.81 20.05
N LEU A 694 29.64 15.33 19.74
CA LEU A 694 30.12 15.48 18.38
C LEU A 694 31.44 14.72 18.26
N ARG A 695 31.41 13.59 17.57
CA ARG A 695 32.57 12.71 17.48
C ARG A 695 33.21 12.70 16.10
N THR A 696 32.78 13.59 15.21
CA THR A 696 33.31 13.63 13.85
C THR A 696 33.43 15.07 13.39
N LYS A 697 34.42 15.34 12.54
CA LYS A 697 34.63 16.67 11.99
C LYS A 697 33.45 17.10 11.11
N LEU A 698 32.91 16.16 10.35
CA LEU A 698 31.78 16.46 9.47
C LEU A 698 30.55 16.88 10.27
N GLN A 699 30.34 16.27 11.43
CA GLN A 699 29.23 16.67 12.29
C GLN A 699 29.39 18.10 12.78
N VAL A 700 30.63 18.48 13.11
CA VAL A 700 30.90 19.86 13.53
C VAL A 700 30.61 20.83 12.40
N TYR A 701 31.05 20.49 11.17
CA TYR A 701 30.79 21.35 10.02
C TYR A 701 29.29 21.50 9.77
N LEU A 702 28.56 20.38 9.83
CA LEU A 702 27.12 20.42 9.60
C LEU A 702 26.41 21.22 10.67
N LEU A 703 26.85 21.11 11.94
CA LEU A 703 26.25 21.90 13.00
C LEU A 703 26.49 23.39 12.79
N ARG A 704 27.70 23.76 12.37
CA ARG A 704 27.99 25.17 12.12
C ARG A 704 27.13 25.72 10.99
N LYS A 705 27.02 24.97 9.88
CA LYS A 705 26.18 25.43 8.78
C LYS A 705 24.71 25.47 9.17
N HIS A 706 24.27 24.53 10.01
CA HIS A 706 22.89 24.53 10.49
C HIS A 706 22.60 25.76 11.34
N LEU A 707 23.55 26.14 12.20
CA LEU A 707 23.36 27.35 13.01
C LEU A 707 23.37 28.60 12.15
N ASP A 708 24.23 28.65 11.13
CA ASP A 708 24.21 29.79 10.21
C ASP A 708 22.88 29.89 9.49
N CYS A 709 22.35 28.75 9.02
CA CYS A 709 21.04 28.75 8.37
C CYS A 709 19.94 29.16 9.34
N MET A 710 20.06 28.75 10.61
CA MET A 710 19.09 29.14 11.63
C MET A 710 19.07 30.65 11.83
N VAL A 711 20.26 31.26 11.90
CA VAL A 711 20.34 32.71 12.06
C VAL A 711 19.78 33.42 10.84
N ARG A 712 20.11 32.91 9.64
CA ARG A 712 19.60 33.51 8.41
C ARG A 712 18.08 33.42 8.32
N ILE A 713 17.51 32.29 8.76
CA ILE A 713 16.05 32.14 8.76
C ILE A 713 15.41 33.08 9.77
N ALA A 714 16.00 33.18 10.98
CA ALA A 714 15.44 34.05 12.00
C ALA A 714 15.56 35.52 11.64
N SER A 715 16.50 35.89 10.77
CA SER A 715 16.67 37.29 10.40
C SER A 715 15.46 37.81 9.62
N GLN A 716 15.04 37.08 8.58
CA GLN A 716 13.94 37.52 7.74
C GLN A 716 13.15 36.33 7.22
N PRO A 717 11.83 36.44 7.12
CA PRO A 717 11.01 35.34 6.60
C PRO A 717 11.06 35.31 5.07
N PHE A 718 10.41 34.29 4.51
CA PHE A 718 10.32 34.15 3.07
C PHE A 718 9.35 35.18 2.50
N SER A 719 9.66 35.68 1.30
CA SER A 719 8.88 36.73 0.67
C SER A 719 7.82 36.12 -0.24
N LEU A 720 6.57 36.54 -0.03
CA LEU A 720 5.45 36.09 -0.85
C LEU A 720 5.13 37.17 -1.88
N ILE A 721 5.19 36.81 -3.16
CA ILE A 721 4.94 37.76 -4.23
C ILE A 721 3.63 37.40 -4.93
N PRO A 722 2.55 38.12 -4.65
CA PRO A 722 1.27 37.81 -5.31
C PRO A 722 1.20 38.38 -6.71
N ARG A 723 1.72 37.65 -7.70
CA ARG A 723 1.60 38.05 -9.09
C ARG A 723 0.17 37.80 -9.57
N GLU A 724 -0.05 37.97 -10.88
CA GLU A 724 -1.40 37.81 -11.44
C GLU A 724 -1.89 36.38 -11.27
N GLY A 725 -2.89 36.20 -10.43
CA GLY A 725 -3.44 34.88 -10.17
C GLY A 725 -2.56 34.02 -9.29
N ARG A 726 -1.35 33.72 -9.76
CA ARG A 726 -0.49 32.76 -9.09
C ARG A 726 0.09 33.33 -7.79
N VAL A 727 0.57 32.42 -6.95
CA VAL A 727 1.25 32.76 -5.69
C VAL A 727 2.62 32.10 -5.70
N GLU A 728 3.67 32.88 -5.43
CA GLU A 728 5.03 32.40 -5.46
C GLU A 728 5.79 32.89 -4.23
N TRP A 729 6.74 32.09 -3.78
CA TRP A 729 7.60 32.44 -2.66
C TRP A 729 9.01 32.71 -3.17
N GLY A 730 9.64 33.75 -2.63
CA GLY A 730 10.98 34.12 -3.03
C GLY A 730 11.98 34.06 -1.90
N GLY A 731 13.27 34.01 -2.23
CA GLY A 731 14.32 33.97 -1.23
C GLY A 731 14.66 32.59 -0.71
N THR A 732 14.18 31.53 -1.36
CA THR A 732 14.52 30.18 -0.93
C THR A 732 16.00 29.90 -1.19
N PHE A 733 16.58 29.05 -0.33
CA PHE A 733 18.00 28.74 -0.41
C PHE A 733 18.24 27.35 0.17
N HIS A 734 19.37 26.76 -0.21
CA HIS A 734 19.76 25.47 0.32
C HIS A 734 20.24 25.60 1.76
N ALA A 735 19.92 24.60 2.58
CA ALA A 735 20.24 24.66 4.01
C ALA A 735 21.74 24.53 4.24
N ILE A 736 22.37 23.54 3.64
CA ILE A 736 23.77 23.25 3.94
C ILE A 736 24.68 24.34 3.37
N SER A 737 24.47 24.70 2.12
CA SER A 737 25.22 25.77 1.47
C SER A 737 24.27 26.91 1.13
N GLY A 738 24.69 28.14 1.45
CA GLY A 738 23.78 29.28 1.38
C GLY A 738 23.35 29.73 -0.01
N ARG A 739 23.56 28.90 -1.02
CA ARG A 739 23.15 29.23 -2.37
C ARG A 739 21.64 29.26 -2.49
N SER A 740 21.12 30.30 -3.15
CA SER A 740 19.69 30.46 -3.34
C SER A 740 19.23 29.60 -4.53
N THR A 741 18.16 28.84 -4.32
CA THR A 741 17.67 27.88 -5.31
C THR A 741 16.16 28.02 -5.47
N ASN A 742 15.60 27.11 -6.26
CA ASN A 742 14.16 26.97 -6.42
C ASN A 742 13.57 26.26 -5.21
N LEU A 743 12.24 26.29 -5.11
CA LEU A 743 11.55 25.65 -3.99
C LEU A 743 11.73 24.14 -4.02
N GLU A 744 11.63 23.52 -5.21
CA GLU A 744 11.75 22.08 -5.31
C GLU A 744 13.13 21.60 -4.87
N ASN A 745 14.17 22.37 -5.21
CA ASN A 745 15.53 22.01 -4.79
C ASN A 745 15.66 22.01 -3.28
N MET A 746 15.04 22.99 -2.60
CA MET A 746 15.08 23.02 -1.14
C MET A 746 14.31 21.85 -0.53
N VAL A 747 13.12 21.56 -1.07
CA VAL A 747 12.32 20.47 -0.52
C VAL A 747 13.03 19.13 -0.71
N ASN A 748 13.68 18.94 -1.86
CA ASN A 748 14.42 17.70 -2.07
C ASN A 748 15.72 17.66 -1.27
N SER A 749 16.33 18.81 -1.02
CA SER A 749 17.53 18.86 -0.19
C SER A 749 17.22 18.60 1.28
N TRP A 750 15.97 18.77 1.68
CA TRP A 750 15.57 18.39 3.03
C TRP A 750 15.73 16.89 3.30
N TYR A 751 15.83 16.07 2.26
CA TYR A 751 15.83 14.62 2.41
C TYR A 751 17.15 13.98 1.98
N ILE A 752 18.25 14.73 2.00
CA ILE A 752 19.54 14.17 1.61
C ILE A 752 20.01 13.15 2.65
N GLY A 753 19.61 13.31 3.92
CA GLY A 753 20.06 12.44 4.98
C GLY A 753 19.58 11.00 4.88
N TYR A 754 18.66 10.71 3.96
CA TYR A 754 18.20 9.34 3.75
C TYR A 754 19.24 8.47 3.07
N TYR A 755 20.34 9.05 2.59
CA TYR A 755 21.42 8.30 1.96
C TYR A 755 22.30 7.63 3.01
N LYS A 756 21.68 6.72 3.77
CA LYS A 756 22.37 6.02 4.84
C LYS A 756 21.73 4.65 5.00
N ASN A 757 22.51 3.71 5.54
CA ASN A 757 21.99 2.37 5.77
C ASN A 757 20.92 2.41 6.85
N LYS A 758 19.69 2.06 6.49
CA LYS A 758 18.57 2.14 7.42
C LYS A 758 18.75 1.16 8.57
N GLU A 759 19.25 -0.04 8.29
CA GLU A 759 19.46 -1.06 9.30
C GLU A 759 20.93 -1.08 9.70
N GLU A 760 21.20 -0.83 10.97
CA GLU A 760 22.54 -0.91 11.52
C GLU A 760 22.51 -1.68 12.84
N SER A 761 23.62 -2.35 13.13
CA SER A 761 23.70 -3.18 14.33
C SER A 761 23.77 -2.32 15.58
N THR A 762 23.34 -2.90 16.70
CA THR A 762 23.32 -2.23 17.99
C THR A 762 24.32 -2.92 18.92
N GLU A 763 25.19 -2.13 19.53
CA GLU A 763 26.21 -2.65 20.42
C GLU A 763 25.73 -2.58 21.87
N LEU A 764 26.41 -3.33 22.76
CA LEU A 764 25.96 -3.45 24.13
C LEU A 764 26.22 -2.18 24.94
N ASN A 765 27.25 -1.41 24.60
CA ASN A 765 27.44 -0.12 25.26
C ASN A 765 26.37 0.88 24.87
N ALA A 766 25.74 0.68 23.72
CA ALA A 766 24.50 1.36 23.36
C ALA A 766 23.33 0.69 24.06
N LEU A 767 22.11 0.96 23.60
CA LEU A 767 20.88 0.30 24.03
C LEU A 767 20.47 0.75 25.44
N GLY A 768 21.31 1.54 26.09
CA GLY A 768 20.89 2.21 27.32
C GLY A 768 20.01 3.41 27.08
N GLU A 769 20.01 3.93 25.86
CA GLU A 769 19.13 5.04 25.51
C GLU A 769 17.67 4.60 25.48
N MET A 770 17.42 3.37 25.03
CA MET A 770 16.07 2.82 25.01
C MET A 770 15.43 2.83 26.40
N TYR A 771 16.13 2.25 27.38
CA TYR A 771 15.62 2.21 28.75
C TYR A 771 15.50 3.61 29.33
N LYS A 772 16.36 4.53 28.93
CA LYS A 772 16.22 5.93 29.33
C LYS A 772 14.93 6.53 28.78
N LYS A 773 14.61 6.26 27.51
CA LYS A 773 13.38 6.76 26.94
C LYS A 773 12.15 6.15 27.60
N ILE A 774 12.24 4.88 28.00
CA ILE A 774 11.11 4.19 28.59
C ILE A 774 10.83 4.73 30.00
N VAL A 775 11.88 4.90 30.80
CA VAL A 775 11.70 5.19 32.22
C VAL A 775 11.49 6.68 32.50
N GLU A 776 11.85 7.57 31.57
CA GLU A 776 11.81 9.01 31.85
C GLU A 776 10.39 9.50 32.10
N MET A 777 9.43 9.02 31.31
CA MET A 777 8.04 9.41 31.53
C MET A 777 7.48 8.79 32.81
N GLU A 778 7.88 7.56 33.11
CA GLU A 778 7.29 6.83 34.23
C GLU A 778 7.69 7.41 35.58
N GLU A 779 8.75 8.21 35.63
CA GLU A 779 9.24 8.72 36.92
C GLU A 779 8.23 9.64 37.59
N ASP A 780 7.61 10.54 36.83
CA ASP A 780 6.62 11.47 37.36
C ASP A 780 5.23 10.96 37.01
N LYS A 781 4.62 10.25 37.96
CA LYS A 781 3.24 9.80 37.83
C LYS A 781 2.47 10.35 39.02
N PRO A 782 1.32 10.99 38.79
CA PRO A 782 0.56 11.55 39.92
C PRO A 782 0.03 10.44 40.83
N SER A 783 0.42 10.52 42.10
CA SER A 783 -0.03 9.53 43.08
C SER A 783 -1.53 9.59 43.30
N SER A 784 -2.08 10.80 43.38
CA SER A 784 -3.52 10.96 43.57
C SER A 784 -4.24 10.64 42.28
N PRO A 785 -5.14 9.66 42.26
CA PRO A 785 -5.86 9.31 41.02
C PRO A 785 -7.12 10.12 40.75
N GLU A 786 -7.37 11.21 41.49
CA GLU A 786 -8.59 11.98 41.31
C GLU A 786 -8.65 12.70 39.97
N PHE A 787 -7.50 12.96 39.35
CA PHE A 787 -7.45 13.66 38.07
C PHE A 787 -7.11 12.73 36.91
N LEU A 788 -7.16 11.42 37.13
CA LEU A 788 -6.95 10.43 36.06
C LEU A 788 -8.27 9.83 35.60
N GLY A 789 -9.32 10.63 35.57
CA GLY A 789 -10.62 10.17 35.11
C GLY A 789 -11.74 10.45 36.10
N TRP A 790 -11.39 10.59 37.37
CA TRP A 790 -12.42 10.74 38.39
C TRP A 790 -13.04 12.14 38.38
N GLY A 791 -12.22 13.18 38.22
CA GLY A 791 -12.75 14.53 38.33
C GLY A 791 -12.04 15.50 37.39
N ASP A 792 -12.67 16.65 37.22
CA ASP A 792 -12.16 17.69 36.35
C ASP A 792 -11.13 18.55 37.08
N THR A 793 -10.23 19.15 36.30
CA THR A 793 -9.22 20.04 36.84
C THR A 793 -8.70 20.94 35.74
N ASP A 794 -8.29 22.14 36.12
CA ASP A 794 -7.58 23.05 35.24
C ASP A 794 -6.09 22.98 35.54
N SER A 795 -5.28 23.33 34.53
CA SER A 795 -3.83 23.28 34.57
C SER A 795 -3.34 21.89 35.00
N PRO A 796 -3.52 20.86 34.18
CA PRO A 796 -3.18 19.51 34.61
C PRO A 796 -1.67 19.29 34.61
N LYS A 797 -1.27 18.19 35.25
CA LYS A 797 0.14 17.80 35.30
C LYS A 797 0.54 17.08 34.03
N LYS A 798 1.68 16.39 34.06
CA LYS A 798 2.23 15.71 32.89
C LYS A 798 1.47 14.44 32.53
N HIS A 799 0.45 14.05 33.31
CA HIS A 799 -0.35 12.88 32.97
C HIS A 799 -1.86 13.06 33.12
N GLU A 800 -2.33 14.12 33.77
CA GLU A 800 -3.74 14.26 34.08
C GLU A 800 -4.55 14.66 32.85
N PHE A 801 -5.87 14.60 32.99
CA PHE A 801 -6.79 15.07 31.97
C PHE A 801 -8.12 15.39 32.65
N SER A 802 -8.98 16.09 31.91
CA SER A 802 -10.28 16.51 32.42
C SER A 802 -11.38 15.64 31.82
N ARG A 803 -12.32 15.22 32.66
CA ARG A 803 -13.38 14.32 32.21
C ARG A 803 -14.43 15.05 31.37
N SER A 804 -14.77 16.28 31.75
CA SER A 804 -15.83 17.02 31.06
C SER A 804 -15.43 17.33 29.62
N PHE A 805 -14.16 17.65 29.38
CA PHE A 805 -13.70 17.90 28.03
C PHE A 805 -13.79 16.65 27.17
N LEU A 806 -13.45 15.48 27.73
CA LEU A 806 -13.62 14.23 27.01
C LEU A 806 -15.09 13.97 26.70
N ARG A 807 -15.98 14.25 27.65
CA ARG A 807 -17.41 14.09 27.43
C ARG A 807 -17.90 14.98 26.30
N ALA A 808 -17.44 16.23 26.28
CA ALA A 808 -17.83 17.16 25.21
C ALA A 808 -17.31 16.70 23.85
N ALA A 809 -16.06 16.25 23.79
CA ALA A 809 -15.49 15.80 22.52
C ALA A 809 -16.21 14.55 22.00
N CYS A 810 -16.52 13.60 22.90
CA CYS A 810 -17.23 12.41 22.50
C CYS A 810 -18.64 12.75 22.01
N SER A 811 -19.31 13.68 22.69
CA SER A 811 -20.64 14.09 22.24
C SER A 811 -20.58 14.77 20.87
N SER A 812 -19.55 15.58 20.63
CA SER A 812 -19.41 16.24 19.33
C SER A 812 -19.20 15.23 18.21
N LEU A 813 -18.29 14.26 18.42
CA LEU A 813 -18.07 13.27 17.38
C LEU A 813 -19.28 12.38 17.18
N GLU A 814 -20.00 12.06 18.26
CA GLU A 814 -21.24 11.28 18.12
C GLU A 814 -22.28 12.04 17.33
N ARG A 815 -22.37 13.36 17.54
CA ARG A 815 -23.27 14.19 16.75
C ARG A 815 -22.89 14.16 15.27
N GLU A 816 -21.59 14.24 14.98
CA GLU A 816 -21.13 14.19 13.59
C GLU A 816 -21.50 12.85 12.95
N ILE A 817 -21.25 11.74 13.66
CA ILE A 817 -21.55 10.42 13.11
C ILE A 817 -23.05 10.25 12.90
N ALA A 818 -23.87 10.68 13.86
CA ALA A 818 -25.31 10.58 13.72
C ALA A 818 -25.83 11.46 12.59
N GLN A 819 -25.17 12.59 12.33
CA GLN A 819 -25.57 13.43 11.21
C GLN A 819 -25.24 12.76 9.87
N ARG A 820 -24.06 12.15 9.76
CA ARG A 820 -23.65 11.63 8.46
C ARG A 820 -24.28 10.26 8.16
N HIS A 821 -24.07 9.28 9.06
CA HIS A 821 -24.49 7.91 8.80
C HIS A 821 -25.88 7.59 9.34
N GLY A 822 -26.76 8.58 9.44
CA GLY A 822 -28.11 8.32 9.89
C GLY A 822 -28.20 8.07 11.38
N ARG A 823 -29.40 7.67 11.81
CA ARG A 823 -29.69 7.46 13.22
C ARG A 823 -29.59 6.00 13.64
N GLN A 824 -29.40 5.07 12.70
CA GLN A 824 -29.30 3.65 13.01
C GLN A 824 -27.87 3.14 12.87
N TRP A 825 -26.87 4.02 13.00
CA TRP A 825 -25.48 3.60 12.79
C TRP A 825 -25.00 2.64 13.86
N LYS A 826 -25.55 2.72 15.07
CA LYS A 826 -25.08 1.88 16.16
C LYS A 826 -25.40 0.41 15.92
N GLN A 827 -26.60 0.11 15.41
CA GLN A 827 -26.98 -1.27 15.16
C GLN A 827 -26.17 -1.86 14.02
N ASN A 828 -25.94 -1.08 12.96
CA ASN A 828 -25.09 -1.54 11.86
C ASN A 828 -23.66 -1.77 12.34
N LEU A 829 -23.16 -0.90 13.21
CA LEU A 829 -21.83 -1.09 13.78
C LEU A 829 -21.76 -2.37 14.60
N GLU A 830 -22.79 -2.64 15.40
CA GLU A 830 -22.80 -3.86 16.21
C GLU A 830 -22.83 -5.11 15.33
N GLU A 831 -23.65 -5.10 14.29
CA GLU A 831 -23.70 -6.25 13.38
C GLU A 831 -22.38 -6.44 12.65
N ARG A 832 -21.76 -5.34 12.22
CA ARG A 832 -20.47 -5.44 11.53
C ARG A 832 -19.38 -5.97 12.45
N VAL A 833 -19.37 -5.52 13.71
CA VAL A 833 -18.38 -6.01 14.67
C VAL A 833 -18.56 -7.50 14.93
N LEU A 834 -19.82 -7.92 15.12
CA LEU A 834 -20.07 -9.34 15.38
C LEU A 834 -19.71 -10.20 14.17
N ARG A 835 -20.00 -9.72 12.96
CA ARG A 835 -19.63 -10.45 11.76
C ARG A 835 -18.12 -10.52 11.60
N GLU A 836 -17.41 -9.42 11.87
CA GLU A 836 -15.96 -9.42 11.72
C GLU A 836 -15.27 -10.29 12.76
N ILE A 837 -15.87 -10.43 13.94
CA ILE A 837 -15.26 -11.25 14.98
C ILE A 837 -15.69 -12.72 14.90
N GLY A 838 -16.81 -13.01 14.25
CA GLY A 838 -17.32 -14.38 14.23
C GLY A 838 -16.66 -15.29 13.22
N THR A 839 -16.10 -14.74 12.15
CA THR A 839 -15.60 -15.54 11.05
C THR A 839 -14.11 -15.84 11.13
N LYS A 840 -13.42 -15.35 12.16
CA LYS A 840 -11.97 -15.50 12.22
C LYS A 840 -11.59 -16.91 12.65
N ASN A 841 -10.62 -17.49 11.94
CA ASN A 841 -10.01 -18.75 12.32
C ASN A 841 -8.67 -18.51 12.98
N ILE A 842 -8.14 -19.54 13.63
CA ILE A 842 -6.80 -19.47 14.20
C ILE A 842 -5.77 -19.34 13.10
N LEU A 843 -6.03 -19.91 11.92
CA LEU A 843 -5.06 -19.90 10.83
C LEU A 843 -4.79 -18.49 10.31
N ASP A 844 -5.75 -17.58 10.46
CA ASP A 844 -5.50 -16.19 10.07
C ASP A 844 -4.51 -15.51 11.01
N LEU A 845 -4.57 -15.82 12.30
CA LEU A 845 -3.67 -15.20 13.26
C LEU A 845 -2.24 -15.71 13.11
N ALA A 846 -2.06 -16.95 12.66
CA ALA A 846 -0.73 -17.52 12.52
C ALA A 846 0.02 -16.84 11.38
N SER A 847 1.26 -16.45 11.64
CA SER A 847 2.07 -15.72 10.67
C SER A 847 3.54 -15.92 11.03
N MET A 848 4.41 -15.13 10.42
CA MET A 848 5.84 -15.17 10.69
C MET A 848 6.27 -14.21 11.79
N LYS A 849 5.33 -13.51 12.41
CA LYS A 849 5.68 -12.52 13.42
C LYS A 849 6.17 -13.18 14.69
N ALA A 850 7.14 -12.55 15.34
CA ALA A 850 7.78 -13.13 16.52
C ALA A 850 6.90 -12.94 17.76
N THR A 851 7.24 -13.69 18.80
CA THR A 851 6.54 -13.61 20.08
C THR A 851 7.54 -13.92 21.19
N SER A 852 7.14 -13.63 22.42
CA SER A 852 8.02 -13.70 23.57
C SER A 852 7.78 -14.96 24.40
N ASN A 853 8.86 -15.57 24.86
CA ASN A 853 8.81 -16.73 25.74
C ASN A 853 9.05 -16.36 27.20
N PHE A 854 9.05 -15.07 27.53
CA PHE A 854 9.27 -14.62 28.89
C PHE A 854 8.14 -15.11 29.80
N SER A 855 8.50 -15.61 30.98
CA SER A 855 7.54 -16.20 31.90
C SER A 855 8.01 -15.95 33.33
N LYS A 856 7.43 -16.67 34.29
CA LYS A 856 7.77 -16.50 35.70
C LYS A 856 9.20 -16.91 35.99
N ASP A 857 9.67 -18.01 35.37
CA ASP A 857 10.98 -18.55 35.68
C ASP A 857 12.14 -17.69 35.20
N TRP A 858 11.89 -16.73 34.32
CA TRP A 858 12.92 -15.83 33.84
C TRP A 858 13.02 -14.53 34.64
N GLU A 859 12.14 -14.33 35.62
CA GLU A 859 12.09 -13.04 36.31
C GLU A 859 13.34 -12.82 37.18
N LEU A 860 13.71 -13.82 37.96
CA LEU A 860 14.80 -13.66 38.91
C LEU A 860 16.14 -13.99 38.25
N TYR A 861 17.14 -13.17 38.52
CA TYR A 861 18.49 -13.44 38.05
C TYR A 861 19.16 -14.46 38.97
N SER A 862 20.43 -14.74 38.70
CA SER A 862 21.29 -15.71 39.39
C SER A 862 20.78 -17.15 39.27
N GLU A 863 19.71 -17.39 38.49
CA GLU A 863 19.25 -18.75 38.20
C GLU A 863 19.10 -19.01 36.71
N VAL A 864 19.06 -17.98 35.87
CA VAL A 864 19.01 -18.12 34.42
C VAL A 864 20.22 -17.45 33.78
N GLN A 865 21.27 -17.21 34.56
CA GLN A 865 22.47 -16.57 34.03
C GLN A 865 23.17 -17.44 33.00
N THR A 866 23.25 -18.74 33.25
CA THR A 866 23.86 -19.68 32.31
C THR A 866 22.83 -20.28 31.36
N LYS A 867 22.03 -19.42 30.74
CA LYS A 867 21.01 -19.85 29.79
C LYS A 867 20.88 -18.80 28.71
N GLU A 868 20.32 -19.20 27.57
CA GLU A 868 20.17 -18.33 26.41
C GLU A 868 18.69 -18.13 26.11
N TYR A 869 18.28 -16.88 25.99
CA TYR A 869 16.90 -16.53 25.68
C TYR A 869 16.71 -16.42 24.17
N HIS A 870 15.57 -16.89 23.70
CA HIS A 870 15.24 -16.84 22.28
C HIS A 870 13.78 -16.50 22.10
N ARG A 871 13.45 -15.94 20.93
CA ARG A 871 12.10 -15.56 20.57
C ARG A 871 11.58 -16.54 19.52
N SER A 872 10.35 -17.00 19.70
CA SER A 872 9.72 -17.94 18.78
C SER A 872 8.71 -17.23 17.90
N LYS A 873 8.36 -17.88 16.79
CA LYS A 873 7.36 -17.35 15.89
C LYS A 873 5.96 -17.65 16.41
N LEU A 874 4.99 -16.88 15.92
CA LEU A 874 3.60 -17.12 16.30
C LEU A 874 3.04 -18.37 15.63
N LEU A 875 3.70 -18.85 14.58
CA LEU A 875 3.26 -20.07 13.91
C LEU A 875 3.31 -21.28 14.84
N GLU A 876 4.39 -21.41 15.60
CA GLU A 876 4.50 -22.51 16.57
C GLU A 876 3.46 -22.39 17.67
N LYS A 877 3.21 -21.16 18.15
CA LYS A 877 2.23 -20.97 19.21
C LYS A 877 0.81 -21.26 18.73
N MET A 878 0.53 -21.03 17.45
CA MET A 878 -0.80 -21.31 16.92
C MET A 878 -0.97 -22.75 16.47
N ALA A 879 0.11 -23.43 16.10
CA ALA A 879 0.01 -24.83 15.69
C ALA A 879 -0.46 -25.72 16.83
N THR A 880 0.03 -25.45 18.04
CA THR A 880 -0.41 -26.23 19.20
C THR A 880 -1.89 -26.03 19.47
N LEU A 881 -2.37 -24.79 19.34
CA LEU A 881 -3.80 -24.53 19.51
C LEU A 881 -4.62 -25.21 18.42
N ILE A 882 -4.12 -25.21 17.19
CA ILE A 882 -4.85 -25.86 16.09
C ILE A 882 -4.96 -27.36 16.33
N GLU A 883 -3.84 -27.99 16.71
CA GLU A 883 -3.87 -29.43 16.97
C GLU A 883 -4.58 -29.77 18.27
N LYS A 884 -4.79 -28.79 19.16
CA LYS A 884 -5.53 -29.05 20.38
C LYS A 884 -7.00 -29.33 20.10
N GLY A 885 -7.57 -28.66 19.10
CA GLY A 885 -8.95 -28.91 18.76
C GLY A 885 -9.84 -27.68 18.78
N VAL A 886 -9.26 -26.50 18.59
CA VAL A 886 -10.01 -25.27 18.46
C VAL A 886 -9.68 -24.62 17.12
N MET A 887 -10.71 -24.14 16.43
CA MET A 887 -10.55 -23.53 15.12
C MET A 887 -11.01 -22.09 15.08
N TRP A 888 -12.16 -21.78 15.65
CA TRP A 888 -12.61 -20.39 15.70
C TRP A 888 -11.77 -19.59 16.69
N TYR A 889 -11.47 -18.35 16.32
CA TYR A 889 -10.74 -17.46 17.22
C TYR A 889 -11.54 -17.17 18.49
N ILE A 890 -12.87 -17.20 18.38
CA ILE A 890 -13.74 -16.91 19.52
C ILE A 890 -13.68 -17.98 20.60
N ASP A 891 -13.03 -19.12 20.33
CA ASP A 891 -12.89 -20.17 21.32
C ASP A 891 -11.59 -20.06 22.12
N ALA A 892 -10.56 -19.45 21.57
CA ALA A 892 -9.26 -19.39 22.22
C ALA A 892 -9.06 -18.15 23.07
N VAL A 893 -10.04 -17.25 23.13
CA VAL A 893 -9.87 -16.02 23.90
C VAL A 893 -9.95 -16.30 25.40
N GLY A 894 -10.83 -17.23 25.81
CA GLY A 894 -11.03 -17.47 27.23
C GLY A 894 -9.81 -18.03 27.92
N GLN A 895 -9.15 -19.01 27.29
CA GLN A 895 -7.94 -19.59 27.87
C GLN A 895 -6.83 -18.55 27.99
N ALA A 896 -6.64 -17.74 26.94
CA ALA A 896 -5.61 -16.72 26.98
C ALA A 896 -5.90 -15.66 28.05
N TRP A 897 -7.17 -15.25 28.16
CA TRP A 897 -7.53 -14.27 29.17
C TRP A 897 -7.32 -14.81 30.58
N LYS A 898 -7.71 -16.06 30.82
CA LYS A 898 -7.50 -16.65 32.14
C LYS A 898 -6.01 -16.80 32.44
N ALA A 899 -5.21 -17.18 31.45
CA ALA A 899 -3.78 -17.32 31.65
C ALA A 899 -3.12 -15.98 31.96
N VAL A 900 -3.58 -14.91 31.28
CA VAL A 900 -3.06 -13.58 31.58
C VAL A 900 -3.47 -13.14 32.99
N LEU A 901 -4.72 -13.39 33.37
CA LEU A 901 -5.20 -12.98 34.69
C LEU A 901 -4.47 -13.71 35.81
N ASP A 902 -4.23 -15.01 35.63
CA ASP A 902 -3.48 -15.76 36.64
C ASP A 902 -2.04 -15.29 36.73
N ASP A 903 -1.41 -15.00 35.60
CA ASP A 903 -0.05 -14.46 35.61
C ASP A 903 -0.03 -13.06 36.19
N GLY A 904 -1.03 -12.25 35.87
CA GLY A 904 -1.20 -10.95 36.47
C GLY A 904 -0.52 -9.80 35.76
N CYS A 905 0.38 -10.08 34.82
CA CYS A 905 1.15 -9.03 34.17
C CYS A 905 1.31 -9.35 32.69
N MET A 906 1.25 -8.30 31.87
CA MET A 906 1.60 -8.43 30.47
C MET A 906 3.12 -8.53 30.34
N ARG A 907 3.58 -9.52 29.58
CA ARG A 907 5.01 -9.78 29.43
C ARG A 907 5.48 -9.32 28.06
N ILE A 908 6.53 -8.50 28.05
CA ILE A 908 6.97 -7.78 26.85
C ILE A 908 8.48 -7.96 26.70
N CYS A 909 8.93 -8.21 25.49
CA CYS A 909 10.34 -8.16 25.14
C CYS A 909 10.64 -6.91 24.32
N LEU A 910 11.93 -6.59 24.22
CA LEU A 910 12.35 -5.35 23.59
C LEU A 910 13.46 -5.60 22.57
N PHE A 911 13.45 -4.79 21.52
CA PHE A 911 14.56 -4.69 20.57
C PHE A 911 14.46 -3.34 19.89
N LYS A 912 15.48 -3.00 19.11
CA LYS A 912 15.58 -1.69 18.50
C LYS A 912 15.38 -1.80 17.00
N LYS A 913 14.58 -0.89 16.46
CA LYS A 913 14.37 -0.75 15.02
C LYS A 913 15.01 0.56 14.60
N ASN A 914 15.97 0.48 13.68
CA ASN A 914 16.68 1.66 13.21
C ASN A 914 16.01 2.19 11.96
N GLN A 915 15.67 3.48 11.97
CA GLN A 915 14.92 4.12 10.90
C GLN A 915 15.66 5.38 10.47
N HIS A 916 15.13 6.05 9.45
CA HIS A 916 15.69 7.31 8.97
C HIS A 916 15.17 8.46 9.84
N GLY A 917 15.71 8.52 11.05
CA GLY A 917 15.27 9.47 12.05
C GLY A 917 15.79 9.04 13.42
N GLY A 918 15.09 9.50 14.45
CA GLY A 918 15.43 9.11 15.80
C GLY A 918 15.14 7.65 16.07
N LEU A 919 15.83 7.10 17.07
CA LEU A 919 15.62 5.70 17.42
C LEU A 919 14.24 5.50 18.02
N ARG A 920 13.69 4.30 17.79
CA ARG A 920 12.37 3.95 18.26
C ARG A 920 12.42 2.63 19.01
N GLU A 921 11.73 2.56 20.15
CA GLU A 921 11.64 1.34 20.92
C GLU A 921 10.46 0.51 20.42
N ILE A 922 10.69 -0.79 20.25
CA ILE A 922 9.71 -1.70 19.67
C ILE A 922 9.41 -2.80 20.68
N TYR A 923 8.12 -3.07 20.89
CA TYR A 923 7.66 -3.98 21.94
C TYR A 923 7.14 -5.26 21.30
N VAL A 924 7.87 -6.35 21.48
CA VAL A 924 7.35 -7.67 21.15
C VAL A 924 6.40 -8.11 22.25
N MET A 925 5.37 -8.87 21.89
CA MET A 925 4.28 -9.16 22.81
C MET A 925 4.08 -10.66 22.92
N ASP A 926 3.50 -11.07 24.05
CA ASP A 926 3.22 -12.48 24.30
C ASP A 926 2.05 -12.94 23.42
N ALA A 927 1.93 -14.26 23.29
CA ALA A 927 0.90 -14.83 22.43
C ALA A 927 -0.50 -14.59 22.99
N ASN A 928 -0.68 -14.83 24.30
CA ASN A 928 -1.98 -14.63 24.92
C ASN A 928 -2.39 -13.16 24.89
N ALA A 929 -1.43 -12.26 25.15
CA ALA A 929 -1.71 -10.83 25.07
C ALA A 929 -2.11 -10.42 23.65
N ARG A 930 -1.44 -11.00 22.64
CA ARG A 930 -1.80 -10.72 21.26
C ARG A 930 -3.21 -11.20 20.94
N LEU A 931 -3.55 -12.40 21.43
CA LEU A 931 -4.88 -12.94 21.20
C LEU A 931 -5.96 -12.06 21.84
N VAL A 932 -5.69 -11.54 23.03
CA VAL A 932 -6.65 -10.64 23.68
C VAL A 932 -6.72 -9.31 22.93
N GLN A 933 -5.57 -8.82 22.46
CA GLN A 933 -5.52 -7.50 21.84
C GLN A 933 -6.16 -7.47 20.46
N PHE A 934 -6.21 -8.63 19.78
CA PHE A 934 -6.75 -8.66 18.42
C PHE A 934 -8.20 -8.21 18.36
N GLY A 935 -9.02 -8.66 19.29
CA GLY A 935 -10.44 -8.29 19.28
C GLY A 935 -10.66 -6.81 19.54
N VAL A 936 -9.92 -6.25 20.49
CA VAL A 936 -10.04 -4.81 20.78
C VAL A 936 -9.56 -3.99 19.59
N GLU A 937 -8.50 -4.44 18.92
CA GLU A 937 -8.04 -3.74 17.72
C GLU A 937 -9.09 -3.78 16.62
N THR A 938 -9.75 -4.94 16.46
CA THR A 938 -10.80 -5.06 15.46
C THR A 938 -11.97 -4.13 15.76
N MET A 939 -12.38 -4.07 17.04
CA MET A 939 -13.46 -3.18 17.44
C MET A 939 -13.11 -1.72 17.20
N ALA A 940 -11.87 -1.34 17.54
CA ALA A 940 -11.44 0.04 17.34
C ALA A 940 -11.40 0.39 15.85
N ARG A 941 -10.95 -0.56 15.01
CA ARG A 941 -10.95 -0.31 13.57
C ARG A 941 -12.37 -0.13 13.04
N CYS A 942 -13.31 -0.96 13.52
CA CYS A 942 -14.69 -0.83 13.08
C CYS A 942 -15.29 0.51 13.50
N VAL A 943 -14.95 0.98 14.70
CA VAL A 943 -15.44 2.29 15.13
C VAL A 943 -14.81 3.39 14.28
N CYS A 944 -13.50 3.30 14.01
CA CYS A 944 -12.80 4.31 13.23
C CYS A 944 -13.26 4.37 11.78
N GLU A 945 -13.81 3.27 11.25
CA GLU A 945 -14.26 3.26 9.86
C GLU A 945 -15.41 4.23 9.58
N LEU A 946 -16.07 4.75 10.61
CA LEU A 946 -17.21 5.64 10.40
C LEU A 946 -16.84 7.12 10.45
N SER A 947 -15.72 7.48 11.06
CA SER A 947 -15.40 8.88 11.27
C SER A 947 -15.07 9.57 9.94
N PRO A 948 -15.57 10.80 9.72
CA PRO A 948 -15.27 11.51 8.48
C PRO A 948 -13.93 12.24 8.48
N HIS A 949 -13.25 12.32 9.62
CA HIS A 949 -11.98 13.03 9.73
C HIS A 949 -10.78 12.11 9.73
N GLU A 950 -10.88 10.96 10.39
CA GLU A 950 -9.75 10.06 10.57
C GLU A 950 -9.33 9.45 9.23
N THR A 951 -8.02 9.29 9.04
CA THR A 951 -7.47 8.86 7.77
C THR A 951 -6.63 7.59 7.82
N VAL A 952 -6.27 7.09 9.00
CA VAL A 952 -5.43 5.90 9.05
C VAL A 952 -6.22 4.64 8.70
N ALA A 953 -7.55 4.71 8.78
CA ALA A 953 -8.42 3.62 8.36
C ALA A 953 -9.22 3.93 7.10
N ASN A 954 -9.19 5.19 6.64
CA ASN A 954 -9.85 5.62 5.41
C ASN A 954 -8.77 6.26 4.53
N PRO A 955 -8.00 5.44 3.82
CA PRO A 955 -6.88 6.00 3.03
C PRO A 955 -7.32 6.91 1.89
N ARG A 956 -8.59 6.85 1.48
CA ARG A 956 -9.08 7.74 0.43
C ARG A 956 -9.28 9.17 0.94
N LEU A 957 -9.40 9.37 2.26
CA LEU A 957 -9.74 10.68 2.79
C LEU A 957 -8.57 11.65 2.76
N LYS A 958 -7.33 11.15 2.83
CA LYS A 958 -6.18 12.05 2.88
C LYS A 958 -6.00 12.81 1.57
N ASN A 959 -6.45 12.24 0.45
CA ASN A 959 -6.43 12.93 -0.83
C ASN A 959 -7.74 13.63 -1.15
N SER A 960 -8.68 13.66 -0.21
CA SER A 960 -9.99 14.25 -0.43
C SER A 960 -10.25 15.52 0.37
N ILE A 961 -9.84 15.55 1.64
CA ILE A 961 -10.15 16.69 2.49
C ILE A 961 -9.36 17.93 2.06
N ILE A 962 -8.08 17.75 1.75
CA ILE A 962 -7.25 18.89 1.36
C ILE A 962 -7.68 19.46 0.01
N GLU A 963 -7.95 18.57 -0.97
CA GLU A 963 -8.26 19.04 -2.31
C GLU A 963 -9.63 19.68 -2.42
N ASN A 964 -10.59 19.21 -1.64
CA ASN A 964 -11.96 19.72 -1.75
C ASN A 964 -12.20 20.97 -0.93
N HIS A 965 -11.20 21.48 -0.23
CA HIS A 965 -11.39 22.71 0.55
C HIS A 965 -11.60 23.92 -0.37
N GLY A 966 -10.92 23.94 -1.51
CA GLY A 966 -11.08 25.03 -2.46
C GLY A 966 -12.49 25.13 -3.01
N LEU A 967 -13.11 23.98 -3.29
CA LEU A 967 -14.48 23.97 -3.80
C LEU A 967 -15.45 24.58 -2.79
N LYS A 968 -15.34 24.17 -1.52
CA LYS A 968 -16.23 24.72 -0.51
C LYS A 968 -15.97 26.19 -0.26
N SER A 969 -14.69 26.59 -0.28
CA SER A 969 -14.36 28.00 -0.07
C SER A 969 -14.91 28.87 -1.20
N ALA A 970 -14.83 28.38 -2.45
CA ALA A 970 -15.37 29.14 -3.55
C ALA A 970 -16.90 29.14 -3.55
N ARG A 971 -17.51 28.02 -3.14
CA ARG A 971 -18.96 27.90 -3.22
C ARG A 971 -19.65 28.72 -2.13
N SER A 972 -19.11 28.70 -0.91
CA SER A 972 -19.76 29.38 0.19
C SER A 972 -19.35 30.85 0.28
N LEU A 973 -18.05 31.10 0.45
CA LEU A 973 -17.57 32.47 0.64
C LEU A 973 -17.63 33.26 -0.67
N GLY A 974 -17.17 32.66 -1.76
CA GLY A 974 -17.09 33.35 -3.02
C GLY A 974 -15.65 33.46 -3.51
N PRO A 975 -15.45 34.21 -4.59
CA PRO A 975 -14.10 34.33 -5.15
C PRO A 975 -13.20 35.19 -4.28
N GLY A 976 -11.89 35.01 -4.49
CA GLY A 976 -10.89 35.78 -3.78
C GLY A 976 -10.80 35.54 -2.28
N SER A 977 -10.83 34.28 -1.86
CA SER A 977 -10.72 33.95 -0.45
C SER A 977 -9.26 33.83 -0.04
N ILE A 978 -9.01 34.00 1.27
CA ILE A 978 -7.68 33.91 1.85
C ILE A 978 -7.67 32.72 2.79
N ASN A 979 -6.70 31.83 2.61
CA ASN A 979 -6.59 30.60 3.38
C ASN A 979 -5.52 30.75 4.46
N ILE A 980 -5.75 30.13 5.61
CA ILE A 980 -4.79 30.06 6.70
C ILE A 980 -4.71 28.61 7.16
N ASN A 981 -3.49 28.10 7.34
CA ASN A 981 -3.27 26.70 7.66
C ASN A 981 -2.34 26.55 8.84
N SER A 982 -2.46 25.41 9.53
CA SER A 982 -1.60 25.06 10.64
C SER A 982 -1.34 23.55 10.63
N SER A 983 -0.09 23.17 10.90
CA SER A 983 0.33 21.78 10.93
C SER A 983 0.80 21.44 12.34
N ASN A 984 0.36 20.29 12.85
CA ASN A 984 0.56 19.95 14.25
C ASN A 984 1.28 18.62 14.38
N ASP A 985 1.68 18.30 15.62
CA ASP A 985 2.33 17.05 15.95
C ASP A 985 2.17 16.82 17.45
N ALA A 986 2.74 15.72 17.95
CA ALA A 986 2.66 15.34 19.35
C ALA A 986 4.03 14.95 19.86
N LYS A 987 4.32 15.34 21.11
CA LYS A 987 5.65 15.05 21.67
C LYS A 987 5.86 13.56 21.87
N LYS A 988 5.05 12.94 22.74
CA LYS A 988 5.15 11.53 23.09
C LYS A 988 3.77 10.91 22.97
N TRP A 989 3.44 10.42 21.78
CA TRP A 989 2.11 9.84 21.59
C TRP A 989 1.97 8.50 22.30
N ASN A 990 3.01 7.66 22.24
CA ASN A 990 2.97 6.35 22.90
C ASN A 990 2.88 6.51 24.41
N GLN A 991 3.81 7.28 25.00
CA GLN A 991 3.69 7.64 26.41
C GLN A 991 2.60 8.68 26.59
N GLY A 992 2.46 9.18 27.82
CA GLY A 992 1.52 10.25 28.11
C GLY A 992 0.06 9.86 28.12
N HIS A 993 -0.32 8.81 27.40
CA HIS A 993 -1.69 8.34 27.34
C HIS A 993 -1.94 7.35 28.47
N TYR A 994 -2.80 7.71 29.41
CA TYR A 994 -3.26 6.77 30.42
C TYR A 994 -4.42 5.99 29.83
N THR A 995 -4.36 4.66 29.97
CA THR A 995 -5.26 3.77 29.24
C THR A 995 -6.72 3.93 29.66
N THR A 996 -6.99 4.51 30.83
CA THR A 996 -8.37 4.72 31.24
C THR A 996 -9.11 5.64 30.29
N LYS A 997 -8.42 6.65 29.75
CA LYS A 997 -9.05 7.55 28.78
C LYS A 997 -9.47 6.80 27.52
N LEU A 998 -8.59 5.93 27.02
CA LEU A 998 -8.93 5.11 25.85
C LEU A 998 -10.09 4.17 26.14
N ALA A 999 -10.10 3.57 27.34
CA ALA A 999 -11.20 2.69 27.71
C ALA A 999 -12.52 3.45 27.79
N LEU A 1000 -12.50 4.66 28.35
CA LEU A 1000 -13.71 5.46 28.45
C LEU A 1000 -14.24 5.83 27.07
N VAL A 1001 -13.35 6.21 26.15
CA VAL A 1001 -13.77 6.56 24.80
C VAL A 1001 -14.39 5.36 24.10
N LEU A 1002 -13.71 4.21 24.17
CA LEU A 1002 -14.21 3.01 23.51
C LEU A 1002 -15.55 2.55 24.08
N CYS A 1003 -15.71 2.61 25.40
CA CYS A 1003 -16.99 2.23 25.99
C CYS A 1003 -18.08 3.26 25.69
N TRP A 1004 -17.70 4.52 25.47
CA TRP A 1004 -18.69 5.50 25.02
C TRP A 1004 -19.17 5.16 23.62
N PHE A 1005 -18.28 4.70 22.74
CA PHE A 1005 -18.65 4.41 21.36
C PHE A 1005 -19.06 2.95 21.15
N MET A 1006 -19.65 2.29 22.14
CA MET A 1006 -20.05 0.90 22.00
C MET A 1006 -21.45 0.70 22.55
N PRO A 1007 -22.20 -0.32 22.03
CA PRO A 1007 -23.59 -0.56 22.44
C PRO A 1007 -23.74 -1.39 23.72
N ALA A 1008 -22.97 -1.04 24.75
CA ALA A 1008 -23.20 -1.47 26.13
C ALA A 1008 -23.13 -2.97 26.38
N LYS A 1009 -22.79 -3.77 25.38
CA LYS A 1009 -22.61 -5.20 25.61
C LYS A 1009 -21.16 -5.63 25.56
N PHE A 1010 -20.29 -4.85 24.93
CA PHE A 1010 -18.86 -5.13 24.93
C PHE A 1010 -18.11 -4.42 26.06
N HIS A 1011 -18.84 -3.71 26.93
CA HIS A 1011 -18.19 -2.81 27.90
C HIS A 1011 -17.27 -3.57 28.85
N ARG A 1012 -17.74 -4.70 29.39
CA ARG A 1012 -16.95 -5.46 30.35
C ARG A 1012 -15.67 -6.00 29.70
N PHE A 1013 -15.79 -6.55 28.50
CA PHE A 1013 -14.63 -7.12 27.81
C PHE A 1013 -13.60 -6.06 27.48
N ILE A 1014 -14.05 -4.91 26.97
CA ILE A 1014 -13.13 -3.84 26.63
C ILE A 1014 -12.47 -3.29 27.89
N TRP A 1015 -13.24 -3.14 28.97
CA TRP A 1015 -12.70 -2.63 30.22
C TRP A 1015 -11.62 -3.56 30.78
N ALA A 1016 -11.87 -4.87 30.76
CA ALA A 1016 -10.87 -5.82 31.26
C ALA A 1016 -9.64 -5.87 30.36
N ALA A 1017 -9.85 -5.85 29.03
CA ALA A 1017 -8.72 -5.94 28.12
C ALA A 1017 -7.88 -4.67 28.12
N ILE A 1018 -8.45 -3.54 28.53
CA ILE A 1018 -7.64 -2.35 28.73
C ILE A 1018 -6.96 -2.38 30.09
N SER A 1019 -7.68 -2.81 31.13
CA SER A 1019 -7.12 -2.84 32.47
C SER A 1019 -5.97 -3.84 32.61
N MET A 1020 -5.88 -4.82 31.72
CA MET A 1020 -4.72 -5.72 31.75
C MET A 1020 -3.43 -5.04 31.33
N PHE A 1021 -3.50 -3.83 30.76
CA PHE A 1021 -2.30 -3.17 30.24
C PHE A 1021 -1.40 -2.62 31.35
N ARG A 1022 -2.00 -2.17 32.46
CA ARG A 1022 -1.21 -1.43 33.45
C ARG A 1022 -0.50 -2.33 34.44
N ARG A 1023 0.17 -3.37 33.95
CA ARG A 1023 1.13 -4.13 34.75
C ARG A 1023 2.30 -4.55 33.86
N LYS A 1024 2.80 -3.62 33.05
CA LYS A 1024 3.81 -3.96 32.06
C LYS A 1024 5.11 -4.40 32.71
N LYS A 1025 5.64 -5.53 32.24
CA LYS A 1025 6.92 -6.08 32.69
C LYS A 1025 7.77 -6.35 31.45
N MET A 1026 8.78 -5.52 31.24
CA MET A 1026 9.60 -5.58 30.03
C MET A 1026 10.96 -6.19 30.35
N MET A 1027 11.34 -7.22 29.58
CA MET A 1027 12.64 -7.84 29.78
C MET A 1027 13.75 -6.95 29.24
N VAL A 1028 14.98 -7.30 29.63
CA VAL A 1028 16.19 -6.67 29.14
C VAL A 1028 17.13 -7.76 28.65
N ASP A 1029 18.20 -7.34 27.98
CA ASP A 1029 19.16 -8.29 27.45
C ASP A 1029 19.92 -8.99 28.57
N LEU A 1030 20.10 -10.30 28.42
CA LEU A 1030 20.79 -11.06 29.46
C LEU A 1030 22.28 -10.77 29.48
N ARG A 1031 22.88 -10.49 28.32
CA ARG A 1031 24.27 -10.09 28.29
C ARG A 1031 24.47 -8.71 28.93
N PHE A 1032 23.47 -7.83 28.77
CA PHE A 1032 23.54 -6.52 29.42
C PHE A 1032 23.57 -6.65 30.94
N LEU A 1033 22.75 -7.53 31.49
CA LEU A 1033 22.79 -7.77 32.93
C LEU A 1033 24.03 -8.53 33.35
N ALA A 1034 24.52 -9.44 32.50
CA ALA A 1034 25.72 -10.19 32.83
C ALA A 1034 26.93 -9.29 32.95
N HIS A 1035 27.04 -8.30 32.06
CA HIS A 1035 28.09 -7.30 32.21
C HIS A 1035 27.76 -6.28 33.29
N LEU A 1036 26.49 -6.07 33.57
CA LEU A 1036 26.08 -5.11 34.59
C LEU A 1036 26.32 -5.63 36.00
N SER A 1037 26.06 -6.92 36.23
CA SER A 1037 26.14 -7.47 37.58
C SER A 1037 27.58 -7.51 38.11
N SER A 1038 28.56 -7.59 37.21
CA SER A 1038 29.95 -7.70 37.65
C SER A 1038 30.44 -6.42 38.33
N LYS A 1039 29.99 -5.27 37.84
CA LYS A 1039 30.47 -3.98 38.33
C LYS A 1039 29.46 -3.37 39.29
N SER A 1040 29.96 -2.91 40.44
CA SER A 1040 29.11 -2.29 41.46
C SER A 1040 29.27 -0.78 41.53
N GLU A 1041 30.38 -0.23 41.05
CA GLU A 1041 30.60 1.21 41.00
C GLU A 1041 30.44 1.69 39.56
N SER A 1042 29.57 2.68 39.35
CA SER A 1042 29.16 3.09 38.02
C SER A 1042 30.06 4.15 37.42
N ARG A 1043 30.56 5.08 38.25
CA ARG A 1043 31.26 6.30 37.81
C ARG A 1043 30.30 7.06 36.91
N SER A 1044 30.65 7.38 35.66
CA SER A 1044 29.78 7.95 34.64
C SER A 1044 29.39 9.39 34.93
N SER A 1045 28.96 10.12 33.91
CA SER A 1045 28.56 11.52 34.04
C SER A 1045 27.06 11.72 33.89
N ASP A 1046 26.28 10.63 33.82
CA ASP A 1046 24.84 10.75 33.67
C ASP A 1046 24.13 10.06 34.84
N PRO A 1047 22.99 10.59 35.27
CA PRO A 1047 22.32 10.03 36.44
C PRO A 1047 21.67 8.67 36.19
N PHE A 1048 21.30 8.38 34.94
CA PHE A 1048 20.56 7.15 34.67
C PHE A 1048 21.42 5.91 34.89
N ARG A 1049 22.70 5.97 34.53
CA ARG A 1049 23.58 4.82 34.75
C ARG A 1049 23.79 4.55 36.23
N GLU A 1050 24.00 5.61 37.01
CA GLU A 1050 24.11 5.46 38.47
C GLU A 1050 22.84 4.88 39.06
N ALA A 1051 21.69 5.39 38.60
CA ALA A 1051 20.41 4.89 39.11
C ALA A 1051 20.21 3.42 38.77
N MET A 1052 20.53 3.02 37.55
CA MET A 1052 20.34 1.64 37.13
C MET A 1052 21.28 0.70 37.90
N THR A 1053 22.54 1.09 38.06
CA THR A 1053 23.49 0.26 38.80
C THR A 1053 23.07 0.12 40.26
N ASP A 1054 22.70 1.22 40.90
CA ASP A 1054 22.30 1.16 42.30
C ASP A 1054 20.99 0.41 42.49
N ALA A 1055 20.07 0.51 41.54
CA ALA A 1055 18.80 -0.20 41.66
C ALA A 1055 18.99 -1.70 41.47
N PHE A 1056 19.82 -2.10 40.50
CA PHE A 1056 20.08 -3.52 40.32
C PHE A 1056 20.86 -4.10 41.49
N HIS A 1057 21.83 -3.35 42.02
CA HIS A 1057 22.57 -3.82 43.19
C HIS A 1057 21.85 -3.51 44.50
N GLY A 1058 20.73 -2.81 44.46
CA GLY A 1058 19.97 -2.54 45.66
C GLY A 1058 20.51 -1.43 46.54
N ASN A 1059 21.50 -0.67 46.07
CA ASN A 1059 22.06 0.41 46.88
C ASN A 1059 21.03 1.51 47.10
N ARG A 1060 20.27 1.85 46.07
CA ARG A 1060 19.18 2.81 46.20
C ARG A 1060 17.90 2.16 45.67
N ASP A 1061 16.77 2.71 46.11
CA ASP A 1061 15.47 2.13 45.78
C ASP A 1061 14.74 3.03 44.79
N VAL A 1062 14.22 2.42 43.73
CA VAL A 1062 13.36 3.10 42.76
C VAL A 1062 12.13 2.23 42.54
N SER A 1063 11.06 2.87 42.07
CA SER A 1063 9.79 2.18 41.91
C SER A 1063 9.78 1.25 40.70
N TRP A 1064 10.50 1.60 39.64
CA TRP A 1064 10.40 0.87 38.38
C TRP A 1064 11.24 -0.40 38.33
N MET A 1065 12.11 -0.62 39.30
CA MET A 1065 12.93 -1.84 39.31
C MET A 1065 13.31 -2.18 40.74
N ASP A 1066 13.21 -3.47 41.08
CA ASP A 1066 13.60 -3.98 42.38
C ASP A 1066 14.89 -4.80 42.26
N LYS A 1067 15.38 -5.26 43.39
CA LYS A 1067 16.70 -5.89 43.45
C LYS A 1067 16.68 -7.28 42.82
N GLY A 1068 17.68 -7.56 41.98
CA GLY A 1068 17.89 -8.90 41.49
C GLY A 1068 16.89 -9.41 40.48
N ARG A 1069 16.20 -8.52 39.79
CA ARG A 1069 15.20 -8.91 38.81
C ARG A 1069 15.68 -8.57 37.40
N THR A 1070 15.25 -9.39 36.44
CA THR A 1070 15.63 -9.22 35.05
C THR A 1070 14.62 -8.40 34.26
N TYR A 1071 13.57 -7.90 34.89
CA TYR A 1071 12.50 -7.19 34.20
C TYR A 1071 12.39 -5.76 34.70
N ILE A 1072 11.94 -4.87 33.82
CA ILE A 1072 11.63 -3.49 34.17
C ILE A 1072 10.12 -3.35 34.22
N LYS A 1073 9.62 -2.87 35.36
CA LYS A 1073 8.18 -2.75 35.59
C LYS A 1073 7.76 -1.29 35.43
N THR A 1074 6.78 -1.06 34.56
CA THR A 1074 6.19 0.26 34.37
C THR A 1074 4.70 0.19 34.59
N GLU A 1075 4.05 1.36 34.59
CA GLU A 1075 2.62 1.45 34.82
C GLU A 1075 1.88 2.39 33.87
N THR A 1076 2.58 3.27 33.16
CA THR A 1076 1.93 4.32 32.38
C THR A 1076 2.22 4.14 30.90
N GLY A 1077 1.27 4.56 30.07
CA GLY A 1077 1.46 4.62 28.64
C GLY A 1077 1.02 3.35 27.92
N MET A 1078 0.84 3.49 26.61
CA MET A 1078 0.58 2.39 25.72
C MET A 1078 1.74 2.23 24.76
N MET A 1079 2.00 1.00 24.33
CA MET A 1079 3.15 0.75 23.48
C MET A 1079 2.89 1.26 22.06
N GLN A 1080 3.94 1.23 21.24
CA GLN A 1080 3.88 1.82 19.91
C GLN A 1080 3.05 0.94 18.98
N GLY A 1081 1.89 1.43 18.55
CA GLY A 1081 1.09 0.79 17.54
C GLY A 1081 0.09 -0.21 18.08
N ILE A 1082 0.28 -0.69 19.30
CA ILE A 1082 -0.59 -1.71 19.89
C ILE A 1082 -2.03 -1.21 19.99
N LEU A 1083 -2.20 0.07 20.32
CA LEU A 1083 -3.54 0.66 20.40
C LEU A 1083 -3.66 1.80 19.40
N HIS A 1084 -3.25 1.53 18.16
CA HIS A 1084 -3.18 2.56 17.12
C HIS A 1084 -4.54 3.19 16.86
N PHE A 1085 -5.56 2.36 16.62
CA PHE A 1085 -6.85 2.88 16.23
C PHE A 1085 -7.56 3.60 17.38
N THR A 1086 -7.36 3.16 18.62
CA THR A 1086 -7.97 3.85 19.74
C THR A 1086 -7.39 5.25 19.92
N SER A 1087 -6.07 5.38 19.75
CA SER A 1087 -5.44 6.69 19.80
C SER A 1087 -5.92 7.57 18.64
N SER A 1088 -6.10 6.97 17.45
CA SER A 1088 -6.65 7.73 16.33
C SER A 1088 -8.06 8.21 16.62
N LEU A 1089 -8.87 7.38 17.27
CA LEU A 1089 -10.22 7.76 17.63
C LEU A 1089 -10.24 8.90 18.65
N LEU A 1090 -9.35 8.84 19.64
CA LEU A 1090 -9.23 9.93 20.60
C LEU A 1090 -8.82 11.23 19.92
N HIS A 1091 -7.85 11.14 19.01
CA HIS A 1091 -7.42 12.33 18.26
C HIS A 1091 -8.56 12.89 17.42
N SER A 1092 -9.37 12.01 16.83
CA SER A 1092 -10.52 12.45 16.05
C SER A 1092 -11.52 13.19 16.92
N CYS A 1093 -11.77 12.68 18.13
CA CYS A 1093 -12.67 13.37 19.06
C CYS A 1093 -12.14 14.76 19.41
N VAL A 1094 -10.84 14.85 19.68
CA VAL A 1094 -10.24 16.15 20.02
C VAL A 1094 -10.35 17.12 18.85
N GLN A 1095 -10.10 16.65 17.63
CA GLN A 1095 -10.16 17.52 16.46
C GLN A 1095 -11.59 17.95 16.17
N SER A 1096 -12.57 17.07 16.40
CA SER A 1096 -13.97 17.45 16.23
C SER A 1096 -14.37 18.54 17.23
N PHE A 1097 -13.94 18.39 18.48
CA PHE A 1097 -14.20 19.44 19.48
C PHE A 1097 -13.54 20.75 19.07
N TYR A 1098 -12.32 20.68 18.54
CA TYR A 1098 -11.63 21.89 18.07
C TYR A 1098 -12.40 22.56 16.95
N LYS A 1099 -12.92 21.79 16.00
CA LYS A 1099 -13.67 22.37 14.90
C LYS A 1099 -14.96 23.02 15.38
N SER A 1100 -15.67 22.36 16.30
CA SER A 1100 -16.90 22.95 16.83
C SER A 1100 -16.62 24.24 17.58
N TYR A 1101 -15.57 24.25 18.41
CA TYR A 1101 -15.19 25.47 19.13
C TYR A 1101 -14.77 26.58 18.17
N PHE A 1102 -14.02 26.24 17.12
CA PHE A 1102 -13.58 27.23 16.14
C PHE A 1102 -14.75 27.87 15.41
N VAL A 1103 -15.72 27.05 14.98
CA VAL A 1103 -16.85 27.63 14.25
C VAL A 1103 -17.75 28.43 15.21
N SER A 1104 -17.86 27.99 16.47
CA SER A 1104 -18.63 28.75 17.45
C SER A 1104 -18.03 30.11 17.70
N LYS A 1105 -16.71 30.20 17.82
CA LYS A 1105 -16.08 31.51 17.99
C LYS A 1105 -16.02 32.29 16.69
N LEU A 1106 -16.05 31.62 15.54
CA LEU A 1106 -16.07 32.32 14.26
C LEU A 1106 -17.42 32.96 13.99
N LYS A 1107 -18.49 32.41 14.57
CA LYS A 1107 -19.79 33.08 14.48
C LYS A 1107 -19.73 34.47 15.09
N GLU A 1108 -19.10 34.59 16.25
CA GLU A 1108 -18.79 35.91 16.81
C GLU A 1108 -17.55 36.49 16.11
N GLY A 1109 -17.23 37.74 16.44
CA GLY A 1109 -16.10 38.39 15.83
C GLY A 1109 -15.56 39.51 16.69
N TYR A 1110 -14.59 40.23 16.13
CA TYR A 1110 -14.03 41.39 16.80
C TYR A 1110 -15.07 42.50 16.90
N MET A 1111 -15.23 43.04 18.13
CA MET A 1111 -16.23 44.05 18.45
C MET A 1111 -17.64 43.59 18.06
N GLY A 1112 -17.92 42.32 18.31
CA GLY A 1112 -19.23 41.76 18.02
C GLY A 1112 -19.60 41.70 16.55
N GLU A 1113 -18.63 41.37 15.69
CA GLU A 1113 -18.87 41.24 14.26
C GLU A 1113 -19.11 39.77 13.93
N SER A 1114 -19.23 39.47 12.63
CA SER A 1114 -19.48 38.11 12.17
C SER A 1114 -18.48 37.77 11.08
N ILE A 1115 -17.41 37.08 11.44
CA ILE A 1115 -16.43 36.63 10.47
C ILE A 1115 -16.97 35.40 9.75
N SER A 1116 -16.99 35.44 8.42
CA SER A 1116 -17.48 34.34 7.61
C SER A 1116 -16.30 33.50 7.14
N GLY A 1117 -16.42 32.18 7.28
CA GLY A 1117 -15.35 31.30 6.86
C GLY A 1117 -15.74 29.86 7.03
N VAL A 1118 -14.83 28.98 6.60
CA VAL A 1118 -15.02 27.54 6.68
C VAL A 1118 -13.81 26.92 7.35
N VAL A 1119 -14.04 25.90 8.17
CA VAL A 1119 -12.99 25.23 8.92
C VAL A 1119 -12.95 23.76 8.46
N ASP A 1120 -11.79 23.32 8.01
CA ASP A 1120 -11.56 21.93 7.63
C ASP A 1120 -10.43 21.38 8.48
N VAL A 1121 -10.62 20.16 8.99
CA VAL A 1121 -9.68 19.54 9.92
C VAL A 1121 -9.41 18.11 9.46
N ILE A 1122 -8.15 17.72 9.51
CA ILE A 1122 -7.74 16.37 9.11
C ILE A 1122 -6.63 15.91 10.04
N GLU A 1123 -6.60 14.61 10.34
CA GLU A 1123 -5.66 14.08 11.31
C GLU A 1123 -5.36 12.62 10.98
N GLY A 1124 -4.24 12.14 11.51
CA GLY A 1124 -3.87 10.74 11.36
C GLY A 1124 -3.77 10.04 12.70
N SER A 1125 -2.59 9.49 13.02
CA SER A 1125 -2.35 8.92 14.35
C SER A 1125 -2.01 10.04 15.33
N ASP A 1126 -0.92 10.76 15.06
CA ASP A 1126 -0.58 11.94 15.83
C ASP A 1126 -0.53 13.21 14.99
N ASP A 1127 -0.29 13.09 13.68
CA ASP A 1127 -0.20 14.26 12.82
C ASP A 1127 -1.58 14.83 12.56
N SER A 1128 -1.65 16.14 12.37
CA SER A 1128 -2.92 16.82 12.20
C SER A 1128 -2.69 18.07 11.36
N ALA A 1129 -3.80 18.63 10.87
CA ALA A 1129 -3.76 19.87 10.11
C ALA A 1129 -5.10 20.56 10.22
N ILE A 1130 -5.07 21.88 10.40
CA ILE A 1130 -6.27 22.69 10.44
C ILE A 1130 -6.19 23.69 9.30
N MET A 1131 -7.18 23.66 8.42
CA MET A 1131 -7.25 24.58 7.29
C MET A 1131 -8.50 25.44 7.46
N ILE A 1132 -8.31 26.75 7.55
CA ILE A 1132 -9.40 27.70 7.72
C ILE A 1132 -9.22 28.83 6.73
N SER A 1133 -10.28 29.16 6.00
CA SER A 1133 -10.24 30.19 4.97
C SER A 1133 -11.35 31.20 5.23
N ILE A 1134 -11.04 32.48 5.02
CA ILE A 1134 -11.99 33.57 5.24
C ILE A 1134 -11.93 34.50 4.04
N ARG A 1135 -12.98 35.29 3.88
CA ARG A 1135 -13.09 36.23 2.76
C ARG A 1135 -13.33 37.64 3.28
N PRO A 1136 -12.36 38.54 3.21
CA PRO A 1136 -12.57 39.92 3.65
C PRO A 1136 -13.05 40.82 2.51
N LYS A 1137 -13.58 41.97 2.90
CA LYS A 1137 -14.13 42.93 1.96
C LYS A 1137 -13.27 44.18 1.79
N SER A 1138 -12.48 44.53 2.79
CA SER A 1138 -11.69 45.76 2.77
C SER A 1138 -10.32 45.44 3.37
N ASP A 1139 -9.57 46.49 3.73
CA ASP A 1139 -8.24 46.29 4.30
C ASP A 1139 -8.30 46.11 5.82
N MET A 1140 -8.96 47.02 6.53
CA MET A 1140 -8.95 47.02 7.99
C MET A 1140 -9.60 45.75 8.55
N ASP A 1141 -10.76 45.36 8.01
CA ASP A 1141 -11.39 44.13 8.46
C ASP A 1141 -10.55 42.91 8.09
N GLU A 1142 -9.82 42.97 6.97
CA GLU A 1142 -8.91 41.89 6.63
C GLU A 1142 -7.82 41.72 7.68
N VAL A 1143 -7.22 42.83 8.12
CA VAL A 1143 -6.17 42.75 9.12
C VAL A 1143 -6.71 42.29 10.47
N ARG A 1144 -7.90 42.78 10.86
CA ARG A 1144 -8.51 42.33 12.10
C ARG A 1144 -8.86 40.84 12.05
N SER A 1145 -9.36 40.39 10.90
CA SER A 1145 -9.69 38.98 10.73
C SER A 1145 -8.46 38.11 10.79
N ARG A 1146 -7.35 38.56 10.20
CA ARG A 1146 -6.12 37.76 10.24
C ARG A 1146 -5.56 37.70 11.65
N PHE A 1147 -5.66 38.79 12.41
CA PHE A 1147 -5.24 38.76 13.81
C PHE A 1147 -6.11 37.80 14.63
N PHE A 1148 -7.42 37.82 14.38
CA PHE A 1148 -8.32 36.90 15.06
C PHE A 1148 -8.00 35.44 14.74
N VAL A 1149 -7.71 35.16 13.47
CA VAL A 1149 -7.34 33.81 13.07
C VAL A 1149 -6.02 33.40 13.69
N ALA A 1150 -5.07 34.33 13.82
CA ALA A 1150 -3.82 34.03 14.50
C ALA A 1150 -4.04 33.67 15.96
N ASN A 1151 -4.94 34.40 16.64
CA ASN A 1151 -5.29 34.05 18.02
C ASN A 1151 -5.91 32.65 18.10
N LEU A 1152 -6.83 32.35 17.17
CA LEU A 1152 -7.49 31.06 17.17
C LEU A 1152 -6.51 29.92 16.94
N LEU A 1153 -5.57 30.10 16.01
CA LEU A 1153 -4.58 29.06 15.74
C LEU A 1153 -3.49 29.00 16.81
N HIS A 1154 -3.33 30.04 17.62
CA HIS A 1154 -2.34 29.97 18.69
C HIS A 1154 -2.90 29.37 19.96
N SER A 1155 -4.22 29.43 20.17
CA SER A 1155 -4.79 28.88 21.40
C SER A 1155 -4.73 27.35 21.48
N VAL A 1156 -4.41 26.66 20.37
CA VAL A 1156 -4.49 25.20 20.36
C VAL A 1156 -3.40 24.58 21.23
N LYS A 1157 -2.21 25.17 21.26
CA LYS A 1157 -1.12 24.60 22.04
C LYS A 1157 -1.33 24.77 23.53
N PHE A 1158 -2.30 25.59 23.95
CA PHE A 1158 -2.67 25.68 25.36
C PHE A 1158 -3.94 24.92 25.68
N LEU A 1159 -4.81 24.71 24.68
CA LEU A 1159 -5.91 23.77 24.89
C LEU A 1159 -5.45 22.32 24.87
N ASN A 1160 -4.28 22.05 24.30
CA ASN A 1160 -3.71 20.70 24.20
C ASN A 1160 -3.18 20.10 25.50
N PRO A 1161 -2.72 20.88 26.50
CA PRO A 1161 -2.49 20.27 27.82
C PRO A 1161 -3.73 19.61 28.40
N LEU A 1162 -4.91 20.18 28.19
CA LEU A 1162 -6.14 19.44 28.42
C LEU A 1162 -6.20 18.29 27.42
N PHE A 1163 -6.77 17.17 27.86
CA PHE A 1163 -6.57 15.84 27.29
C PHE A 1163 -5.11 15.45 27.51
N GLY A 1164 -4.55 14.59 26.66
CA GLY A 1164 -3.19 14.16 26.83
C GLY A 1164 -2.29 14.40 25.63
N ILE A 1165 -2.43 15.56 24.99
CA ILE A 1165 -1.79 15.77 23.68
C ILE A 1165 -0.33 16.18 23.85
N TYR A 1166 -0.09 17.35 24.45
CA TYR A 1166 1.25 17.92 24.62
C TYR A 1166 1.95 18.12 23.28
N SER A 1167 1.42 19.07 22.51
CA SER A 1167 1.90 19.37 21.16
C SER A 1167 3.40 19.62 21.13
N SER A 1168 4.04 19.11 20.08
CA SER A 1168 5.49 19.05 20.01
C SER A 1168 6.08 20.37 19.49
N GLU A 1169 7.41 20.42 19.44
CA GLU A 1169 8.12 21.57 18.91
C GLU A 1169 8.15 21.60 17.39
N LYS A 1170 7.96 20.45 16.74
CA LYS A 1170 8.05 20.38 15.29
C LYS A 1170 6.83 20.94 14.59
N SER A 1171 5.79 21.31 15.33
CA SER A 1171 4.58 21.87 14.73
C SER A 1171 4.84 23.29 14.24
N THR A 1172 4.41 23.58 13.02
CA THR A 1172 4.49 24.92 12.44
C THR A 1172 3.08 25.46 12.28
N VAL A 1173 2.84 26.64 12.86
CA VAL A 1173 1.49 27.19 12.98
C VAL A 1173 1.39 28.49 12.19
N ASN A 1174 0.18 28.78 11.73
CA ASN A 1174 -0.20 30.08 11.14
C ASN A 1174 0.61 30.38 9.88
N THR A 1175 0.40 29.54 8.87
CA THR A 1175 0.93 29.76 7.53
C THR A 1175 -0.23 29.93 6.56
N VAL A 1176 -0.05 30.82 5.57
CA VAL A 1176 -1.17 31.24 4.73
C VAL A 1176 -1.50 30.20 3.67
N TYR A 1177 -0.57 29.97 2.74
CA TYR A 1177 -0.88 29.20 1.54
C TYR A 1177 -0.02 27.96 1.43
N CYS A 1178 0.17 27.27 2.57
CA CYS A 1178 0.89 26.00 2.55
C CYS A 1178 0.42 25.16 3.72
N VAL A 1179 0.48 23.84 3.54
CA VAL A 1179 0.14 22.89 4.58
C VAL A 1179 0.77 21.54 4.24
N GLU A 1180 1.43 20.92 5.21
CA GLU A 1180 2.02 19.60 5.03
C GLU A 1180 1.26 18.59 5.90
N TYR A 1181 1.11 17.37 5.38
CA TYR A 1181 0.43 16.31 6.09
C TYR A 1181 0.91 14.98 5.54
N ASN A 1182 1.55 14.18 6.40
CA ASN A 1182 2.14 12.88 6.02
C ASN A 1182 3.13 13.05 4.88
N SER A 1183 4.06 13.99 5.06
CA SER A 1183 5.17 14.24 4.13
C SER A 1183 4.68 14.59 2.72
N GLU A 1184 3.53 15.25 2.63
CA GLU A 1184 3.00 15.75 1.37
C GLU A 1184 2.83 17.26 1.48
N PHE A 1185 3.57 18.00 0.66
CA PHE A 1185 3.63 19.45 0.78
C PHE A 1185 2.78 20.09 -0.31
N HIS A 1186 1.76 20.84 0.09
CA HIS A 1186 0.93 21.61 -0.83
C HIS A 1186 1.37 23.07 -0.75
N PHE A 1187 1.88 23.60 -1.84
CA PHE A 1187 2.28 25.00 -1.92
C PHE A 1187 1.41 25.65 -2.98
N HIS A 1188 0.24 26.11 -2.56
CA HIS A 1188 -0.82 26.66 -3.43
C HIS A 1188 -1.14 25.58 -4.46
N ARG A 1189 -1.09 25.89 -5.76
CA ARG A 1189 -1.41 24.91 -6.79
C ARG A 1189 -0.19 24.11 -7.24
N HIS A 1190 0.94 24.27 -6.57
CA HIS A 1190 2.14 23.49 -6.84
C HIS A 1190 2.27 22.42 -5.76
N LEU A 1191 2.13 21.16 -6.15
CA LEU A 1191 2.26 20.04 -5.24
C LEU A 1191 3.66 19.44 -5.36
N VAL A 1192 4.34 19.30 -4.24
CA VAL A 1192 5.72 18.81 -4.21
C VAL A 1192 5.75 17.52 -3.40
N ARG A 1193 6.34 16.48 -3.99
CA ARG A 1193 6.61 15.23 -3.30
C ARG A 1193 8.09 14.92 -3.39
N PRO A 1194 8.76 14.62 -2.28
CA PRO A 1194 10.21 14.40 -2.32
C PRO A 1194 10.58 13.07 -2.94
N THR A 1195 11.09 13.08 -4.17
CA THR A 1195 11.43 11.86 -4.88
C THR A 1195 12.81 11.34 -4.55
N LEU A 1196 13.61 12.10 -3.81
CA LEU A 1196 14.93 11.62 -3.41
C LEU A 1196 14.82 10.44 -2.46
N ARG A 1197 13.79 10.43 -1.61
CA ARG A 1197 13.58 9.33 -0.67
C ARG A 1197 13.22 8.03 -1.38
N TRP A 1198 12.73 8.09 -2.62
CA TRP A 1198 12.48 6.89 -3.41
C TRP A 1198 13.62 6.56 -4.36
N ILE A 1199 14.34 7.56 -4.85
CA ILE A 1199 15.51 7.29 -5.67
C ILE A 1199 16.61 6.64 -4.85
N ALA A 1200 16.75 7.04 -3.58
CA ALA A 1200 17.73 6.42 -2.71
C ALA A 1200 17.41 4.95 -2.45
N ALA A 1201 16.14 4.62 -2.28
CA ALA A 1201 15.71 3.24 -2.00
C ALA A 1201 15.30 2.52 -3.27
N SER A 1202 16.26 2.37 -4.18
CA SER A 1202 16.01 1.69 -5.46
C SER A 1202 16.81 0.40 -5.60
N HIS A 1203 17.47 -0.05 -4.53
CA HIS A 1203 18.26 -1.28 -4.59
C HIS A 1203 17.98 -2.22 -3.44
N GLN A 1204 16.93 -1.97 -2.67
CA GLN A 1204 16.61 -2.81 -1.49
C GLN A 1204 15.77 -4.01 -1.92
N ILE A 1205 16.41 -4.88 -2.69
CA ILE A 1205 15.75 -6.09 -3.19
C ILE A 1205 15.63 -7.12 -2.06
N SER A 1206 14.82 -8.14 -2.28
CA SER A 1206 14.58 -9.18 -1.29
C SER A 1206 15.04 -10.53 -1.83
N GLU A 1207 15.44 -11.40 -0.91
CA GLU A 1207 15.86 -12.75 -1.28
C GLU A 1207 14.68 -13.55 -1.79
N THR A 1208 14.86 -14.23 -2.93
CA THR A 1208 13.79 -14.96 -3.59
C THR A 1208 14.36 -16.26 -4.15
N GLU A 1209 13.44 -17.11 -4.65
CA GLU A 1209 13.84 -18.40 -5.19
C GLU A 1209 14.33 -18.34 -6.63
N ALA A 1210 14.06 -17.26 -7.35
CA ALA A 1210 14.39 -17.19 -8.77
C ALA A 1210 14.86 -15.79 -9.13
N LEU A 1211 15.56 -15.71 -10.27
CA LEU A 1211 16.05 -14.42 -10.76
C LEU A 1211 14.93 -13.55 -11.30
N ALA A 1212 13.87 -14.18 -11.82
CA ALA A 1212 12.73 -13.42 -12.33
C ALA A 1212 12.08 -12.60 -11.23
N SER A 1213 12.01 -13.15 -10.01
CA SER A 1213 11.48 -12.39 -8.90
C SER A 1213 12.37 -11.20 -8.56
N ARG A 1214 13.70 -11.35 -8.71
CA ARG A 1214 14.60 -10.21 -8.53
C ARG A 1214 14.30 -9.12 -9.55
N GLN A 1215 14.10 -9.51 -10.82
CA GLN A 1215 13.80 -8.52 -11.85
C GLN A 1215 12.44 -7.85 -11.62
N GLU A 1216 11.46 -8.62 -11.15
CA GLU A 1216 10.15 -8.05 -10.86
C GLU A 1216 10.20 -7.11 -9.65
N ASP A 1217 11.02 -7.43 -8.66
CA ASP A 1217 11.21 -6.51 -7.55
C ASP A 1217 11.87 -5.22 -8.01
N TYR A 1218 12.85 -5.33 -8.91
CA TYR A 1218 13.43 -4.15 -9.54
C TYR A 1218 12.36 -3.32 -10.24
N SER A 1219 11.46 -3.99 -10.96
CA SER A 1219 10.38 -3.29 -11.65
C SER A 1219 9.44 -2.59 -10.67
N ASN A 1220 9.11 -3.25 -9.56
CA ASN A 1220 8.23 -2.63 -8.57
C ASN A 1220 8.88 -1.40 -7.94
N LEU A 1221 10.17 -1.49 -7.62
CA LEU A 1221 10.88 -0.34 -7.07
C LEU A 1221 10.95 0.80 -8.08
N LEU A 1222 11.16 0.47 -9.36
CA LEU A 1222 11.20 1.50 -10.39
C LEU A 1222 9.85 2.18 -10.56
N THR A 1223 8.76 1.41 -10.50
CA THR A 1223 7.42 1.98 -10.57
C THR A 1223 7.16 2.91 -9.39
N GLN A 1224 7.55 2.49 -8.19
CA GLN A 1224 7.37 3.34 -7.02
C GLN A 1224 8.20 4.62 -7.12
N CYS A 1225 9.40 4.52 -7.71
CA CYS A 1225 10.20 5.71 -7.94
C CYS A 1225 9.53 6.65 -8.94
N LEU A 1226 8.94 6.09 -10.00
CA LEU A 1226 8.25 6.94 -10.97
C LEU A 1226 7.03 7.62 -10.36
N GLU A 1227 6.28 6.91 -9.52
CA GLU A 1227 5.06 7.48 -8.95
C GLU A 1227 5.33 8.64 -8.01
N GLY A 1228 6.55 8.77 -7.50
CA GLY A 1228 6.89 9.95 -6.71
C GLY A 1228 6.99 11.21 -7.54
N GLY A 1229 7.14 11.07 -8.85
CA GLY A 1229 7.19 12.20 -9.77
C GLY A 1229 8.56 12.40 -10.37
N ALA A 1230 8.76 11.87 -11.58
CA ALA A 1230 10.06 11.95 -12.22
C ALA A 1230 9.86 11.82 -13.72
N SER A 1231 10.79 12.40 -14.47
CA SER A 1231 10.76 12.31 -15.91
C SER A 1231 11.10 10.90 -16.37
N PHE A 1232 10.62 10.54 -17.56
CA PHE A 1232 10.85 9.19 -18.07
C PHE A 1232 12.32 8.97 -18.43
N SER A 1233 13.04 10.03 -18.79
CA SER A 1233 14.49 9.91 -19.01
C SER A 1233 15.21 9.54 -17.72
N LEU A 1234 14.80 10.16 -16.61
CA LEU A 1234 15.38 9.83 -15.33
C LEU A 1234 15.05 8.39 -14.94
N THR A 1235 13.83 7.95 -15.22
CA THR A 1235 13.45 6.57 -14.93
C THR A 1235 14.26 5.58 -15.76
N TYR A 1236 14.53 5.93 -17.03
CA TYR A 1236 15.35 5.08 -17.89
C TYR A 1236 16.78 4.99 -17.36
N LEU A 1237 17.34 6.12 -16.91
CA LEU A 1237 18.69 6.09 -16.36
C LEU A 1237 18.76 5.30 -15.06
N ILE A 1238 17.72 5.40 -14.23
CA ILE A 1238 17.66 4.60 -13.01
C ILE A 1238 17.56 3.12 -13.35
N GLN A 1239 16.82 2.79 -14.42
CA GLN A 1239 16.76 1.40 -14.85
C GLN A 1239 18.11 0.90 -15.34
N CYS A 1240 18.88 1.77 -16.01
CA CYS A 1240 20.25 1.40 -16.39
C CYS A 1240 21.09 1.11 -15.15
N ALA A 1241 20.96 1.95 -14.12
CA ALA A 1241 21.68 1.72 -12.87
C ALA A 1241 21.26 0.41 -12.22
N GLN A 1242 19.96 0.10 -12.25
CA GLN A 1242 19.47 -1.17 -11.72
C GLN A 1242 20.05 -2.35 -12.48
N LEU A 1243 20.14 -2.23 -13.81
CA LEU A 1243 20.74 -3.28 -14.62
C LEU A 1243 22.20 -3.50 -14.23
N LEU A 1244 22.95 -2.41 -14.06
CA LEU A 1244 24.33 -2.54 -13.63
C LEU A 1244 24.44 -3.20 -12.27
N HIS A 1245 23.56 -2.83 -11.33
CA HIS A 1245 23.57 -3.43 -10.00
C HIS A 1245 23.27 -4.92 -10.06
N HIS A 1246 22.28 -5.32 -10.87
CA HIS A 1246 21.93 -6.73 -10.98
C HIS A 1246 23.06 -7.55 -11.58
N TYR A 1247 23.67 -7.03 -12.65
CA TYR A 1247 24.76 -7.77 -13.28
C TYR A 1247 26.00 -7.82 -12.40
N MET A 1248 26.22 -6.79 -11.58
CA MET A 1248 27.29 -6.86 -10.59
C MET A 1248 26.99 -7.87 -9.51
N LEU A 1249 25.71 -7.99 -9.11
CA LEU A 1249 25.35 -8.98 -8.11
C LEU A 1249 25.48 -10.40 -8.64
N LEU A 1250 25.30 -10.60 -9.95
CA LEU A 1250 25.48 -11.93 -10.52
C LEU A 1250 26.94 -12.25 -10.80
N GLY A 1251 27.80 -12.06 -9.81
CA GLY A 1251 29.21 -12.46 -9.90
C GLY A 1251 30.00 -11.79 -11.01
N LEU A 1252 29.83 -10.48 -11.21
CA LEU A 1252 30.58 -9.80 -12.26
C LEU A 1252 32.04 -9.63 -11.88
N CYS A 1253 32.32 -9.25 -10.64
CA CYS A 1253 33.68 -8.98 -10.19
C CYS A 1253 34.16 -9.97 -9.14
N LEU A 1254 33.46 -11.10 -8.98
CA LEU A 1254 33.84 -12.10 -8.00
C LEU A 1254 34.07 -13.48 -8.59
N HIS A 1255 33.75 -13.70 -9.86
CA HIS A 1255 33.90 -15.00 -10.49
C HIS A 1255 34.72 -14.85 -11.77
N PRO A 1256 35.71 -15.70 -12.00
CA PRO A 1256 36.56 -15.54 -13.20
C PRO A 1256 35.87 -15.91 -14.50
N LEU A 1257 34.79 -16.68 -14.45
CA LEU A 1257 34.13 -17.18 -15.66
C LEU A 1257 32.91 -16.35 -16.04
N PHE A 1258 32.86 -15.08 -15.66
CA PHE A 1258 31.74 -14.25 -16.07
C PHE A 1258 31.83 -13.86 -17.53
N GLY A 1259 33.05 -13.69 -18.06
CA GLY A 1259 33.21 -13.37 -19.46
C GLY A 1259 32.71 -14.48 -20.37
N THR A 1260 33.02 -15.73 -20.02
CA THR A 1260 32.45 -16.86 -20.72
C THR A 1260 30.93 -16.89 -20.56
N PHE A 1261 30.45 -16.54 -19.36
CA PHE A 1261 29.02 -16.54 -19.10
C PHE A 1261 28.28 -15.53 -19.99
N MET A 1262 28.81 -14.31 -20.10
CA MET A 1262 28.12 -13.33 -20.94
C MET A 1262 28.28 -13.64 -22.42
N GLY A 1263 29.47 -14.10 -22.82
CA GLY A 1263 29.68 -14.48 -24.22
C GLY A 1263 28.83 -15.66 -24.65
N MET A 1264 28.44 -16.51 -23.70
CA MET A 1264 27.52 -17.60 -23.98
C MET A 1264 26.06 -17.16 -23.86
N LEU A 1265 25.78 -16.19 -22.99
CA LEU A 1265 24.41 -15.76 -22.73
C LEU A 1265 23.87 -14.86 -23.84
N ILE A 1266 24.73 -14.10 -24.51
CA ILE A 1266 24.27 -13.18 -25.55
C ILE A 1266 23.60 -13.90 -26.72
N SER A 1267 23.88 -15.19 -26.89
CA SER A 1267 23.17 -15.97 -27.91
C SER A 1267 21.72 -16.21 -27.50
N ASP A 1268 21.48 -16.45 -26.22
CA ASP A 1268 20.15 -16.83 -25.72
C ASP A 1268 19.73 -15.92 -24.58
N PRO A 1269 19.09 -14.78 -24.87
CA PRO A 1269 18.54 -13.95 -23.79
C PRO A 1269 17.32 -14.64 -23.17
N ASP A 1270 17.30 -14.69 -21.84
CA ASP A 1270 16.25 -15.43 -21.15
C ASP A 1270 16.02 -14.93 -19.74
N PRO A 1271 14.85 -14.37 -19.45
CA PRO A 1271 14.52 -14.01 -18.06
C PRO A 1271 14.37 -15.25 -17.20
N ALA A 1272 14.61 -15.07 -15.90
CA ALA A 1272 14.73 -16.15 -14.92
C ALA A 1272 15.89 -17.07 -15.23
N LEU A 1273 16.84 -16.59 -16.02
CA LEU A 1273 18.04 -17.33 -16.38
C LEU A 1273 19.30 -16.50 -16.31
N GLY A 1274 19.21 -15.17 -16.24
CA GLY A 1274 20.39 -14.33 -16.17
C GLY A 1274 20.28 -13.04 -16.95
N PHE A 1275 19.40 -13.01 -17.95
CA PHE A 1275 19.23 -11.82 -18.77
C PHE A 1275 18.29 -10.83 -18.10
N PHE A 1276 18.55 -9.55 -18.33
CA PHE A 1276 17.79 -8.46 -17.72
C PHE A 1276 17.05 -7.70 -18.82
N LEU A 1277 15.73 -7.79 -18.83
CA LEU A 1277 14.93 -7.07 -19.80
C LEU A 1277 14.84 -5.59 -19.43
N MET A 1278 14.70 -4.75 -20.46
CA MET A 1278 14.70 -3.31 -20.29
C MET A 1278 13.53 -2.70 -21.03
N ASP A 1279 12.98 -1.62 -20.48
CA ASP A 1279 11.76 -1.03 -20.98
C ASP A 1279 12.05 0.04 -22.03
N ASN A 1280 10.98 0.48 -22.70
CA ASN A 1280 11.10 1.54 -23.69
C ASN A 1280 11.38 2.87 -23.00
N PRO A 1281 12.29 3.69 -23.55
CA PRO A 1281 12.62 4.96 -22.89
C PRO A 1281 11.46 5.93 -22.78
N ALA A 1282 10.53 5.93 -23.74
CA ALA A 1282 9.41 6.86 -23.68
C ALA A 1282 8.46 6.51 -22.54
N PHE A 1283 8.14 5.22 -22.38
CA PHE A 1283 7.23 4.76 -21.33
C PHE A 1283 7.97 3.67 -20.56
N ALA A 1284 8.61 4.05 -19.46
CA ALA A 1284 9.56 3.19 -18.75
C ALA A 1284 9.01 2.59 -17.47
N GLY A 1285 8.30 3.36 -16.65
CA GLY A 1285 7.85 2.84 -15.37
C GLY A 1285 6.42 2.31 -15.37
N GLY A 1286 5.59 2.84 -16.28
CA GLY A 1286 4.20 2.42 -16.30
C GLY A 1286 4.02 0.97 -16.72
N ALA A 1287 4.79 0.52 -17.71
CA ALA A 1287 4.68 -0.84 -18.18
C ALA A 1287 5.28 -1.81 -17.18
N GLY A 1288 4.56 -2.89 -16.89
CA GLY A 1288 5.03 -3.89 -15.96
C GLY A 1288 6.00 -4.87 -16.58
N PHE A 1289 6.25 -5.96 -15.85
CA PHE A 1289 7.16 -6.99 -16.34
C PHE A 1289 6.51 -7.86 -17.40
N ARG A 1290 5.20 -8.08 -17.33
CA ARG A 1290 4.52 -8.91 -18.32
C ARG A 1290 4.55 -8.26 -19.69
N PHE A 1291 4.46 -6.92 -19.74
CA PHE A 1291 4.54 -6.24 -21.04
C PHE A 1291 5.92 -6.42 -21.67
N ASN A 1292 6.97 -6.33 -20.87
CA ASN A 1292 8.31 -6.56 -21.39
C ASN A 1292 8.49 -8.01 -21.81
N LEU A 1293 7.90 -8.94 -21.06
CA LEU A 1293 7.94 -10.35 -21.46
C LEU A 1293 7.25 -10.57 -22.79
N TRP A 1294 6.09 -9.93 -23.00
CA TRP A 1294 5.37 -10.06 -24.25
C TRP A 1294 6.16 -9.47 -25.41
N ARG A 1295 6.78 -8.31 -25.19
CA ARG A 1295 7.61 -7.71 -26.24
C ARG A 1295 8.80 -8.60 -26.57
N ALA A 1296 9.45 -9.18 -25.56
CA ALA A 1296 10.57 -10.08 -25.81
C ALA A 1296 10.14 -11.33 -26.55
N CYS A 1297 9.00 -11.91 -26.17
CA CYS A 1297 8.54 -13.13 -26.82
C CYS A 1297 8.11 -12.87 -28.25
N LYS A 1298 7.57 -11.69 -28.54
CA LYS A 1298 7.19 -11.37 -29.91
C LYS A 1298 8.33 -10.79 -30.73
N THR A 1299 9.46 -10.47 -30.12
CA THR A 1299 10.58 -9.87 -30.85
C THR A 1299 11.74 -10.85 -31.07
N THR A 1300 12.29 -11.42 -30.00
CA THR A 1300 13.50 -12.21 -30.09
C THR A 1300 13.21 -13.70 -29.91
N ASP A 1301 14.27 -14.50 -29.82
CA ASP A 1301 14.21 -15.96 -29.81
C ASP A 1301 13.59 -16.55 -28.54
N LEU A 1302 13.16 -15.71 -27.58
CA LEU A 1302 12.49 -16.23 -26.40
C LEU A 1302 11.15 -16.88 -26.75
N GLY A 1303 10.54 -16.42 -27.84
CA GLY A 1303 9.25 -16.97 -28.25
C GLY A 1303 9.33 -18.43 -28.63
N ARG A 1304 10.45 -18.86 -29.21
CA ARG A 1304 10.61 -20.27 -29.57
C ARG A 1304 10.63 -21.16 -28.34
N LYS A 1305 11.41 -20.76 -27.32
CA LYS A 1305 11.46 -21.53 -26.09
C LYS A 1305 10.12 -21.52 -25.37
N TYR A 1306 9.44 -20.38 -25.34
CA TYR A 1306 8.13 -20.31 -24.71
C TYR A 1306 7.12 -21.18 -25.45
N ALA A 1307 7.20 -21.21 -26.78
CA ALA A 1307 6.31 -22.05 -27.57
C ALA A 1307 6.56 -23.52 -27.28
N TYR A 1308 7.82 -23.93 -27.18
CA TYR A 1308 8.10 -25.33 -26.86
C TYR A 1308 7.63 -25.69 -25.45
N TYR A 1309 7.84 -24.79 -24.48
CA TYR A 1309 7.37 -25.03 -23.13
C TYR A 1309 5.86 -25.18 -23.09
N PHE A 1310 5.14 -24.28 -23.77
CA PHE A 1310 3.68 -24.36 -23.74
C PHE A 1310 3.17 -25.56 -24.52
N ASN A 1311 3.86 -25.96 -25.60
CA ASN A 1311 3.46 -27.17 -26.33
C ASN A 1311 3.65 -28.41 -25.46
N GLU A 1312 4.73 -28.48 -24.70
CA GLU A 1312 4.91 -29.60 -23.78
C GLU A 1312 3.89 -29.57 -22.65
N ILE A 1313 3.46 -28.37 -22.23
CA ILE A 1313 2.38 -28.28 -21.26
C ILE A 1313 1.08 -28.80 -21.85
N GLN A 1314 0.83 -28.50 -23.14
CA GLN A 1314 -0.37 -29.01 -23.80
C GLN A 1314 -0.35 -30.53 -23.91
N GLY A 1315 0.84 -31.13 -23.98
CA GLY A 1315 0.96 -32.57 -24.13
C GLY A 1315 1.15 -33.05 -25.55
N LYS A 1316 1.19 -32.16 -26.53
CA LYS A 1316 1.42 -32.56 -27.92
C LYS A 1316 2.81 -33.15 -28.10
N THR A 1317 3.81 -32.57 -27.44
CA THR A 1317 5.18 -33.06 -27.47
C THR A 1317 5.48 -33.71 -26.13
N LYS A 1318 5.70 -35.02 -26.14
CA LYS A 1318 5.97 -35.78 -24.94
C LYS A 1318 7.46 -36.03 -24.79
N GLY A 1319 7.84 -36.81 -23.77
CA GLY A 1319 9.23 -37.01 -23.44
C GLY A 1319 9.78 -35.83 -22.67
N ASP A 1320 11.09 -35.91 -22.38
CA ASP A 1320 11.84 -34.86 -21.69
C ASP A 1320 11.22 -34.55 -20.32
N GLU A 1321 11.30 -35.57 -19.46
CA GLU A 1321 10.66 -35.47 -18.14
C GLU A 1321 11.27 -34.37 -17.29
N ASP A 1322 12.60 -34.23 -17.32
CA ASP A 1322 13.27 -33.21 -16.53
C ASP A 1322 13.44 -31.88 -17.26
N TYR A 1323 13.29 -31.87 -18.58
CA TYR A 1323 13.46 -30.64 -19.35
C TYR A 1323 12.25 -29.71 -19.23
N ARG A 1324 11.07 -30.26 -18.97
CA ARG A 1324 9.85 -29.46 -18.95
C ARG A 1324 9.82 -28.51 -17.76
N ALA A 1325 9.19 -27.36 -17.96
CA ALA A 1325 9.00 -26.37 -16.92
C ALA A 1325 7.55 -26.39 -16.45
N LEU A 1326 7.36 -26.42 -15.14
CA LEU A 1326 6.03 -26.54 -14.54
C LEU A 1326 5.71 -25.41 -13.58
N ASP A 1327 6.67 -24.98 -12.77
CA ASP A 1327 6.42 -23.94 -11.77
C ASP A 1327 6.40 -22.58 -12.43
N ALA A 1328 5.32 -21.83 -12.20
CA ALA A 1328 5.15 -20.50 -12.75
C ALA A 1328 5.22 -19.49 -11.62
N THR A 1329 6.29 -18.69 -11.60
CA THR A 1329 6.40 -17.62 -10.63
C THR A 1329 5.37 -16.54 -10.92
N SER A 1330 4.98 -15.82 -9.88
CA SER A 1330 4.02 -14.73 -10.04
C SER A 1330 4.61 -13.65 -10.94
N GLY A 1331 3.76 -13.05 -11.76
CA GLY A 1331 4.20 -12.12 -12.78
C GLY A 1331 4.25 -12.69 -14.18
N GLY A 1332 3.57 -13.80 -14.43
CA GLY A 1332 3.52 -14.39 -15.77
C GLY A 1332 4.84 -14.92 -16.28
N THR A 1333 5.66 -15.50 -15.40
CA THR A 1333 6.97 -16.00 -15.78
C THR A 1333 7.08 -17.45 -15.30
N LEU A 1334 6.84 -18.41 -16.19
CA LEU A 1334 7.02 -19.81 -15.82
C LEU A 1334 8.51 -20.11 -15.68
N SER A 1335 8.86 -20.86 -14.64
CA SER A 1335 10.24 -21.10 -14.27
C SER A 1335 10.57 -22.58 -14.39
N HIS A 1336 11.87 -22.86 -14.48
CA HIS A 1336 12.38 -24.20 -14.60
C HIS A 1336 13.32 -24.62 -13.48
N SER A 1337 14.03 -23.69 -12.87
CA SER A 1337 15.07 -24.02 -11.89
C SER A 1337 14.96 -23.09 -10.69
N VAL A 1338 15.51 -23.56 -9.57
CA VAL A 1338 15.55 -22.81 -8.32
C VAL A 1338 16.84 -23.14 -7.61
N MET A 1339 17.46 -22.12 -7.00
CA MET A 1339 18.72 -22.32 -6.30
C MET A 1339 18.50 -23.05 -4.99
N VAL A 1340 19.50 -23.83 -4.58
CA VAL A 1340 19.36 -24.73 -3.44
C VAL A 1340 19.88 -24.10 -2.16
N TYR A 1341 21.10 -23.56 -2.19
CA TYR A 1341 21.81 -23.17 -0.98
C TYR A 1341 21.19 -21.91 -0.38
N TRP A 1342 20.46 -22.08 0.71
CA TRP A 1342 19.94 -20.98 1.51
C TRP A 1342 20.53 -21.09 2.90
N GLY A 1343 21.00 -19.96 3.44
CA GLY A 1343 21.53 -19.96 4.79
C GLY A 1343 20.48 -20.28 5.84
N ASP A 1344 19.24 -19.85 5.60
CA ASP A 1344 18.13 -20.10 6.51
C ASP A 1344 17.50 -21.47 6.31
N ARG A 1345 17.95 -22.24 5.32
CA ARG A 1345 17.31 -23.52 5.00
C ARG A 1345 17.46 -24.51 6.15
N LYS A 1346 18.64 -24.58 6.77
CA LYS A 1346 18.83 -25.44 7.93
C LYS A 1346 17.98 -24.95 9.11
N LYS A 1347 17.93 -23.64 9.31
CA LYS A 1347 17.05 -23.07 10.33
C LYS A 1347 15.59 -23.38 10.03
N TYR A 1348 15.20 -23.30 8.76
CA TYR A 1348 13.83 -23.61 8.36
C TYR A 1348 13.51 -25.09 8.59
N GLN A 1349 14.48 -25.97 8.34
CA GLN A 1349 14.30 -27.39 8.63
C GLN A 1349 14.14 -27.63 10.13
N ALA A 1350 14.93 -26.93 10.95
CA ALA A 1350 14.79 -27.05 12.40
C ALA A 1350 13.42 -26.54 12.86
N LEU A 1351 12.95 -25.44 12.27
CA LEU A 1351 11.62 -24.93 12.58
C LEU A 1351 10.54 -25.93 12.21
N LEU A 1352 10.68 -26.58 11.06
CA LEU A 1352 9.76 -27.64 10.68
C LEU A 1352 9.80 -28.81 11.65
N ASN A 1353 11.01 -29.16 12.12
CA ASN A 1353 11.16 -30.28 13.04
C ASN A 1353 10.51 -29.99 14.38
N ARG A 1354 10.62 -28.76 14.88
CA ARG A 1354 10.12 -28.47 16.22
C ARG A 1354 8.60 -28.31 16.28
N MET A 1355 7.93 -28.18 15.13
CA MET A 1355 6.47 -28.11 15.14
C MET A 1355 5.80 -29.44 14.82
N GLY A 1356 6.47 -30.34 14.11
CA GLY A 1356 5.97 -31.67 13.86
C GLY A 1356 4.77 -31.74 12.93
N LEU A 1357 4.97 -31.35 11.68
CA LEU A 1357 3.93 -31.49 10.68
C LEU A 1357 3.92 -32.92 10.11
N PRO A 1358 2.78 -33.40 9.62
CA PRO A 1358 2.77 -34.70 8.93
C PRO A 1358 3.64 -34.66 7.69
N GLU A 1359 4.32 -35.78 7.42
CA GLU A 1359 5.26 -35.86 6.31
C GLU A 1359 4.54 -35.94 4.96
N ASP A 1360 3.49 -36.74 4.87
CA ASP A 1360 2.81 -36.97 3.60
C ASP A 1360 1.67 -35.97 3.37
N TRP A 1361 1.97 -34.68 3.50
CA TRP A 1361 0.93 -33.67 3.31
C TRP A 1361 0.50 -33.58 1.86
N VAL A 1362 1.42 -33.82 0.92
CA VAL A 1362 1.05 -33.82 -0.50
C VAL A 1362 0.17 -35.03 -0.82
N GLU A 1363 0.47 -36.18 -0.21
CA GLU A 1363 -0.35 -37.37 -0.42
C GLU A 1363 -1.77 -37.16 0.10
N GLN A 1364 -1.91 -36.50 1.25
CA GLN A 1364 -3.25 -36.22 1.78
C GLN A 1364 -3.96 -35.13 0.99
N ILE A 1365 -3.20 -34.16 0.45
CA ILE A 1365 -3.82 -33.06 -0.29
C ILE A 1365 -4.25 -33.50 -1.69
N ASP A 1366 -3.64 -34.55 -2.24
CA ASP A 1366 -4.11 -35.08 -3.52
C ASP A 1366 -5.36 -35.92 -3.37
N GLU A 1367 -5.62 -36.47 -2.18
CA GLU A 1367 -6.83 -37.25 -1.96
C GLU A 1367 -8.07 -36.36 -1.91
N ASN A 1368 -7.98 -35.24 -1.18
CA ASN A 1368 -9.09 -34.29 -1.04
C ASN A 1368 -8.61 -32.94 -1.53
N PRO A 1369 -8.76 -32.65 -2.82
CA PRO A 1369 -8.26 -31.37 -3.36
C PRO A 1369 -9.19 -30.19 -3.15
N GLY A 1370 -10.39 -30.41 -2.60
CA GLY A 1370 -11.36 -29.33 -2.46
C GLY A 1370 -11.12 -28.37 -1.34
N VAL A 1371 -10.04 -28.56 -0.57
CA VAL A 1371 -9.73 -27.67 0.55
C VAL A 1371 -8.89 -26.47 0.13
N LEU A 1372 -8.30 -26.51 -1.06
CA LEU A 1372 -7.53 -25.39 -1.58
C LEU A 1372 -8.41 -24.31 -2.20
N TYR A 1373 -9.73 -24.50 -2.19
CA TYR A 1373 -10.66 -23.56 -2.81
C TYR A 1373 -11.81 -23.17 -1.87
N ARG A 1374 -11.75 -23.58 -0.60
CA ARG A 1374 -12.84 -23.30 0.33
C ARG A 1374 -12.26 -22.90 1.68
N ARG A 1375 -13.14 -22.49 2.58
CA ARG A 1375 -12.70 -22.00 3.89
C ARG A 1375 -12.25 -23.12 4.81
N ALA A 1376 -12.86 -24.30 4.68
CA ALA A 1376 -12.52 -25.54 5.38
C ALA A 1376 -12.94 -25.51 6.85
N ALA A 1377 -13.37 -26.65 7.38
CA ALA A 1377 -13.87 -26.72 8.76
C ALA A 1377 -13.31 -27.87 9.58
N ASN A 1378 -12.82 -28.94 8.96
CA ASN A 1378 -12.29 -30.07 9.70
C ASN A 1378 -10.93 -29.74 10.29
N LYS A 1379 -10.62 -30.36 11.44
CA LYS A 1379 -9.34 -30.13 12.10
C LYS A 1379 -8.19 -30.64 11.25
N LYS A 1380 -8.34 -31.82 10.64
CA LYS A 1380 -7.32 -32.33 9.73
C LYS A 1380 -7.22 -31.43 8.49
N GLU A 1381 -8.35 -30.86 8.06
CA GLU A 1381 -8.32 -29.90 6.96
C GLU A 1381 -7.49 -28.68 7.32
N LEU A 1382 -7.65 -28.17 8.54
CA LEU A 1382 -6.85 -27.04 8.99
C LEU A 1382 -5.38 -27.41 9.10
N LEU A 1383 -5.09 -28.64 9.54
CA LEU A 1383 -3.71 -29.09 9.61
C LEU A 1383 -3.08 -29.16 8.22
N LEU A 1384 -3.84 -29.63 7.23
CA LEU A 1384 -3.35 -29.67 5.86
C LEU A 1384 -3.11 -28.26 5.31
N LYS A 1385 -4.04 -27.34 5.58
CA LYS A 1385 -3.88 -25.97 5.12
C LYS A 1385 -2.66 -25.31 5.77
N LEU A 1386 -2.46 -25.54 7.06
CA LEU A 1386 -1.26 -25.04 7.73
C LEU A 1386 0.00 -25.65 7.14
N ALA A 1387 -0.03 -26.95 6.83
CA ALA A 1387 1.13 -27.63 6.28
C ALA A 1387 1.52 -27.07 4.92
N GLU A 1388 0.52 -26.80 4.06
CA GLU A 1388 0.83 -26.18 2.78
C GLU A 1388 1.14 -24.70 2.92
N LYS A 1389 0.72 -24.07 4.02
CA LYS A 1389 1.13 -22.68 4.28
C LYS A 1389 2.61 -22.60 4.64
N VAL A 1390 3.08 -23.51 5.50
CA VAL A 1390 4.49 -23.50 5.89
C VAL A 1390 5.38 -23.81 4.70
N HIS A 1391 4.97 -24.77 3.87
CA HIS A 1391 5.74 -25.16 2.70
C HIS A 1391 5.53 -24.23 1.51
N SER A 1392 5.06 -23.02 1.73
CA SER A 1392 4.94 -22.06 0.65
C SER A 1392 6.32 -21.68 0.11
N PRO A 1393 6.46 -21.51 -1.21
CA PRO A 1393 7.79 -21.22 -1.75
C PRO A 1393 8.34 -19.86 -1.36
N GLY A 1394 7.50 -18.83 -1.35
CA GLY A 1394 8.00 -17.49 -1.14
C GLY A 1394 8.01 -16.97 0.28
N VAL A 1395 6.85 -16.95 0.94
CA VAL A 1395 6.69 -16.16 2.16
C VAL A 1395 7.49 -16.77 3.32
N THR A 1396 7.33 -18.08 3.54
CA THR A 1396 7.99 -18.69 4.69
C THR A 1396 9.50 -18.72 4.52
N SER A 1397 9.98 -19.01 3.32
CA SER A 1397 11.42 -19.06 3.09
C SER A 1397 12.04 -17.67 2.97
N SER A 1398 11.25 -16.64 2.70
CA SER A 1398 11.80 -15.31 2.49
C SER A 1398 11.66 -14.38 3.69
N LEU A 1399 10.68 -14.60 4.57
CA LEU A 1399 10.46 -13.68 5.69
C LEU A 1399 11.42 -13.90 6.86
N SER A 1400 12.46 -14.72 6.68
CA SER A 1400 13.51 -14.79 7.69
C SER A 1400 14.27 -13.48 7.78
N LYS A 1401 14.55 -12.86 6.63
CA LYS A 1401 15.07 -11.49 6.51
C LYS A 1401 16.48 -11.36 7.05
N GLY A 1402 17.02 -10.15 7.01
CA GLY A 1402 18.39 -9.88 7.44
C GLY A 1402 19.01 -8.83 6.53
N HIS A 1403 20.33 -8.89 6.43
CA HIS A 1403 21.08 -8.03 5.50
C HIS A 1403 21.17 -8.76 4.17
N VAL A 1404 20.23 -8.45 3.28
CA VAL A 1404 20.06 -9.24 2.06
C VAL A 1404 21.25 -9.07 1.13
N VAL A 1405 21.70 -7.83 0.93
CA VAL A 1405 22.75 -7.57 -0.06
C VAL A 1405 24.08 -8.23 0.28
N PRO A 1406 24.61 -8.15 1.53
CA PRO A 1406 25.86 -8.86 1.81
C PRO A 1406 25.77 -10.37 1.63
N ARG A 1407 24.64 -10.98 1.98
CA ARG A 1407 24.50 -12.42 1.83
C ARG A 1407 24.38 -12.81 0.36
N VAL A 1408 23.69 -11.99 -0.44
CA VAL A 1408 23.62 -12.24 -1.88
C VAL A 1408 25.00 -12.12 -2.50
N VAL A 1409 25.78 -11.12 -2.07
CA VAL A 1409 27.15 -10.97 -2.57
C VAL A 1409 28.00 -12.17 -2.20
N ALA A 1410 27.86 -12.65 -0.95
CA ALA A 1410 28.62 -13.81 -0.51
C ALA A 1410 28.26 -15.06 -1.32
N ALA A 1411 26.96 -15.25 -1.59
CA ALA A 1411 26.56 -16.40 -2.38
C ALA A 1411 26.91 -16.25 -3.85
N GLY A 1412 27.12 -15.04 -4.34
CA GLY A 1412 27.42 -14.83 -5.74
C GLY A 1412 28.84 -15.14 -6.16
N VAL A 1413 29.73 -15.48 -5.23
CA VAL A 1413 31.11 -15.79 -5.57
C VAL A 1413 31.25 -17.19 -6.18
N TYR A 1414 30.23 -18.04 -6.04
CA TYR A 1414 30.29 -19.40 -6.54
C TYR A 1414 29.05 -19.81 -7.30
N LEU A 1415 28.10 -18.89 -7.53
CA LEU A 1415 26.84 -19.26 -8.19
C LEU A 1415 27.05 -19.67 -9.64
N LEU A 1416 28.06 -19.11 -10.31
CA LEU A 1416 28.28 -19.42 -11.71
C LEU A 1416 28.75 -20.85 -11.91
N SER A 1417 29.75 -21.28 -11.13
CA SER A 1417 30.35 -22.60 -11.30
C SER A 1417 30.33 -23.34 -9.96
N ARG A 1418 29.19 -23.97 -9.66
CA ARG A 1418 28.99 -24.88 -8.54
C ARG A 1418 27.60 -25.45 -8.65
N HIS A 1419 27.44 -26.70 -8.20
CA HIS A 1419 26.14 -27.39 -8.29
C HIS A 1419 25.24 -26.88 -7.17
N CYS A 1420 24.42 -25.87 -7.50
CA CYS A 1420 23.56 -25.27 -6.48
C CYS A 1420 22.17 -24.91 -7.01
N PHE A 1421 21.73 -25.51 -8.11
CA PHE A 1421 20.41 -25.28 -8.66
C PHE A 1421 19.61 -26.57 -8.67
N ARG A 1422 18.33 -26.48 -8.31
CA ARG A 1422 17.44 -27.62 -8.31
C ARG A 1422 16.35 -27.44 -9.36
N PHE A 1423 15.93 -28.54 -9.95
CA PHE A 1423 14.85 -28.50 -10.94
C PHE A 1423 13.51 -28.26 -10.26
N SER A 1424 12.58 -27.71 -11.03
CA SER A 1424 11.23 -27.44 -10.53
C SER A 1424 10.40 -28.70 -10.50
N THR A 1433 16.28 -34.50 -9.45
CA THR A 1433 16.88 -34.02 -8.21
C THR A 1433 18.35 -33.70 -8.41
N GLN A 1434 18.80 -33.74 -9.65
CA GLN A 1434 20.18 -33.44 -9.97
C GLN A 1434 20.46 -31.95 -9.78
N LYS A 1435 21.59 -31.66 -9.12
CA LYS A 1435 22.02 -30.29 -8.88
C LYS A 1435 23.09 -29.91 -9.89
N ALA A 1436 22.86 -28.81 -10.61
CA ALA A 1436 23.73 -28.41 -11.70
C ALA A 1436 24.06 -26.93 -11.58
N SER A 1437 25.19 -26.55 -12.19
CA SER A 1437 25.63 -25.17 -12.21
C SER A 1437 24.82 -24.37 -13.24
N LEU A 1438 25.00 -23.05 -13.19
CA LEU A 1438 24.30 -22.18 -14.14
C LEU A 1438 24.83 -22.39 -15.56
N ILE A 1439 26.13 -22.68 -15.69
CA ILE A 1439 26.70 -22.97 -17.00
C ILE A 1439 26.17 -24.29 -17.54
N LYS A 1440 26.00 -25.29 -16.66
CA LYS A 1440 25.39 -26.55 -17.07
C LYS A 1440 23.94 -26.34 -17.49
N LEU A 1441 23.20 -25.49 -16.77
CA LEU A 1441 21.85 -25.14 -17.18
C LEU A 1441 21.83 -24.43 -18.53
N LEU A 1442 22.83 -23.59 -18.79
CA LEU A 1442 22.93 -22.94 -20.10
C LEU A 1442 23.20 -23.94 -21.20
N MET A 1443 24.06 -24.93 -20.94
CA MET A 1443 24.31 -25.97 -21.93
C MET A 1443 23.07 -26.82 -22.20
N MET A 1444 22.32 -27.15 -21.14
CA MET A 1444 21.09 -27.91 -21.31
C MET A 1444 20.05 -27.11 -22.08
N SER A 1445 19.96 -25.80 -21.80
CA SER A 1445 19.06 -24.95 -22.57
C SER A 1445 19.56 -24.73 -24.00
N SER A 1446 20.86 -24.93 -24.25
CA SER A 1446 21.36 -24.88 -25.61
C SER A 1446 20.93 -26.11 -26.40
N ILE A 1447 21.06 -27.30 -25.80
CA ILE A 1447 20.52 -28.53 -26.44
C ILE A 1447 19.08 -28.65 -25.95
N SER A 1448 18.21 -27.86 -26.56
CA SER A 1448 16.85 -27.64 -26.08
C SER A 1448 16.01 -26.95 -27.15
N ALA A 1449 14.96 -26.28 -26.69
CA ALA A 1449 13.98 -25.54 -27.50
C ALA A 1449 14.58 -24.59 -28.53
N MET A 1450 15.87 -24.28 -28.44
CA MET A 1450 16.52 -23.55 -29.53
C MET A 1450 16.46 -24.36 -30.83
N LYS A 1451 16.39 -25.69 -30.73
CA LYS A 1451 16.17 -26.55 -31.88
C LYS A 1451 14.69 -26.82 -32.16
N HIS A 1452 13.79 -26.34 -31.30
CA HIS A 1452 12.37 -26.53 -31.53
C HIS A 1452 11.89 -25.72 -32.73
N GLY A 1453 12.29 -24.44 -32.80
CA GLY A 1453 12.08 -23.64 -33.99
C GLY A 1453 10.63 -23.36 -34.34
N GLY A 1454 9.78 -23.19 -33.34
CA GLY A 1454 8.38 -22.87 -33.61
C GLY A 1454 7.95 -21.61 -32.88
N SER A 1455 6.96 -20.91 -33.42
CA SER A 1455 6.49 -19.66 -32.85
C SER A 1455 5.12 -19.84 -32.20
N LEU A 1456 4.70 -18.79 -31.49
CA LEU A 1456 3.42 -18.81 -30.79
C LEU A 1456 2.28 -18.51 -31.75
N ASN A 1457 1.18 -19.25 -31.59
CA ASN A 1457 -0.05 -18.99 -32.29
C ASN A 1457 -0.94 -18.08 -31.44
N PRO A 1458 -1.94 -17.41 -32.04
CA PRO A 1458 -2.78 -16.49 -31.26
C PRO A 1458 -3.50 -17.14 -30.09
N ASN A 1459 -3.87 -18.42 -30.18
CA ASN A 1459 -4.51 -19.08 -29.05
C ASN A 1459 -3.57 -19.20 -27.86
N GLN A 1460 -2.32 -19.60 -28.10
CA GLN A 1460 -1.35 -19.73 -27.01
C GLN A 1460 -1.00 -18.38 -26.40
N GLU A 1461 -0.86 -17.35 -27.24
CA GLU A 1461 -0.60 -16.01 -26.71
C GLU A 1461 -1.78 -15.49 -25.90
N ARG A 1462 -3.00 -15.74 -26.36
CA ARG A 1462 -4.18 -15.29 -25.62
C ARG A 1462 -4.32 -16.03 -24.30
N MET A 1463 -3.95 -17.31 -24.27
CA MET A 1463 -3.99 -18.04 -23.00
C MET A 1463 -2.89 -17.56 -22.05
N LEU A 1464 -1.67 -17.39 -22.56
CA LEU A 1464 -0.55 -17.01 -21.70
C LEU A 1464 -0.66 -15.55 -21.25
N PHE A 1465 -0.95 -14.64 -22.18
CA PHE A 1465 -1.12 -13.24 -21.86
C PHE A 1465 -2.58 -12.86 -22.07
N PRO A 1466 -3.39 -12.81 -21.03
CA PRO A 1466 -4.83 -12.60 -21.21
C PRO A 1466 -5.20 -11.17 -21.59
N GLN A 1467 -4.21 -10.31 -21.79
CA GLN A 1467 -4.45 -8.93 -22.18
C GLN A 1467 -3.48 -8.52 -23.28
N ALA A 1468 -3.31 -9.39 -24.28
CA ALA A 1468 -2.35 -9.12 -25.34
C ALA A 1468 -2.84 -8.06 -26.30
N GLN A 1469 -4.16 -7.89 -26.43
CA GLN A 1469 -4.69 -6.86 -27.33
C GLN A 1469 -4.38 -5.46 -26.82
N GLU A 1470 -4.52 -5.24 -25.51
CA GLU A 1470 -4.13 -3.96 -24.93
C GLU A 1470 -2.62 -3.75 -25.06
N TYR A 1471 -1.83 -4.81 -24.90
CA TYR A 1471 -0.39 -4.71 -25.09
C TYR A 1471 -0.06 -4.26 -26.51
N ASP A 1472 -0.73 -4.87 -27.50
CA ASP A 1472 -0.46 -4.53 -28.89
C ASP A 1472 -0.89 -3.10 -29.20
N ARG A 1473 -2.04 -2.67 -28.68
CA ARG A 1473 -2.49 -1.30 -28.90
C ARG A 1473 -1.53 -0.28 -28.29
N VAL A 1474 -1.09 -0.54 -27.06
CA VAL A 1474 -0.16 0.38 -26.40
C VAL A 1474 1.18 0.42 -27.14
N CYS A 1475 1.67 -0.75 -27.56
CA CYS A 1475 2.93 -0.80 -28.29
C CYS A 1475 2.84 -0.07 -29.62
N THR A 1476 1.74 -0.27 -30.36
CA THR A 1476 1.59 0.40 -31.65
C THR A 1476 1.42 1.91 -31.47
N LEU A 1477 0.81 2.34 -30.37
CA LEU A 1477 0.80 3.77 -30.07
C LEU A 1477 2.16 4.27 -29.63
N LEU A 1478 3.03 3.39 -29.13
CA LEU A 1478 4.28 3.82 -28.51
C LEU A 1478 5.33 4.23 -29.53
N GLU A 1479 5.34 3.60 -30.71
CA GLU A 1479 6.39 3.87 -31.68
C GLU A 1479 6.18 5.16 -32.47
N GLU A 1480 5.17 5.97 -32.12
CA GLU A 1480 5.02 7.27 -32.76
C GLU A 1480 6.15 8.21 -32.38
N VAL A 1481 6.73 8.04 -31.19
CA VAL A 1481 7.85 8.84 -30.74
C VAL A 1481 9.13 8.04 -30.96
N GLU A 1482 9.91 8.43 -31.95
CA GLU A 1482 11.17 7.76 -32.24
C GLU A 1482 12.34 8.70 -32.48
N HIS A 1483 12.12 10.00 -32.62
CA HIS A 1483 13.19 10.96 -32.85
C HIS A 1483 13.15 12.04 -31.78
N LEU A 1484 14.34 12.55 -31.45
CA LEU A 1484 14.47 13.58 -30.41
C LEU A 1484 14.35 14.96 -31.05
N THR A 1485 13.11 15.30 -31.40
CA THR A 1485 12.77 16.60 -31.97
C THR A 1485 11.71 17.24 -31.09
N GLY A 1486 11.95 18.47 -30.66
CA GLY A 1486 10.98 19.16 -29.81
C GLY A 1486 11.45 20.56 -29.53
N LYS A 1487 10.57 21.32 -28.87
CA LYS A 1487 10.81 22.71 -28.56
C LYS A 1487 10.77 22.91 -27.05
N PHE A 1488 11.67 23.74 -26.54
CA PHE A 1488 11.64 24.10 -25.14
C PHE A 1488 10.51 25.08 -24.87
N VAL A 1489 9.75 24.84 -23.80
CA VAL A 1489 8.59 25.64 -23.47
C VAL A 1489 8.68 26.02 -21.98
N VAL A 1490 7.87 27.02 -21.61
CA VAL A 1490 7.81 27.43 -20.21
C VAL A 1490 7.26 26.29 -19.37
N ARG A 1491 7.85 26.07 -18.20
CA ARG A 1491 7.47 24.95 -17.35
C ARG A 1491 6.06 25.12 -16.82
N GLU A 1492 5.30 24.02 -16.83
CA GLU A 1492 3.94 24.04 -16.34
C GLU A 1492 3.93 24.16 -14.82
N ARG A 1493 3.18 25.13 -14.31
CA ARG A 1493 3.23 25.52 -12.90
C ARG A 1493 1.95 25.16 -12.15
N ASN A 1494 1.21 24.17 -12.64
CA ASN A 1494 -0.01 23.71 -11.99
C ASN A 1494 0.07 22.19 -11.90
N ILE A 1495 0.70 21.69 -10.85
CA ILE A 1495 0.97 20.27 -10.69
C ILE A 1495 -0.09 19.65 -9.79
N VAL A 1496 -0.78 18.63 -10.31
CA VAL A 1496 -1.76 17.85 -9.56
C VAL A 1496 -1.51 16.38 -9.81
N ARG A 1497 -2.27 15.53 -9.13
CA ARG A 1497 -2.20 14.09 -9.34
C ARG A 1497 -3.16 13.65 -10.43
N SER A 1498 -3.04 12.39 -10.80
CA SER A 1498 -3.91 11.79 -11.81
C SER A 1498 -3.92 10.28 -11.62
N ARG A 1499 -4.90 9.63 -12.24
CA ARG A 1499 -5.02 8.17 -12.24
C ARG A 1499 -5.17 7.73 -13.69
N ILE A 1500 -4.05 7.45 -14.34
CA ILE A 1500 -4.07 6.97 -15.71
C ILE A 1500 -4.28 5.45 -15.69
N ASP A 1501 -5.42 5.00 -16.21
CA ASP A 1501 -5.74 3.58 -16.26
C ASP A 1501 -5.29 2.98 -17.58
N LEU A 1502 -4.55 1.88 -17.50
CA LEU A 1502 -4.09 1.16 -18.67
C LEU A 1502 -4.07 -0.33 -18.34
N PHE A 1503 -3.95 -1.14 -19.40
CA PHE A 1503 -3.85 -2.60 -19.28
C PHE A 1503 -5.02 -3.18 -18.48
N GLN A 1504 -6.23 -2.68 -18.76
CA GLN A 1504 -7.38 -3.04 -17.95
C GLN A 1504 -7.78 -4.50 -18.21
N GLU A 1505 -8.70 -4.98 -17.38
CA GLU A 1505 -9.16 -6.36 -17.49
C GLU A 1505 -9.95 -6.55 -18.80
N PRO A 1506 -9.68 -7.60 -19.56
CA PRO A 1506 -10.38 -7.79 -20.83
C PRO A 1506 -11.86 -8.06 -20.62
N VAL A 1507 -12.65 -7.68 -21.63
CA VAL A 1507 -14.10 -7.77 -21.55
C VAL A 1507 -14.57 -9.06 -22.22
N ASP A 1508 -13.80 -9.55 -23.19
CA ASP A 1508 -14.19 -10.75 -23.93
C ASP A 1508 -13.81 -12.05 -23.22
N LEU A 1509 -13.03 -11.98 -22.14
CA LEU A 1509 -12.62 -13.20 -21.45
C LEU A 1509 -13.79 -13.86 -20.74
N ARG A 1510 -14.72 -13.04 -20.22
CA ARG A 1510 -16.06 -13.42 -19.76
C ARG A 1510 -16.05 -14.38 -18.57
N CYS A 1511 -14.88 -14.80 -18.10
CA CYS A 1511 -14.79 -15.72 -16.98
C CYS A 1511 -13.37 -15.69 -16.44
N LYS A 1512 -13.17 -16.39 -15.32
CA LYS A 1512 -11.87 -16.55 -14.70
C LYS A 1512 -11.53 -18.03 -14.63
N ALA A 1513 -10.24 -18.35 -14.83
CA ALA A 1513 -9.83 -19.75 -14.90
C ALA A 1513 -10.02 -20.46 -13.57
N GLU A 1514 -9.55 -19.84 -12.47
CA GLU A 1514 -9.68 -20.47 -11.16
C GLU A 1514 -11.13 -20.62 -10.75
N ASP A 1515 -11.95 -19.59 -10.99
CA ASP A 1515 -13.37 -19.67 -10.67
C ASP A 1515 -14.06 -20.74 -11.51
N LEU A 1516 -13.70 -20.84 -12.79
CA LEU A 1516 -14.28 -21.86 -13.66
C LEU A 1516 -13.94 -23.26 -13.16
N VAL A 1517 -12.68 -23.48 -12.80
CA VAL A 1517 -12.27 -24.80 -12.30
C VAL A 1517 -12.98 -25.11 -10.99
N SER A 1518 -13.06 -24.13 -10.09
CA SER A 1518 -13.71 -24.36 -8.80
C SER A 1518 -15.20 -24.66 -8.97
N GLU A 1519 -15.89 -23.93 -9.84
CA GLU A 1519 -17.31 -24.16 -10.05
C GLU A 1519 -17.56 -25.51 -10.74
N VAL A 1520 -16.70 -25.88 -11.68
CA VAL A 1520 -16.88 -27.16 -12.37
C VAL A 1520 -16.63 -28.32 -11.42
N TRP A 1521 -15.54 -28.26 -10.65
CA TRP A 1521 -15.14 -29.41 -9.85
C TRP A 1521 -15.90 -29.53 -8.54
N PHE A 1522 -16.24 -28.41 -7.89
CA PHE A 1522 -16.79 -28.47 -6.55
C PHE A 1522 -18.14 -27.77 -6.41
N GLY A 1523 -18.68 -27.21 -7.49
CA GLY A 1523 -20.05 -26.75 -7.53
C GLY A 1523 -20.39 -25.64 -6.55
N LEU A 1524 -19.48 -24.70 -6.32
CA LEU A 1524 -19.75 -23.56 -5.45
C LEU A 1524 -19.64 -22.28 -6.26
N LYS A 1525 -20.54 -21.34 -5.99
CA LYS A 1525 -20.70 -20.14 -6.80
C LYS A 1525 -19.51 -19.21 -6.61
N ARG A 1526 -18.63 -19.19 -7.61
CA ARG A 1526 -17.52 -18.25 -7.68
C ARG A 1526 -17.69 -17.24 -8.81
N THR A 1527 -18.03 -17.71 -10.00
CA THR A 1527 -18.29 -16.85 -11.14
C THR A 1527 -19.78 -16.84 -11.47
N LYS A 1528 -20.24 -15.74 -12.04
CA LYS A 1528 -21.65 -15.55 -12.33
C LYS A 1528 -21.97 -15.94 -13.78
N LEU A 1529 -21.70 -17.20 -14.09
CA LEU A 1529 -21.90 -17.75 -15.42
C LEU A 1529 -22.83 -18.95 -15.34
N GLY A 1530 -23.85 -18.97 -16.19
CA GLY A 1530 -24.84 -20.01 -16.19
C GLY A 1530 -24.31 -21.34 -16.67
N PRO A 1531 -25.03 -22.43 -16.35
CA PRO A 1531 -24.53 -23.78 -16.67
C PRO A 1531 -24.29 -24.01 -18.15
N ARG A 1532 -25.13 -23.44 -19.03
CA ARG A 1532 -24.87 -23.56 -20.47
C ARG A 1532 -23.60 -22.82 -20.86
N LEU A 1533 -23.43 -21.61 -20.35
CA LEU A 1533 -22.20 -20.87 -20.60
C LEU A 1533 -21.00 -21.53 -19.93
N LEU A 1534 -21.21 -22.16 -18.77
CA LEU A 1534 -20.16 -22.94 -18.15
C LEU A 1534 -19.74 -24.10 -19.04
N LYS A 1535 -20.71 -24.78 -19.65
CA LYS A 1535 -20.40 -25.88 -20.57
C LYS A 1535 -19.65 -25.38 -21.79
N GLU A 1536 -20.04 -24.22 -22.32
CA GLU A 1536 -19.37 -23.65 -23.49
C GLU A 1536 -17.92 -23.29 -23.16
N GLU A 1537 -17.70 -22.60 -22.04
CA GLU A 1537 -16.35 -22.22 -21.66
C GLU A 1537 -15.51 -23.43 -21.28
N TRP A 1538 -16.14 -24.47 -20.72
CA TRP A 1538 -15.43 -25.70 -20.42
C TRP A 1538 -15.01 -26.41 -21.70
N ASP A 1539 -15.88 -26.39 -22.72
CA ASP A 1539 -15.51 -26.97 -24.01
C ASP A 1539 -14.35 -26.19 -24.63
N LYS A 1540 -14.37 -24.87 -24.51
CA LYS A 1540 -13.25 -24.06 -25.01
C LYS A 1540 -11.96 -24.41 -24.29
N LEU A 1541 -12.02 -24.58 -22.96
CA LEU A 1541 -10.81 -24.91 -22.20
C LEU A 1541 -10.33 -26.32 -22.50
N ARG A 1542 -11.26 -27.26 -22.72
CA ARG A 1542 -10.89 -28.60 -23.14
C ARG A 1542 -10.26 -28.60 -24.52
N ALA A 1543 -10.70 -27.71 -25.40
CA ALA A 1543 -10.01 -27.52 -26.67
C ALA A 1543 -8.60 -26.99 -26.44
N SER A 1544 -8.45 -26.07 -25.48
CA SER A 1544 -7.11 -25.58 -25.14
C SER A 1544 -6.27 -26.67 -24.49
N PHE A 1545 -6.79 -27.34 -23.47
CA PHE A 1545 -6.06 -28.36 -22.73
C PHE A 1545 -6.74 -29.71 -22.90
N ALA A 1546 -6.03 -30.67 -23.48
CA ALA A 1546 -6.65 -31.96 -23.78
C ALA A 1546 -6.82 -32.83 -22.55
N TRP A 1547 -5.92 -32.72 -21.58
CA TRP A 1547 -5.91 -33.62 -20.43
C TRP A 1547 -6.88 -33.20 -19.33
N LEU A 1548 -7.60 -32.10 -19.50
CA LEU A 1548 -8.60 -31.71 -18.52
C LEU A 1548 -9.79 -32.66 -18.55
N SER A 1549 -10.40 -32.85 -17.38
CA SER A 1549 -11.59 -33.68 -17.27
C SER A 1549 -12.39 -33.22 -16.06
N THR A 1550 -13.65 -33.63 -16.01
CA THR A 1550 -14.53 -33.24 -14.91
C THR A 1550 -14.07 -33.86 -13.60
N ASP A 1551 -13.61 -35.10 -13.63
CA ASP A 1551 -13.13 -35.76 -12.42
C ASP A 1551 -11.79 -35.18 -12.01
N PRO A 1552 -11.63 -34.67 -10.78
CA PRO A 1552 -10.34 -34.12 -10.37
C PRO A 1552 -9.21 -35.13 -10.33
N SER A 1553 -9.50 -36.39 -10.01
CA SER A 1553 -8.43 -37.38 -9.88
C SER A 1553 -7.91 -37.81 -11.24
N GLU A 1554 -8.74 -37.76 -12.27
CA GLU A 1554 -8.29 -38.17 -13.61
C GLU A 1554 -7.29 -37.17 -14.19
N THR A 1555 -7.42 -35.89 -13.84
CA THR A 1555 -6.56 -34.87 -14.43
C THR A 1555 -5.12 -34.98 -13.95
N LEU A 1556 -4.92 -35.42 -12.70
CA LEU A 1556 -3.57 -35.44 -12.13
C LEU A 1556 -2.70 -36.48 -12.83
N ARG A 1557 -3.23 -37.69 -13.04
CA ARG A 1557 -2.44 -38.74 -13.68
C ARG A 1557 -2.30 -38.49 -15.17
N ASP A 1558 -3.37 -38.06 -15.84
CA ASP A 1558 -3.31 -37.84 -17.28
C ASP A 1558 -2.46 -36.62 -17.62
N GLY A 1559 -2.60 -35.54 -16.85
CA GLY A 1559 -1.87 -34.33 -17.10
C GLY A 1559 -0.41 -34.43 -16.70
N PRO A 1560 0.42 -33.52 -17.21
CA PRO A 1560 1.85 -33.48 -16.87
C PRO A 1560 2.14 -32.69 -15.60
N PHE A 1561 1.41 -33.00 -14.52
CA PHE A 1561 1.58 -32.32 -13.25
C PHE A 1561 1.74 -33.33 -12.13
N LEU A 1562 2.50 -32.95 -11.11
CA LEU A 1562 2.82 -33.86 -10.01
C LEU A 1562 1.77 -33.84 -8.91
N SER A 1563 1.29 -32.66 -8.51
CA SER A 1563 0.31 -32.56 -7.46
C SER A 1563 -0.64 -31.41 -7.76
N HIS A 1564 -1.79 -31.42 -7.10
CA HIS A 1564 -2.78 -30.37 -7.31
C HIS A 1564 -2.31 -29.01 -6.77
N VAL A 1565 -1.34 -28.99 -5.86
CA VAL A 1565 -0.77 -27.72 -5.41
C VAL A 1565 -0.09 -27.01 -6.56
N GLN A 1566 0.74 -27.75 -7.30
CA GLN A 1566 1.43 -27.18 -8.46
C GLN A 1566 0.44 -26.76 -9.54
N PHE A 1567 -0.61 -27.56 -9.75
CA PHE A 1567 -1.63 -27.20 -10.73
C PHE A 1567 -2.36 -25.93 -10.33
N ARG A 1568 -2.70 -25.80 -9.04
CA ARG A 1568 -3.39 -24.59 -8.58
C ARG A 1568 -2.49 -23.37 -8.70
N ASN A 1569 -1.21 -23.51 -8.37
CA ASN A 1569 -0.28 -22.39 -8.52
C ASN A 1569 -0.16 -21.98 -9.98
N PHE A 1570 -0.03 -22.95 -10.88
CA PHE A 1570 0.10 -22.63 -12.30
C PHE A 1570 -1.16 -21.97 -12.84
N ILE A 1571 -2.34 -22.44 -12.43
CA ILE A 1571 -3.58 -21.83 -12.90
C ILE A 1571 -3.73 -20.43 -12.35
N ALA A 1572 -3.43 -20.23 -11.06
CA ALA A 1572 -3.68 -18.94 -10.44
C ALA A 1572 -2.65 -17.89 -10.86
N HIS A 1573 -1.46 -18.31 -11.27
CA HIS A 1573 -0.40 -17.34 -11.55
C HIS A 1573 -0.65 -16.60 -12.86
N VAL A 1574 -1.12 -17.28 -13.90
CA VAL A 1574 -1.34 -16.65 -15.21
C VAL A 1574 -2.81 -16.23 -15.27
N ASP A 1575 -3.06 -14.99 -14.85
CA ASP A 1575 -4.36 -14.36 -15.02
C ASP A 1575 -4.16 -12.86 -15.00
N ALA A 1576 -4.97 -12.16 -15.78
CA ALA A 1576 -4.77 -10.72 -16.00
C ALA A 1576 -5.11 -9.92 -14.75
N LYS A 1577 -4.23 -8.96 -14.43
CA LYS A 1577 -4.45 -8.01 -13.35
C LYS A 1577 -4.36 -6.60 -13.91
N SER A 1578 -5.27 -5.74 -13.48
CA SER A 1578 -5.25 -4.36 -13.94
C SER A 1578 -4.07 -3.60 -13.34
N ARG A 1579 -3.42 -2.78 -14.16
CA ARG A 1579 -2.23 -2.02 -13.76
C ARG A 1579 -2.55 -0.54 -13.84
N SER A 1580 -2.59 0.13 -12.70
CA SER A 1580 -2.93 1.54 -12.62
C SER A 1580 -1.72 2.33 -12.13
N VAL A 1581 -1.39 3.41 -12.83
CA VAL A 1581 -0.31 4.31 -12.45
C VAL A 1581 -0.92 5.62 -11.98
N ARG A 1582 -0.20 6.31 -11.08
CA ARG A 1582 -0.64 7.58 -10.52
C ARG A 1582 0.47 8.60 -10.74
N LEU A 1583 0.48 9.22 -11.91
CA LEU A 1583 1.48 10.23 -12.21
C LEU A 1583 1.05 11.59 -11.65
N LEU A 1584 2.02 12.48 -11.50
CA LEU A 1584 1.77 13.85 -11.08
C LEU A 1584 2.33 14.80 -12.13
N GLY A 1585 1.55 15.82 -12.47
CA GLY A 1585 1.97 16.75 -13.51
C GLY A 1585 0.83 17.66 -13.91
N ALA A 1586 0.89 18.12 -15.15
CA ALA A 1586 -0.19 18.96 -15.68
C ALA A 1586 -1.48 18.17 -15.77
N PRO A 1587 -2.63 18.79 -15.50
CA PRO A 1587 -3.90 18.06 -15.53
C PRO A 1587 -4.26 17.60 -16.93
N VAL A 1588 -5.00 16.50 -16.99
CA VAL A 1588 -5.43 15.93 -18.26
C VAL A 1588 -6.95 15.92 -18.35
N THR A 1595 -3.64 9.57 -27.55
CA THR A 1595 -4.57 9.57 -26.44
C THR A 1595 -3.93 10.16 -25.19
N THR A 1596 -4.47 9.79 -24.02
CA THR A 1596 -3.91 10.26 -22.77
C THR A 1596 -2.49 9.73 -22.55
N ILE A 1597 -2.21 8.53 -23.06
CA ILE A 1597 -0.83 8.02 -23.04
C ILE A 1597 0.07 8.92 -23.85
N SER A 1598 -0.40 9.37 -25.02
CA SER A 1598 0.39 10.27 -25.85
C SER A 1598 0.62 11.61 -25.15
N GLN A 1599 -0.43 12.14 -24.50
CA GLN A 1599 -0.28 13.39 -23.78
C GLN A 1599 0.73 13.28 -22.64
N VAL A 1600 0.63 12.21 -21.85
CA VAL A 1600 1.52 12.06 -20.70
C VAL A 1600 2.93 11.63 -21.13
N VAL A 1601 3.10 11.10 -22.34
CA VAL A 1601 4.44 10.81 -22.83
C VAL A 1601 5.05 12.01 -23.55
N ARG A 1602 4.23 12.97 -23.98
CA ARG A 1602 4.79 14.20 -24.55
C ARG A 1602 5.14 15.20 -23.46
N MET A 1603 4.29 15.34 -22.45
CA MET A 1603 4.53 16.36 -21.43
C MET A 1603 5.63 15.96 -20.45
N ASN A 1604 5.64 14.70 -20.01
CA ASN A 1604 6.44 14.28 -18.87
C ASN A 1604 7.76 13.62 -19.25
N PHE A 1605 8.18 13.75 -20.51
CA PHE A 1605 9.48 13.21 -20.89
C PHE A 1605 10.62 13.99 -20.22
N PHE A 1606 10.46 15.32 -20.15
CA PHE A 1606 11.44 16.20 -19.51
C PHE A 1606 10.74 17.52 -19.24
N PRO A 1607 10.95 18.12 -18.07
CA PRO A 1607 10.23 19.36 -17.75
C PRO A 1607 10.69 20.52 -18.62
N GLY A 1608 9.73 21.30 -19.10
CA GLY A 1608 10.03 22.38 -20.00
C GLY A 1608 10.36 21.96 -21.41
N PHE A 1609 9.98 20.74 -21.80
CA PHE A 1609 10.31 20.20 -23.11
C PHE A 1609 9.16 19.33 -23.58
N SER A 1610 8.90 19.39 -24.89
CA SER A 1610 7.81 18.64 -25.52
C SER A 1610 8.39 17.61 -26.48
N LEU A 1611 7.78 16.42 -26.49
CA LEU A 1611 8.35 15.32 -27.26
C LEU A 1611 7.97 15.39 -28.74
N GLU A 1612 6.79 15.91 -29.07
CA GLU A 1612 6.40 16.25 -30.45
C GLU A 1612 6.43 15.02 -31.37
N ALA A 1613 5.50 14.11 -31.11
CA ALA A 1613 5.41 12.85 -31.84
C ALA A 1613 5.17 13.10 -33.33
N GLU A 1614 5.69 12.20 -34.15
CA GLU A 1614 5.49 12.21 -35.60
C GLU A 1614 4.66 10.98 -35.95
N LYS A 1615 3.43 11.20 -36.38
CA LYS A 1615 2.50 10.11 -36.65
C LYS A 1615 2.61 9.66 -38.11
N SER A 1616 2.12 8.43 -38.36
CA SER A 1616 2.03 7.87 -39.70
C SER A 1616 0.56 7.69 -40.05
N LEU A 1617 0.18 8.12 -41.24
CA LEU A 1617 -1.24 8.14 -41.63
C LEU A 1617 -1.82 6.74 -41.78
N ASP A 1618 -1.04 5.79 -42.31
CA ASP A 1618 -1.58 4.49 -42.67
C ASP A 1618 -1.78 3.56 -41.48
N ASN A 1619 -1.34 3.95 -40.28
CA ASN A 1619 -1.43 3.04 -39.14
C ASN A 1619 -2.78 3.13 -38.42
N GLN A 1620 -3.25 4.34 -38.14
CA GLN A 1620 -4.48 4.49 -37.35
C GLN A 1620 -5.71 4.02 -38.09
N GLU A 1621 -5.69 4.01 -39.43
CA GLU A 1621 -6.85 3.54 -40.17
C GLU A 1621 -7.00 2.02 -40.09
N ARG A 1622 -5.89 1.30 -39.94
CA ARG A 1622 -5.93 -0.16 -39.85
C ARG A 1622 -5.84 -0.69 -38.43
N LEU A 1623 -5.32 0.10 -37.48
CA LEU A 1623 -5.19 -0.37 -36.11
C LEU A 1623 -6.51 -0.24 -35.36
N GLU A 1624 -7.01 0.99 -35.20
CA GLU A 1624 -8.29 1.25 -34.55
C GLU A 1624 -9.08 2.18 -35.45
N SER A 1625 -9.80 1.61 -36.42
CA SER A 1625 -10.70 2.41 -37.24
C SER A 1625 -11.97 2.77 -36.50
N ILE A 1626 -12.27 2.09 -35.39
CA ILE A 1626 -13.46 2.38 -34.61
C ILE A 1626 -13.31 3.72 -33.89
N SER A 1627 -12.08 4.10 -33.52
CA SER A 1627 -11.86 5.37 -32.86
C SER A 1627 -12.20 6.55 -33.77
N ILE A 1628 -11.87 6.44 -35.05
CA ILE A 1628 -12.26 7.47 -36.03
C ILE A 1628 -13.78 7.55 -36.12
N LEU A 1629 -14.45 6.40 -36.09
CA LEU A 1629 -15.91 6.39 -36.11
C LEU A 1629 -16.50 7.07 -34.88
N LYS A 1630 -15.92 6.83 -33.71
CA LYS A 1630 -16.39 7.49 -32.49
C LYS A 1630 -16.15 8.98 -32.55
N HIS A 1631 -15.00 9.40 -33.09
CA HIS A 1631 -14.72 10.82 -33.27
C HIS A 1631 -15.76 11.49 -34.17
N VAL A 1632 -16.02 10.87 -35.33
CA VAL A 1632 -16.99 11.44 -36.27
C VAL A 1632 -18.38 11.45 -35.66
N LEU A 1633 -18.74 10.38 -34.93
CA LEU A 1633 -20.06 10.32 -34.30
C LEU A 1633 -20.22 11.40 -33.25
N PHE A 1634 -19.20 11.66 -32.45
CA PHE A 1634 -19.28 12.72 -31.46
C PHE A 1634 -19.41 14.08 -32.12
N MET A 1635 -18.58 14.35 -33.14
CA MET A 1635 -18.62 15.67 -33.76
C MET A 1635 -19.86 15.87 -34.61
N VAL A 1636 -20.56 14.81 -35.00
CA VAL A 1636 -21.82 14.96 -35.72
C VAL A 1636 -22.97 15.12 -34.74
N LEU A 1637 -23.06 14.25 -33.73
CA LEU A 1637 -24.20 14.29 -32.82
C LEU A 1637 -24.15 15.52 -31.91
N ASN A 1638 -22.97 15.83 -31.36
CA ASN A 1638 -22.79 17.08 -30.63
C ASN A 1638 -22.29 18.11 -31.63
N GLY A 1639 -23.23 18.76 -32.30
CA GLY A 1639 -22.89 19.74 -33.30
C GLY A 1639 -24.07 20.57 -33.78
N PRO A 1640 -23.80 21.56 -34.61
CA PRO A 1640 -24.86 22.47 -35.09
C PRO A 1640 -25.52 21.96 -36.37
N TYR A 1641 -26.15 20.79 -36.28
CA TYR A 1641 -26.78 20.15 -37.43
C TYR A 1641 -28.22 19.82 -37.11
N THR A 1642 -29.05 19.80 -38.14
CA THR A 1642 -30.43 19.34 -37.97
C THR A 1642 -30.47 17.82 -37.91
N GLU A 1643 -31.63 17.29 -37.51
CA GLU A 1643 -31.76 15.86 -37.29
C GLU A 1643 -31.60 15.06 -38.58
N GLU A 1644 -32.17 15.55 -39.69
CA GLU A 1644 -32.04 14.85 -40.96
C GLU A 1644 -30.59 14.83 -41.43
N TYR A 1645 -29.89 15.95 -41.29
CA TYR A 1645 -28.47 16.00 -41.65
C TYR A 1645 -27.65 15.07 -40.77
N LYS A 1646 -27.97 15.00 -39.48
CA LYS A 1646 -27.28 14.08 -38.58
C LYS A 1646 -27.52 12.63 -38.99
N LEU A 1647 -28.75 12.28 -39.35
CA LEU A 1647 -29.05 10.93 -39.80
C LEU A 1647 -28.26 10.58 -41.05
N GLU A 1648 -28.23 11.49 -42.03
CA GLU A 1648 -27.51 11.22 -43.27
C GLU A 1648 -26.01 11.13 -43.03
N MET A 1649 -25.48 11.99 -42.15
CA MET A 1649 -24.06 11.94 -41.82
C MET A 1649 -23.69 10.63 -41.14
N ILE A 1650 -24.55 10.16 -40.22
CA ILE A 1650 -24.31 8.88 -39.56
C ILE A 1650 -24.34 7.74 -40.57
N ILE A 1651 -25.31 7.75 -41.48
CA ILE A 1651 -25.43 6.69 -42.48
C ILE A 1651 -24.20 6.66 -43.38
N GLU A 1652 -23.77 7.83 -43.87
CA GLU A 1652 -22.63 7.85 -44.77
C GLU A 1652 -21.31 7.55 -44.05
N ALA A 1653 -21.18 7.96 -42.79
CA ALA A 1653 -19.97 7.66 -42.03
C ALA A 1653 -19.86 6.16 -41.75
N PHE A 1654 -20.98 5.52 -41.40
CA PHE A 1654 -20.96 4.08 -41.22
C PHE A 1654 -20.73 3.34 -42.54
N SER A 1655 -21.25 3.87 -43.65
CA SER A 1655 -21.03 3.23 -44.95
C SER A 1655 -19.57 3.32 -45.37
N THR A 1656 -18.92 4.45 -45.12
CA THR A 1656 -17.54 4.63 -45.57
C THR A 1656 -16.57 3.76 -44.78
N LEU A 1657 -16.69 3.75 -43.46
CA LEU A 1657 -15.76 3.02 -42.62
C LEU A 1657 -16.10 1.53 -42.57
N VAL A 1658 -15.10 0.73 -42.24
CA VAL A 1658 -15.23 -0.72 -42.09
C VAL A 1658 -15.03 -1.06 -40.62
N ILE A 1659 -15.99 -1.79 -40.05
CA ILE A 1659 -16.02 -2.10 -38.63
C ILE A 1659 -15.94 -3.61 -38.48
N PRO A 1660 -15.10 -4.13 -37.58
CA PRO A 1660 -15.02 -5.59 -37.38
C PRO A 1660 -16.31 -6.14 -36.77
N GLN A 1661 -16.42 -7.46 -36.81
CA GLN A 1661 -17.60 -8.15 -36.33
C GLN A 1661 -17.64 -8.16 -34.80
N PRO A 1662 -18.84 -8.17 -34.21
CA PRO A 1662 -18.94 -8.15 -32.74
C PRO A 1662 -18.45 -9.43 -32.11
N SER A 1663 -17.99 -9.31 -30.86
CA SER A 1663 -17.56 -10.44 -30.05
C SER A 1663 -18.48 -10.56 -28.84
N GLU A 1664 -18.80 -11.80 -28.48
CA GLU A 1664 -19.77 -12.03 -27.41
C GLU A 1664 -19.19 -11.66 -26.06
N VAL A 1665 -19.89 -10.79 -25.33
CA VAL A 1665 -19.47 -10.34 -24.01
C VAL A 1665 -20.68 -10.34 -23.08
N ILE A 1666 -20.39 -10.39 -21.78
CA ILE A 1666 -21.43 -10.28 -20.76
C ILE A 1666 -21.43 -8.92 -20.08
N ARG A 1667 -20.36 -8.14 -20.22
CA ARG A 1667 -20.30 -6.77 -19.72
C ARG A 1667 -20.59 -5.82 -20.87
N LYS A 1668 -21.41 -4.81 -20.60
CA LYS A 1668 -21.81 -3.87 -21.65
C LYS A 1668 -20.61 -3.11 -22.19
N SER A 1669 -20.62 -2.87 -23.50
CA SER A 1669 -19.50 -2.23 -24.18
C SER A 1669 -20.04 -1.40 -25.33
N ARG A 1670 -19.40 -0.25 -25.58
CA ARG A 1670 -19.80 0.62 -26.66
C ARG A 1670 -19.35 0.10 -28.02
N THR A 1671 -18.23 -0.63 -28.06
CA THR A 1671 -17.73 -1.18 -29.31
C THR A 1671 -18.70 -2.19 -29.91
N MET A 1672 -19.25 -3.07 -29.06
CA MET A 1672 -20.20 -4.07 -29.54
C MET A 1672 -21.47 -3.40 -30.07
N THR A 1673 -21.93 -2.35 -29.39
CA THR A 1673 -23.10 -1.61 -29.87
C THR A 1673 -22.83 -0.93 -31.20
N LEU A 1674 -21.63 -0.38 -31.38
CA LEU A 1674 -21.27 0.21 -32.67
C LEU A 1674 -21.25 -0.84 -33.77
N CYS A 1675 -20.69 -2.02 -33.49
CA CYS A 1675 -20.66 -3.10 -34.48
C CYS A 1675 -22.07 -3.54 -34.84
N LEU A 1676 -22.95 -3.67 -33.83
CA LEU A 1676 -24.33 -4.07 -34.10
C LEU A 1676 -25.07 -3.00 -34.90
N LEU A 1677 -24.82 -1.73 -34.61
CA LEU A 1677 -25.46 -0.65 -35.37
C LEU A 1677 -25.00 -0.66 -36.82
N SER A 1678 -23.70 -0.87 -37.05
CA SER A 1678 -23.21 -0.96 -38.43
C SER A 1678 -23.82 -2.14 -39.17
N ASN A 1679 -23.90 -3.30 -38.50
CA ASN A 1679 -24.49 -4.47 -39.14
C ASN A 1679 -25.99 -4.28 -39.38
N TYR A 1680 -26.67 -3.54 -38.51
CA TYR A 1680 -28.10 -3.30 -38.72
C TYR A 1680 -28.33 -2.37 -39.91
N LEU A 1681 -27.60 -1.25 -39.97
CA LEU A 1681 -27.84 -0.32 -41.06
C LEU A 1681 -27.33 -0.85 -42.39
N SER A 1682 -26.29 -1.68 -42.37
CA SER A 1682 -25.88 -2.37 -43.58
C SER A 1682 -26.76 -3.56 -43.92
N SER A 1683 -27.51 -4.07 -42.95
CA SER A 1683 -28.41 -5.22 -43.10
C SER A 1683 -27.67 -6.48 -43.53
N ARG A 1684 -26.38 -6.59 -43.22
CA ARG A 1684 -25.61 -7.76 -43.64
C ARG A 1684 -25.95 -8.99 -42.80
N GLY A 1685 -26.15 -8.82 -41.49
CA GLY A 1685 -26.40 -9.95 -40.62
C GLY A 1685 -27.78 -10.56 -40.77
N GLY A 1686 -28.72 -9.84 -41.36
CA GLY A 1686 -30.07 -10.35 -41.55
C GLY A 1686 -30.98 -10.01 -40.37
N SER A 1687 -31.40 -11.05 -39.63
CA SER A 1687 -32.22 -10.85 -38.45
C SER A 1687 -31.39 -10.18 -37.36
N ILE A 1688 -31.65 -8.90 -37.12
CA ILE A 1688 -30.83 -8.14 -36.19
C ILE A 1688 -31.07 -8.59 -34.75
N LEU A 1689 -32.29 -9.03 -34.43
CA LEU A 1689 -32.60 -9.44 -33.06
C LEU A 1689 -31.77 -10.65 -32.63
N ASP A 1690 -31.57 -11.60 -33.55
CA ASP A 1690 -30.73 -12.76 -33.26
C ASP A 1690 -29.29 -12.33 -33.01
N GLN A 1691 -28.79 -11.38 -33.80
CA GLN A 1691 -27.42 -10.89 -33.59
C GLN A 1691 -27.28 -10.20 -32.24
N ILE A 1692 -28.27 -9.39 -31.86
CA ILE A 1692 -28.20 -8.68 -30.58
C ILE A 1692 -28.27 -9.67 -29.43
N GLU A 1693 -29.15 -10.67 -29.50
CA GLU A 1693 -29.24 -11.63 -28.41
C GLU A 1693 -28.03 -12.55 -28.36
N ARG A 1694 -27.37 -12.78 -29.49
CA ARG A 1694 -26.17 -13.60 -29.48
C ARG A 1694 -24.97 -12.83 -28.94
N ALA A 1695 -24.88 -11.53 -29.25
CA ALA A 1695 -23.76 -10.73 -28.76
C ALA A 1695 -23.86 -10.50 -27.27
N GLN A 1696 -25.06 -10.34 -26.73
CA GLN A 1696 -25.26 -10.13 -25.31
C GLN A 1696 -25.54 -11.43 -24.56
N SER A 1697 -25.34 -12.58 -25.21
CA SER A 1697 -25.50 -13.91 -24.61
C SER A 1697 -26.94 -14.11 -24.11
N GLY A 1698 -27.88 -14.03 -25.04
CA GLY A 1698 -29.26 -14.33 -24.75
C GLY A 1698 -30.04 -13.25 -24.04
N THR A 1699 -29.47 -12.05 -23.89
CA THR A 1699 -30.11 -10.97 -23.15
C THR A 1699 -30.71 -9.97 -24.13
N LEU A 1700 -32.02 -9.76 -24.02
CA LEU A 1700 -32.73 -8.76 -24.81
C LEU A 1700 -33.69 -8.00 -23.91
N GLY A 1701 -33.94 -6.75 -24.25
CA GLY A 1701 -34.98 -5.98 -23.59
C GLY A 1701 -34.47 -4.65 -23.09
N GLY A 1702 -35.30 -3.98 -22.31
CA GLY A 1702 -34.99 -2.66 -21.77
C GLY A 1702 -36.04 -2.24 -20.77
N PHE A 1703 -36.31 -0.95 -20.68
CA PHE A 1703 -37.29 -0.40 -19.74
C PHE A 1703 -38.60 -0.14 -20.48
N SER A 1704 -39.62 -0.94 -20.17
CA SER A 1704 -40.95 -0.69 -20.72
C SER A 1704 -41.52 0.61 -20.16
N LYS A 1705 -41.48 0.77 -18.84
CA LYS A 1705 -41.79 2.05 -18.21
C LYS A 1705 -40.52 2.59 -17.57
N PRO A 1706 -39.89 3.60 -18.14
CA PRO A 1706 -38.67 4.15 -17.54
C PRO A 1706 -38.93 4.77 -16.18
N GLN A 1707 -37.84 5.10 -15.50
CA GLN A 1707 -37.91 5.65 -14.16
C GLN A 1707 -37.60 7.13 -14.21
N LYS A 1708 -38.48 7.93 -13.62
CA LYS A 1708 -38.29 9.38 -13.56
C LYS A 1708 -36.95 9.72 -12.92
N THR A 1709 -36.36 10.81 -13.38
CA THR A 1709 -34.99 11.15 -13.02
C THR A 1709 -34.95 12.03 -11.78
N PHE A 1710 -33.96 11.79 -10.93
CA PHE A 1710 -33.69 12.61 -9.76
C PHE A 1710 -32.40 13.38 -10.04
N VAL A 1711 -32.48 14.71 -9.93
CA VAL A 1711 -31.33 15.56 -10.21
C VAL A 1711 -30.24 15.30 -9.19
N ARG A 1712 -29.05 14.97 -9.68
CA ARG A 1712 -27.94 14.69 -8.79
C ARG A 1712 -27.02 15.90 -8.70
N PRO A 1713 -26.38 16.12 -7.54
CA PRO A 1713 -25.50 17.28 -7.38
C PRO A 1713 -24.22 17.15 -8.19
N GLY A 1714 -24.30 17.40 -9.49
CA GLY A 1714 -23.14 17.33 -10.35
C GLY A 1714 -22.88 15.95 -10.94
N GLY A 1715 -23.92 15.29 -11.44
CA GLY A 1715 -23.73 13.99 -12.04
C GLY A 1715 -24.97 13.55 -12.80
N GLY A 1716 -24.86 12.35 -13.36
CA GLY A 1716 -25.99 11.79 -14.09
C GLY A 1716 -27.18 11.55 -13.19
N VAL A 1717 -28.37 11.85 -13.71
CA VAL A 1717 -29.58 11.87 -12.89
C VAL A 1717 -29.95 10.45 -12.45
N GLY A 1718 -30.13 10.26 -11.15
CA GLY A 1718 -30.55 8.99 -10.63
C GLY A 1718 -32.00 8.69 -10.98
N TYR A 1719 -32.27 7.49 -11.49
CA TYR A 1719 -33.61 7.10 -11.90
C TYR A 1719 -34.35 6.50 -10.70
N LYS A 1720 -35.42 7.15 -10.27
CA LYS A 1720 -36.18 6.73 -9.10
C LYS A 1720 -37.64 6.48 -9.49
N GLY A 1721 -38.42 6.07 -8.49
CA GLY A 1721 -39.82 5.77 -8.69
C GLY A 1721 -40.08 4.28 -8.82
N LYS A 1722 -41.20 3.97 -9.47
CA LYS A 1722 -41.61 2.59 -9.73
C LYS A 1722 -41.63 2.36 -11.24
N GLY A 1723 -40.91 1.33 -11.69
CA GLY A 1723 -40.79 1.04 -13.10
C GLY A 1723 -40.69 -0.45 -13.35
N VAL A 1724 -40.59 -0.80 -14.63
CA VAL A 1724 -40.55 -2.20 -15.05
C VAL A 1724 -39.47 -2.38 -16.10
N TRP A 1725 -38.70 -3.46 -15.97
CA TRP A 1725 -37.76 -3.91 -16.99
C TRP A 1725 -38.38 -5.12 -17.68
N THR A 1726 -38.49 -5.05 -19.01
CA THR A 1726 -39.13 -6.10 -19.78
C THR A 1726 -38.21 -6.56 -20.90
N GLY A 1727 -38.17 -7.87 -21.11
CA GLY A 1727 -37.36 -8.42 -22.18
C GLY A 1727 -37.44 -9.93 -22.19
N VAL A 1728 -36.58 -10.54 -23.00
CA VAL A 1728 -36.48 -12.00 -23.07
C VAL A 1728 -35.08 -12.39 -22.61
N MET A 1729 -34.97 -13.59 -22.04
CA MET A 1729 -33.71 -14.09 -21.51
C MET A 1729 -33.75 -15.61 -21.56
N GLU A 1730 -33.02 -16.19 -22.53
CA GLU A 1730 -32.93 -17.63 -22.74
C GLU A 1730 -34.33 -18.23 -22.94
N ASP A 1731 -35.01 -17.71 -23.97
CA ASP A 1731 -36.31 -18.19 -24.42
C ASP A 1731 -37.38 -18.11 -23.34
N THR A 1732 -37.23 -17.16 -22.41
CA THR A 1732 -38.20 -16.95 -21.34
C THR A 1732 -38.58 -15.47 -21.28
N HIS A 1733 -39.87 -15.20 -21.23
CA HIS A 1733 -40.39 -13.83 -21.21
C HIS A 1733 -40.32 -13.31 -19.79
N VAL A 1734 -39.22 -12.64 -19.46
CA VAL A 1734 -39.04 -12.12 -18.11
C VAL A 1734 -39.69 -10.76 -17.97
N GLN A 1735 -39.92 -10.35 -16.73
CA GLN A 1735 -40.52 -9.05 -16.44
C GLN A 1735 -40.16 -8.69 -15.00
N ILE A 1736 -39.34 -7.66 -14.83
CA ILE A 1736 -38.75 -7.33 -13.53
C ILE A 1736 -39.25 -5.95 -13.11
N LEU A 1737 -39.78 -5.87 -11.89
CA LEU A 1737 -40.23 -4.61 -11.30
C LEU A 1737 -39.18 -4.11 -10.32
N ILE A 1738 -38.76 -2.85 -10.46
CA ILE A 1738 -37.74 -2.26 -9.61
C ILE A 1738 -38.28 -0.98 -8.99
N ASP A 1739 -37.66 -0.59 -7.88
CA ASP A 1739 -38.01 0.63 -7.17
C ASP A 1739 -36.77 1.15 -6.46
N GLY A 1740 -36.71 2.47 -6.30
CA GLY A 1740 -35.57 3.09 -5.65
C GLY A 1740 -35.95 4.37 -4.97
N ASP A 1741 -35.12 4.75 -3.99
CA ASP A 1741 -35.34 5.96 -3.20
C ASP A 1741 -34.00 6.60 -2.86
N GLY A 1742 -33.62 7.61 -3.63
CA GLY A 1742 -32.48 8.46 -3.28
C GLY A 1742 -31.11 7.95 -3.65
N THR A 1743 -30.71 6.79 -3.10
CA THR A 1743 -29.35 6.31 -3.23
C THR A 1743 -29.18 5.19 -4.25
N SER A 1744 -30.10 4.23 -4.29
CA SER A 1744 -30.00 3.12 -5.23
C SER A 1744 -31.38 2.50 -5.41
N ASN A 1745 -31.50 1.68 -6.45
CA ASN A 1745 -32.75 0.97 -6.72
C ASN A 1745 -32.67 -0.45 -6.19
N TRP A 1746 -33.83 -1.06 -6.00
CA TRP A 1746 -33.90 -2.42 -5.49
C TRP A 1746 -34.95 -3.21 -6.25
N LEU A 1747 -34.79 -4.53 -6.24
CA LEU A 1747 -35.78 -5.41 -6.86
C LEU A 1747 -37.08 -5.40 -6.06
N GLU A 1748 -38.20 -5.40 -6.78
CA GLU A 1748 -39.51 -5.41 -6.14
C GLU A 1748 -40.30 -6.67 -6.44
N GLU A 1749 -40.43 -7.04 -7.72
CA GLU A 1749 -41.22 -8.21 -8.09
C GLU A 1749 -40.70 -8.75 -9.42
N ILE A 1750 -40.73 -10.08 -9.55
CA ILE A 1750 -40.31 -10.77 -10.76
C ILE A 1750 -41.48 -11.59 -11.26
N ARG A 1751 -41.85 -11.39 -12.52
CA ARG A 1751 -42.86 -12.18 -13.20
C ARG A 1751 -42.21 -12.89 -14.39
N LEU A 1752 -42.37 -14.21 -14.46
CA LEU A 1752 -41.70 -15.03 -15.45
C LEU A 1752 -42.73 -15.90 -16.17
N SER A 1753 -42.50 -16.14 -17.45
CA SER A 1753 -43.46 -16.87 -18.27
C SER A 1753 -43.43 -18.36 -17.96
N SER A 1754 -42.30 -19.01 -18.23
CA SER A 1754 -42.17 -20.45 -18.06
C SER A 1754 -40.98 -20.74 -17.14
N ASP A 1755 -41.16 -21.71 -16.25
CA ASP A 1755 -40.09 -22.04 -15.31
C ASP A 1755 -38.90 -22.66 -16.02
N ALA A 1756 -39.10 -23.84 -16.62
CA ALA A 1756 -38.04 -24.64 -17.24
C ALA A 1756 -36.83 -24.74 -16.33
N ARG A 1757 -35.69 -24.20 -16.77
CA ARG A 1757 -34.55 -24.01 -15.90
C ARG A 1757 -34.55 -22.58 -15.38
N LEU A 1758 -34.34 -22.43 -14.07
CA LEU A 1758 -34.34 -21.11 -13.43
C LEU A 1758 -32.96 -20.55 -13.18
N TYR A 1759 -31.93 -21.40 -13.14
CA TYR A 1759 -30.62 -20.98 -12.65
C TYR A 1759 -29.93 -20.04 -13.63
N ASP A 1760 -30.05 -20.33 -14.94
CA ASP A 1760 -29.53 -19.42 -15.96
C ASP A 1760 -30.19 -18.05 -15.85
N VAL A 1761 -31.50 -18.04 -15.57
CA VAL A 1761 -32.23 -16.78 -15.39
C VAL A 1761 -31.68 -16.04 -14.18
N ILE A 1762 -31.38 -16.76 -13.10
CA ILE A 1762 -30.85 -16.12 -11.89
C ILE A 1762 -29.48 -15.50 -12.16
N GLU A 1763 -28.59 -16.23 -12.84
CA GLU A 1763 -27.27 -15.68 -13.12
C GLU A 1763 -27.34 -14.50 -14.07
N SER A 1764 -28.20 -14.58 -15.10
CA SER A 1764 -28.37 -13.46 -16.02
C SER A 1764 -28.93 -12.24 -15.32
N ILE A 1765 -29.91 -12.43 -14.42
CA ILE A 1765 -30.48 -11.28 -13.74
C ILE A 1765 -29.51 -10.72 -12.72
N ARG A 1766 -28.62 -11.55 -12.16
CA ARG A 1766 -27.58 -11.02 -11.29
C ARG A 1766 -26.60 -10.17 -12.09
N ARG A 1767 -26.25 -10.62 -13.30
CA ARG A 1767 -25.40 -9.80 -14.17
C ARG A 1767 -26.08 -8.48 -14.53
N LEU A 1768 -27.37 -8.53 -14.85
CA LEU A 1768 -28.10 -7.30 -15.16
C LEU A 1768 -28.17 -6.36 -13.97
N CYS A 1769 -28.38 -6.91 -12.77
CA CYS A 1769 -28.50 -6.08 -11.57
C CYS A 1769 -27.18 -5.42 -11.21
N ASP A 1770 -26.08 -6.18 -11.25
CA ASP A 1770 -24.80 -5.57 -10.92
C ASP A 1770 -24.21 -4.77 -12.06
N ASP A 1771 -24.75 -4.89 -13.28
CA ASP A 1771 -24.41 -3.95 -14.33
C ASP A 1771 -25.17 -2.64 -14.19
N LEU A 1772 -26.42 -2.70 -13.74
CA LEU A 1772 -27.23 -1.49 -13.57
C LEU A 1772 -27.15 -0.92 -12.16
N GLY A 1773 -26.48 -1.60 -11.24
CA GLY A 1773 -26.20 -1.05 -9.93
C GLY A 1773 -27.27 -1.26 -8.88
N ILE A 1774 -28.36 -1.93 -9.20
CA ILE A 1774 -29.44 -2.13 -8.22
C ILE A 1774 -29.04 -3.27 -7.28
N ASN A 1775 -29.73 -3.37 -6.15
CA ASN A 1775 -29.37 -4.32 -5.10
C ASN A 1775 -30.56 -5.20 -4.75
N ASN A 1776 -30.26 -6.36 -4.17
CA ASN A 1776 -31.26 -7.33 -3.75
C ASN A 1776 -31.42 -7.39 -2.23
N ARG A 1777 -30.65 -6.60 -1.49
CA ARG A 1777 -30.66 -6.69 -0.03
C ARG A 1777 -31.90 -6.06 0.58
N VAL A 1778 -32.54 -5.13 -0.12
CA VAL A 1778 -33.73 -4.46 0.43
C VAL A 1778 -34.90 -5.43 0.44
N ALA A 1779 -35.55 -5.56 1.59
CA ALA A 1779 -36.67 -6.47 1.75
C ALA A 1779 -37.88 -6.00 0.93
N SER A 1780 -38.70 -6.96 0.52
CA SER A 1780 -39.89 -6.69 -0.27
C SER A 1780 -41.12 -6.73 0.63
N ALA A 1781 -42.09 -5.88 0.31
CA ALA A 1781 -43.33 -5.82 1.08
C ALA A 1781 -44.37 -6.84 0.63
N TYR A 1782 -44.14 -7.52 -0.50
CA TYR A 1782 -45.12 -8.46 -1.04
C TYR A 1782 -45.10 -9.75 -0.23
N ARG A 1783 -46.24 -10.08 0.39
CA ARG A 1783 -46.37 -11.29 1.18
C ARG A 1783 -47.25 -12.35 0.51
N GLY A 1784 -47.60 -12.14 -0.75
CA GLY A 1784 -48.50 -13.06 -1.42
C GLY A 1784 -47.83 -14.35 -1.84
N HIS A 1785 -48.68 -15.26 -2.35
CA HIS A 1785 -48.22 -16.58 -2.76
C HIS A 1785 -47.39 -16.48 -4.03
N CYS A 1786 -46.31 -17.27 -4.07
CA CYS A 1786 -45.44 -17.35 -5.24
C CYS A 1786 -44.89 -18.77 -5.30
N MET A 1787 -43.91 -18.98 -6.18
CA MET A 1787 -43.29 -20.29 -6.33
C MET A 1787 -42.00 -20.44 -5.52
N VAL A 1788 -41.19 -19.38 -5.44
CA VAL A 1788 -39.94 -19.42 -4.68
C VAL A 1788 -39.56 -17.98 -4.36
N ARG A 1789 -38.68 -17.81 -3.39
CA ARG A 1789 -38.20 -16.49 -2.99
C ARG A 1789 -36.74 -16.31 -3.38
N LEU A 1790 -36.37 -15.05 -3.61
CA LEU A 1790 -35.00 -14.69 -3.99
C LEU A 1790 -34.55 -13.52 -3.14
N SER A 1791 -33.46 -13.73 -2.39
CA SER A 1791 -32.90 -12.68 -1.52
C SER A 1791 -31.39 -12.71 -1.62
N GLY A 1792 -30.80 -11.54 -1.87
CA GLY A 1792 -29.35 -11.43 -1.95
C GLY A 1792 -28.73 -12.26 -3.04
N PHE A 1793 -29.41 -12.36 -4.20
CA PHE A 1793 -28.98 -13.20 -5.33
C PHE A 1793 -28.85 -14.66 -4.93
N LYS A 1794 -29.59 -15.09 -3.91
CA LYS A 1794 -29.60 -16.48 -3.45
C LYS A 1794 -31.04 -16.95 -3.39
N ILE A 1795 -31.27 -18.19 -3.83
CA ILE A 1795 -32.61 -18.74 -3.85
C ILE A 1795 -33.02 -19.14 -2.43
N LYS A 1796 -34.25 -18.79 -2.04
CA LYS A 1796 -34.76 -19.09 -0.72
C LYS A 1796 -36.12 -19.77 -0.84
N PRO A 1797 -36.46 -20.67 0.07
CA PRO A 1797 -37.76 -21.35 0.02
C PRO A 1797 -38.91 -20.36 0.17
N ALA A 1798 -40.03 -20.68 -0.49
CA ALA A 1798 -41.17 -19.78 -0.54
C ALA A 1798 -41.86 -19.64 0.81
N SER A 1799 -41.58 -20.52 1.77
CA SER A 1799 -42.15 -20.37 3.10
C SER A 1799 -41.63 -19.12 3.80
N ARG A 1800 -40.37 -18.77 3.58
CA ARG A 1800 -39.83 -17.54 4.15
C ARG A 1800 -40.42 -16.33 3.43
N THR A 1801 -40.41 -15.19 4.11
CA THR A 1801 -41.17 -14.03 3.67
C THR A 1801 -40.33 -12.88 3.11
N ASP A 1802 -39.01 -12.91 3.27
CA ASP A 1802 -38.21 -11.81 2.78
C ASP A 1802 -37.74 -12.06 1.34
N GLY A 1803 -37.12 -11.04 0.76
CA GLY A 1803 -36.57 -11.16 -0.58
C GLY A 1803 -37.60 -10.90 -1.67
N CYS A 1804 -37.11 -10.84 -2.89
CA CYS A 1804 -37.96 -10.55 -4.04
C CYS A 1804 -38.74 -11.80 -4.45
N PRO A 1805 -40.06 -11.70 -4.64
CA PRO A 1805 -40.82 -12.85 -5.14
C PRO A 1805 -40.45 -13.20 -6.57
N VAL A 1806 -40.55 -14.49 -6.87
CA VAL A 1806 -40.19 -15.02 -8.20
C VAL A 1806 -41.42 -15.69 -8.78
N ARG A 1807 -42.59 -15.11 -8.54
CA ARG A 1807 -43.85 -15.67 -9.03
C ARG A 1807 -43.85 -15.78 -10.55
N ILE A 1808 -44.47 -16.84 -11.05
CA ILE A 1808 -44.45 -17.18 -12.47
C ILE A 1808 -45.80 -16.85 -13.07
N MET A 1809 -45.79 -16.09 -14.16
CA MET A 1809 -47.02 -15.68 -14.83
C MET A 1809 -47.45 -16.71 -15.86
N ASN A 1820 -40.20 -8.63 -33.97
CA ASN A 1820 -40.03 -8.76 -35.40
C ASN A 1820 -39.06 -7.70 -35.94
N PRO A 1821 -38.15 -8.12 -36.83
CA PRO A 1821 -37.12 -7.19 -37.31
C PRO A 1821 -37.65 -6.02 -38.13
N ASP A 1822 -38.87 -6.11 -38.68
CA ASP A 1822 -39.40 -5.00 -39.46
C ASP A 1822 -39.88 -3.84 -38.59
N GLU A 1823 -40.14 -4.07 -37.31
CA GLU A 1823 -40.64 -3.02 -36.43
C GLU A 1823 -39.53 -2.12 -35.91
N VAL A 1824 -38.27 -2.54 -36.00
CA VAL A 1824 -37.18 -1.70 -35.50
C VAL A 1824 -36.92 -0.55 -36.46
N LYS A 1825 -36.24 0.48 -35.95
CA LYS A 1825 -36.02 1.69 -36.72
C LYS A 1825 -34.88 2.48 -36.08
N MET A 1826 -34.47 3.53 -36.77
CA MET A 1826 -33.48 4.47 -36.25
C MET A 1826 -34.19 5.64 -35.60
N ARG A 1827 -33.80 5.97 -34.37
CA ARG A 1827 -34.35 7.12 -33.67
C ARG A 1827 -33.21 7.83 -32.95
N VAL A 1828 -33.13 9.15 -33.08
CA VAL A 1828 -32.05 9.95 -32.53
C VAL A 1828 -32.65 10.98 -31.59
N ARG A 1829 -32.25 10.92 -30.33
CA ARG A 1829 -32.59 11.92 -29.32
C ARG A 1829 -31.38 12.84 -29.11
N GLY A 1830 -31.53 13.78 -28.18
CA GLY A 1830 -30.45 14.70 -27.85
C GLY A 1830 -29.23 14.01 -27.28
N ASP A 1831 -28.20 13.85 -28.11
CA ASP A 1831 -26.92 13.20 -27.78
C ASP A 1831 -27.10 11.71 -27.43
N ILE A 1832 -28.17 11.07 -27.90
CA ILE A 1832 -28.41 9.65 -27.65
C ILE A 1832 -28.82 8.98 -28.94
N LEU A 1833 -28.22 7.82 -29.22
CA LEU A 1833 -28.66 6.94 -30.29
C LEU A 1833 -29.38 5.73 -29.71
N ASN A 1834 -30.47 5.32 -30.35
CA ASN A 1834 -31.26 4.20 -29.86
C ASN A 1834 -31.88 3.43 -31.02
N LEU A 1835 -31.81 2.10 -30.94
CA LEU A 1835 -32.56 1.23 -31.84
C LEU A 1835 -33.94 0.93 -31.25
N SER A 1836 -34.75 1.98 -31.16
CA SER A 1836 -36.05 1.87 -30.52
C SER A 1836 -37.01 1.03 -31.37
N VAL A 1837 -37.69 0.08 -30.73
CA VAL A 1837 -38.72 -0.72 -31.36
C VAL A 1837 -39.87 -0.88 -30.35
N THR A 1838 -40.96 -0.15 -30.58
CA THR A 1838 -42.05 -0.14 -29.61
C THR A 1838 -42.79 -1.47 -29.62
N ILE A 1839 -43.01 -2.02 -28.42
CA ILE A 1839 -43.75 -3.27 -28.29
C ILE A 1839 -45.23 -3.05 -28.65
N GLN A 1840 -45.81 -1.95 -28.19
CA GLN A 1840 -47.20 -1.64 -28.47
C GLN A 1840 -47.38 -0.13 -28.39
N GLU A 1841 -48.45 0.35 -29.02
CA GLU A 1841 -48.68 1.79 -29.10
C GLU A 1841 -49.05 2.35 -27.73
N GLY A 1842 -48.47 3.50 -27.41
CA GLY A 1842 -48.65 4.14 -26.11
C GLY A 1842 -47.40 4.25 -25.28
N ARG A 1843 -46.32 3.54 -25.63
CA ARG A 1843 -45.06 3.69 -24.94
C ARG A 1843 -43.92 3.39 -25.92
N VAL A 1844 -42.73 3.88 -25.58
CA VAL A 1844 -41.55 3.73 -26.41
C VAL A 1844 -40.65 2.69 -25.77
N MET A 1845 -40.13 1.77 -26.59
CA MET A 1845 -39.32 0.66 -26.12
C MET A 1845 -38.00 0.67 -26.90
N ASN A 1846 -36.94 1.15 -26.27
CA ASN A 1846 -35.61 1.17 -26.85
C ASN A 1846 -34.77 0.04 -26.30
N ILE A 1847 -33.91 -0.54 -27.14
CA ILE A 1847 -33.13 -1.72 -26.78
C ILE A 1847 -31.63 -1.49 -26.80
N LEU A 1848 -31.15 -0.38 -27.37
CA LEU A 1848 -29.73 -0.11 -27.42
C LEU A 1848 -29.49 1.37 -27.17
N SER A 1849 -28.27 1.69 -26.72
CA SER A 1849 -27.91 3.05 -26.33
C SER A 1849 -26.49 3.35 -26.76
N TYR A 1850 -26.24 4.62 -27.06
CA TYR A 1850 -24.88 5.10 -27.35
C TYR A 1850 -24.87 6.61 -27.18
N ARG A 1851 -24.06 7.11 -26.25
CA ARG A 1851 -23.86 8.53 -26.06
C ARG A 1851 -22.36 8.83 -26.14
N PRO A 1852 -21.92 9.60 -27.13
CA PRO A 1852 -20.51 9.98 -27.17
C PRO A 1852 -20.16 10.90 -26.00
N ARG A 1853 -18.92 10.79 -25.54
CA ARG A 1853 -18.43 11.54 -24.40
C ARG A 1853 -17.27 12.43 -24.84
N ASP A 1854 -16.61 13.04 -23.86
CA ASP A 1854 -15.50 13.94 -24.17
C ASP A 1854 -14.18 13.21 -24.37
N THR A 1855 -14.11 11.93 -24.02
CA THR A 1855 -12.85 11.20 -24.08
C THR A 1855 -12.46 10.85 -25.52
N ASP A 1856 -13.43 10.38 -26.31
CA ASP A 1856 -13.13 9.78 -27.62
C ASP A 1856 -13.00 10.85 -28.71
N ILE A 1857 -12.01 11.73 -28.53
CA ILE A 1857 -11.62 12.69 -29.53
C ILE A 1857 -10.11 12.62 -29.67
N SER A 1858 -9.62 12.35 -30.87
CA SER A 1858 -8.20 12.20 -31.11
C SER A 1858 -7.77 13.12 -32.26
N GLU A 1859 -6.62 13.77 -32.07
CA GLU A 1859 -6.08 14.61 -33.13
C GLU A 1859 -5.58 13.79 -34.30
N SER A 1860 -5.13 12.56 -34.04
CA SER A 1860 -4.74 11.67 -35.14
C SER A 1860 -5.94 11.30 -36.00
N ALA A 1861 -7.09 11.07 -35.38
CA ALA A 1861 -8.31 10.83 -36.14
C ALA A 1861 -8.69 12.05 -36.97
N ALA A 1862 -8.51 13.25 -36.40
CA ALA A 1862 -8.78 14.48 -37.14
C ALA A 1862 -7.85 14.62 -38.34
N ALA A 1863 -6.58 14.27 -38.16
CA ALA A 1863 -5.64 14.31 -39.30
C ALA A 1863 -5.99 13.27 -40.34
N TYR A 1864 -6.49 12.10 -39.91
CA TYR A 1864 -6.94 11.09 -40.87
C TYR A 1864 -8.13 11.58 -41.66
N LEU A 1865 -9.07 12.26 -41.00
CA LEU A 1865 -10.18 12.89 -41.72
C LEU A 1865 -9.70 13.99 -42.64
N TRP A 1866 -8.63 14.69 -42.27
CA TRP A 1866 -8.11 15.77 -43.10
C TRP A 1866 -7.53 15.23 -44.39
N SER A 1867 -6.88 14.06 -44.34
CA SER A 1867 -6.35 13.44 -45.56
C SER A 1867 -7.46 13.02 -46.51
N ASN A 1868 -8.60 12.57 -45.97
CA ASN A 1868 -9.76 12.18 -46.77
C ASN A 1868 -10.83 13.25 -46.78
N ARG A 1869 -10.42 14.52 -46.88
CA ARG A 1869 -11.37 15.63 -46.82
C ARG A 1869 -12.35 15.60 -47.97
N ASP A 1870 -11.91 15.23 -49.17
CA ASP A 1870 -12.78 15.19 -50.34
C ASP A 1870 -13.60 13.91 -50.44
N LEU A 1871 -13.29 12.89 -49.64
CA LEU A 1871 -14.01 11.62 -49.76
C LEU A 1871 -15.44 11.74 -49.25
N PHE A 1872 -15.64 12.42 -48.13
CA PHE A 1872 -16.97 12.55 -47.54
C PHE A 1872 -17.64 13.83 -48.02
N SER A 1873 -18.91 13.99 -47.63
CA SER A 1873 -19.70 15.14 -48.05
C SER A 1873 -19.42 16.40 -47.22
N PHE A 1874 -18.59 16.30 -46.19
CA PHE A 1874 -18.34 17.45 -45.31
C PHE A 1874 -17.40 18.48 -45.92
N GLY A 1875 -16.78 18.19 -47.06
CA GLY A 1875 -15.83 19.10 -47.65
C GLY A 1875 -16.41 20.26 -48.42
N LYS A 1876 -17.75 20.38 -48.47
CA LYS A 1876 -18.36 21.38 -49.33
C LYS A 1876 -18.48 22.74 -48.66
N LYS A 1877 -18.81 22.79 -47.38
CA LYS A 1877 -19.15 24.05 -46.71
C LYS A 1877 -18.14 24.38 -45.62
N GLU A 1878 -18.27 25.59 -45.08
CA GLU A 1878 -17.40 26.13 -44.04
C GLU A 1878 -17.65 25.63 -42.60
N PRO A 1879 -18.89 25.37 -42.14
CA PRO A 1879 -18.99 24.84 -40.76
C PRO A 1879 -18.42 23.45 -40.61
N SER A 1880 -18.71 22.57 -41.56
CA SER A 1880 -17.95 21.33 -41.68
C SER A 1880 -16.55 21.65 -42.21
N CYS A 1881 -15.64 20.67 -42.07
CA CYS A 1881 -14.20 20.76 -42.36
C CYS A 1881 -13.50 21.60 -41.29
N SER A 1882 -14.28 22.21 -40.41
CA SER A 1882 -13.80 22.90 -39.22
C SER A 1882 -14.37 22.32 -37.94
N TRP A 1883 -15.66 22.00 -37.94
CA TRP A 1883 -16.28 21.33 -36.80
C TRP A 1883 -16.21 19.82 -36.94
N ILE A 1884 -16.35 19.28 -38.15
CA ILE A 1884 -16.16 17.85 -38.36
C ILE A 1884 -14.72 17.47 -38.11
N CYS A 1885 -13.79 18.24 -38.67
CA CYS A 1885 -12.37 18.07 -38.39
C CYS A 1885 -12.00 18.89 -37.16
N LEU A 1886 -10.72 19.01 -36.88
CA LEU A 1886 -10.22 19.82 -35.75
C LEU A 1886 -9.12 20.72 -36.26
N LYS A 1887 -9.42 22.01 -36.38
CA LYS A 1887 -8.47 22.99 -36.90
C LYS A 1887 -8.89 24.37 -36.39
N THR A 1888 -7.95 25.30 -36.45
CA THR A 1888 -8.22 26.65 -35.98
C THR A 1888 -8.90 27.46 -37.09
N LEU A 1889 -9.30 28.67 -36.74
CA LEU A 1889 -10.03 29.55 -37.64
C LEU A 1889 -9.12 30.69 -38.10
N ASP A 1890 -9.11 30.93 -39.42
CA ASP A 1890 -8.31 32.00 -40.00
C ASP A 1890 -9.04 33.33 -39.91
N ASN A 1891 -8.30 34.41 -40.18
CA ASN A 1891 -8.86 35.76 -40.05
C ASN A 1891 -10.04 35.97 -40.98
N TRP A 1892 -9.85 35.71 -42.27
CA TRP A 1892 -10.97 35.80 -43.21
C TRP A 1892 -11.99 34.72 -42.94
N ALA A 1893 -11.55 33.56 -42.41
CA ALA A 1893 -12.48 32.50 -42.06
C ALA A 1893 -13.43 32.95 -40.96
N TRP A 1894 -12.91 33.57 -39.89
CA TRP A 1894 -13.81 34.03 -38.85
C TRP A 1894 -14.57 35.29 -39.25
N SER A 1895 -14.04 36.07 -40.20
CA SER A 1895 -14.83 37.18 -40.73
C SER A 1895 -16.04 36.67 -41.50
N HIS A 1896 -15.85 35.65 -42.32
CA HIS A 1896 -16.97 35.01 -43.00
C HIS A 1896 -17.92 34.34 -42.02
N ALA A 1897 -17.39 33.74 -40.95
CA ALA A 1897 -18.24 33.19 -39.91
C ALA A 1897 -19.07 34.27 -39.23
N SER A 1898 -18.47 35.44 -38.99
CA SER A 1898 -19.18 36.53 -38.34
C SER A 1898 -20.27 37.10 -39.25
N VAL A 1899 -19.98 37.26 -40.54
CA VAL A 1899 -21.02 37.75 -41.44
C VAL A 1899 -22.10 36.70 -41.67
N LEU A 1900 -21.79 35.42 -41.45
CA LEU A 1900 -22.86 34.42 -41.37
C LEU A 1900 -23.65 34.57 -40.08
N LEU A 1901 -22.98 34.92 -38.98
CA LEU A 1901 -23.64 35.07 -37.69
C LEU A 1901 -24.59 36.25 -37.66
N ALA A 1902 -24.25 37.33 -38.35
CA ALA A 1902 -25.01 38.57 -38.26
C ALA A 1902 -26.44 38.40 -38.79
N ASN A 1903 -26.59 37.67 -39.89
CA ASN A 1903 -27.89 37.47 -40.54
C ASN A 1903 -28.37 36.05 -40.27
N ASP A 1904 -29.69 35.90 -40.09
CA ASP A 1904 -30.26 34.59 -39.82
C ASP A 1904 -30.09 33.66 -41.02
N ARG A 1905 -30.53 34.09 -42.19
CA ARG A 1905 -30.44 33.37 -43.47
C ARG A 1905 -31.11 32.00 -43.34
N LYS A 1906 -30.66 31.03 -44.15
CA LYS A 1906 -31.12 29.65 -44.07
C LYS A 1906 -30.13 28.78 -44.81
N THR A 1907 -29.55 27.81 -44.12
CA THR A 1907 -28.56 26.91 -44.69
C THR A 1907 -28.93 25.47 -44.36
N GLN A 1908 -28.58 24.56 -45.26
CA GLN A 1908 -29.00 23.17 -45.17
C GLN A 1908 -28.34 22.49 -43.97
N GLY A 1909 -29.13 22.19 -42.94
CA GLY A 1909 -28.65 21.45 -41.79
C GLY A 1909 -27.60 22.15 -40.98
N ILE A 1910 -27.69 23.47 -40.85
CA ILE A 1910 -26.68 24.26 -40.14
C ILE A 1910 -27.27 24.93 -38.89
N ASP A 1911 -28.54 25.34 -38.95
CA ASP A 1911 -29.34 25.82 -37.82
C ASP A 1911 -28.84 27.17 -37.30
N ASN A 1912 -29.68 27.86 -36.54
CA ASN A 1912 -29.34 29.14 -35.92
C ASN A 1912 -29.55 29.04 -34.42
N ARG A 1913 -28.84 29.91 -33.68
CA ARG A 1913 -29.01 30.16 -32.26
C ARG A 1913 -28.48 29.00 -31.41
N ALA A 1914 -28.13 27.88 -32.04
CA ALA A 1914 -27.41 26.80 -31.38
C ALA A 1914 -25.96 26.72 -31.83
N MET A 1915 -25.72 26.92 -33.12
CA MET A 1915 -24.37 27.15 -33.62
C MET A 1915 -23.74 28.35 -32.92
N GLY A 1916 -24.53 29.41 -32.74
CA GLY A 1916 -24.05 30.55 -31.97
C GLY A 1916 -23.76 30.19 -30.52
N ASN A 1917 -24.56 29.30 -29.94
CA ASN A 1917 -24.32 28.87 -28.56
C ASN A 1917 -23.01 28.12 -28.43
N ILE A 1918 -22.76 27.16 -29.32
CA ILE A 1918 -21.52 26.40 -29.22
C ILE A 1918 -20.32 27.27 -29.59
N PHE A 1919 -20.50 28.22 -30.51
CA PHE A 1919 -19.42 29.15 -30.83
C PHE A 1919 -19.08 30.04 -29.64
N ARG A 1920 -20.10 30.54 -28.94
CA ARG A 1920 -19.87 31.37 -27.76
C ARG A 1920 -19.21 30.56 -26.65
N ASP A 1921 -19.63 29.32 -26.47
CA ASP A 1921 -19.00 28.47 -25.44
C ASP A 1921 -17.55 28.19 -25.78
N CYS A 1922 -17.26 27.89 -27.05
CA CYS A 1922 -15.88 27.64 -27.46
C CYS A 1922 -15.02 28.89 -27.31
N LEU A 1923 -15.56 30.05 -27.68
CA LEU A 1923 -14.80 31.29 -27.55
C LEU A 1923 -14.55 31.65 -26.09
N GLU A 1924 -15.55 31.43 -25.23
CA GLU A 1924 -15.36 31.69 -23.80
C GLU A 1924 -14.33 30.74 -23.20
N GLY A 1925 -14.36 29.46 -23.60
CA GLY A 1925 -13.37 28.52 -23.12
C GLY A 1925 -11.97 28.86 -23.59
N SER A 1926 -11.85 29.32 -24.84
CA SER A 1926 -10.56 29.79 -25.34
C SER A 1926 -10.10 31.05 -24.59
N LEU A 1927 -11.05 31.91 -24.21
CA LEU A 1927 -10.71 33.12 -23.47
C LEU A 1927 -10.17 32.77 -22.09
N ARG A 1928 -10.83 31.85 -21.39
CA ARG A 1928 -10.43 31.52 -20.02
C ARG A 1928 -9.07 30.86 -19.96
N LYS A 1929 -8.66 30.16 -21.04
CA LYS A 1929 -7.37 29.48 -21.03
C LYS A 1929 -6.21 30.46 -21.01
N GLN A 1930 -6.33 31.56 -21.74
CA GLN A 1930 -5.23 32.52 -21.85
C GLN A 1930 -5.19 33.48 -20.66
N GLY A 1931 -6.29 33.66 -19.96
CA GLY A 1931 -6.32 34.57 -18.83
C GLY A 1931 -7.66 35.26 -18.78
N LEU A 1932 -7.65 36.47 -18.19
CA LEU A 1932 -8.78 37.38 -18.21
C LEU A 1932 -10.03 36.80 -17.56
N MET A 1933 -10.97 36.35 -18.39
CA MET A 1933 -12.26 35.82 -17.95
C MET A 1933 -12.09 34.70 -16.93
N ARG A 1934 -12.62 34.93 -15.73
CA ARG A 1934 -12.45 34.01 -14.61
C ARG A 1934 -13.29 32.75 -14.81
N SER A 1935 -12.71 31.61 -14.43
CA SER A 1935 -13.43 30.34 -14.52
C SER A 1935 -14.60 30.32 -13.55
N LYS A 1936 -15.79 30.00 -14.08
CA LYS A 1936 -17.01 30.10 -13.28
C LYS A 1936 -16.99 29.11 -12.14
N LEU A 1937 -17.27 29.60 -10.93
CA LEU A 1937 -17.26 28.78 -9.72
C LEU A 1937 -17.99 29.48 -8.58
N THR A 1950 -23.71 23.68 11.19
CA THR A 1950 -22.31 23.38 10.93
C THR A 1950 -21.59 22.96 12.20
N GLN A 1951 -22.33 22.28 13.09
CA GLN A 1951 -21.84 21.74 14.35
C GLN A 1951 -21.25 22.84 15.23
N GLU A 1952 -22.14 23.74 15.64
CA GLU A 1952 -21.78 24.75 16.63
C GLU A 1952 -21.61 24.11 17.99
N LEU A 1953 -20.96 24.85 18.90
CA LEU A 1953 -20.69 24.32 20.23
C LEU A 1953 -21.89 24.44 21.18
N VAL A 1954 -22.85 25.29 20.84
CA VAL A 1954 -23.92 25.62 21.80
C VAL A 1954 -24.86 24.45 22.02
N ASP A 1955 -25.24 23.76 20.94
CA ASP A 1955 -26.15 22.62 21.10
C ASP A 1955 -25.44 21.43 21.73
N ILE A 1956 -24.13 21.29 21.50
CA ILE A 1956 -23.35 20.27 22.18
C ILE A 1956 -23.31 20.55 23.68
N LEU A 1957 -23.08 21.81 24.05
CA LEU A 1957 -23.06 22.20 25.46
C LEU A 1957 -24.47 22.51 25.96
N GLU A 1973 -10.16 45.86 24.76
CA GLU A 1973 -9.90 45.49 23.37
C GLU A 1973 -9.36 46.67 22.58
N GLY A 1974 -8.68 46.38 21.47
CA GLY A 1974 -8.13 47.42 20.63
C GLY A 1974 -6.86 48.06 21.13
N SER A 1975 -6.21 47.47 22.15
CA SER A 1975 -4.98 48.05 22.68
C SER A 1975 -3.85 47.99 21.65
N LEU A 1976 -3.76 46.90 20.89
CA LEU A 1976 -2.72 46.76 19.89
C LEU A 1976 -2.94 47.74 18.75
N ASP A 1977 -1.83 48.24 18.18
CA ASP A 1977 -1.93 49.19 17.08
C ASP A 1977 -2.43 48.51 15.81
N ILE A 1978 -2.08 47.24 15.61
CA ILE A 1978 -2.60 46.37 14.54
C ILE A 1978 -2.11 46.85 13.17
N GLU A 1979 -2.42 48.10 12.82
CA GLU A 1979 -2.03 48.65 11.53
C GLU A 1979 -0.51 48.67 11.36
N SER A 1980 0.21 49.10 12.40
CA SER A 1980 1.67 49.16 12.30
C SER A 1980 2.27 47.76 12.28
N ILE A 1981 1.73 46.84 13.07
CA ILE A 1981 2.28 45.49 13.13
C ILE A 1981 1.98 44.71 11.86
N PHE A 1982 1.00 45.15 11.07
CA PHE A 1982 0.78 44.57 9.76
C PHE A 1982 1.26 45.46 8.61
N ASP A 1983 1.95 46.54 8.91
CA ASP A 1983 2.51 47.37 7.87
C ASP A 1983 3.70 46.68 7.22
N GLY A 1984 3.95 47.03 5.95
CA GLY A 1984 5.01 46.42 5.19
C GLY A 1984 4.68 45.07 4.59
N ALA A 1985 3.46 44.57 4.78
CA ALA A 1985 3.01 43.29 4.26
C ALA A 1985 2.08 43.50 3.08
N PRO A 1986 2.13 42.62 2.08
CA PRO A 1986 1.23 42.75 0.93
C PRO A 1986 -0.22 42.51 1.32
N ILE A 1987 -1.11 43.18 0.59
CA ILE A 1987 -2.54 43.05 0.82
C ILE A 1987 -3.08 41.98 -0.11
N LEU A 1988 -3.79 40.99 0.46
CA LEU A 1988 -4.15 39.80 -0.29
C LEU A 1988 -5.56 39.84 -0.89
N TRP A 1989 -6.48 40.59 -0.28
CA TRP A 1989 -7.82 40.66 -0.86
C TRP A 1989 -7.84 41.48 -2.15
N SER A 1990 -6.87 42.36 -2.34
CA SER A 1990 -6.74 43.15 -3.57
C SER A 1990 -5.88 42.47 -4.62
N ALA A 1991 -5.42 41.24 -4.36
CA ALA A 1991 -4.57 40.51 -5.29
C ALA A 1991 -5.36 39.64 -6.26
N GLU A 1992 -6.58 39.22 -5.87
CA GLU A 1992 -7.42 38.30 -6.63
C GLU A 1992 -6.67 37.02 -6.97
N VAL A 1993 -6.27 36.31 -5.92
CA VAL A 1993 -5.58 35.02 -6.06
C VAL A 1993 -6.62 33.92 -6.13
N GLU A 1994 -6.38 32.93 -6.98
CA GLU A 1994 -7.32 31.84 -7.18
C GLU A 1994 -7.19 30.80 -6.08
N GLU A 1995 -8.12 29.85 -6.08
CA GLU A 1995 -8.11 28.76 -5.11
C GLU A 1995 -7.23 27.62 -5.60
N PHE A 1996 -6.87 26.74 -4.68
CA PHE A 1996 -6.01 25.60 -4.97
C PHE A 1996 -6.72 24.30 -4.60
N GLY A 1997 -6.20 23.21 -5.16
CA GLY A 1997 -6.78 21.90 -4.96
C GLY A 1997 -7.36 21.35 -6.25
N GLU A 1998 -7.45 20.01 -6.30
CA GLU A 1998 -7.96 19.34 -7.49
C GLU A 1998 -9.45 19.53 -7.68
N GLY A 1999 -10.18 19.89 -6.63
CA GLY A 1999 -11.60 20.17 -6.79
C GLY A 1999 -11.85 21.36 -7.68
N VAL A 2000 -11.04 22.42 -7.53
CA VAL A 2000 -11.16 23.60 -8.40
C VAL A 2000 -10.66 23.26 -9.80
N VAL A 2001 -9.56 22.51 -9.90
CA VAL A 2001 -8.93 22.22 -11.19
C VAL A 2001 -9.87 21.39 -12.07
N ALA A 2002 -10.51 20.38 -11.49
CA ALA A 2002 -11.38 19.50 -12.27
C ALA A 2002 -12.65 20.21 -12.75
N VAL A 2003 -13.06 21.28 -12.06
CA VAL A 2003 -14.25 22.01 -12.49
C VAL A 2003 -14.00 22.77 -13.79
N SER A 2004 -12.80 23.34 -13.93
CA SER A 2004 -12.48 24.13 -15.11
C SER A 2004 -12.41 23.30 -16.38
N TYR A 2005 -12.25 21.99 -16.27
CA TYR A 2005 -12.19 21.11 -17.42
C TYR A 2005 -13.54 20.48 -17.75
N SER A 2006 -14.61 20.86 -17.05
CA SER A 2006 -15.90 20.24 -17.22
C SER A 2006 -16.61 20.64 -18.51
N SER A 2007 -16.09 21.64 -19.24
CA SER A 2007 -16.70 22.03 -20.49
C SER A 2007 -16.55 20.93 -21.52
N LYS A 2008 -17.62 20.66 -22.27
CA LYS A 2008 -17.59 19.58 -23.26
C LYS A 2008 -16.67 19.92 -24.43
N TYR A 2009 -16.57 21.20 -24.77
CA TYR A 2009 -15.75 21.67 -25.89
C TYR A 2009 -14.38 22.16 -25.43
N TYR A 2010 -13.80 21.51 -24.43
CA TYR A 2010 -12.50 21.94 -23.91
C TYR A 2010 -11.40 21.74 -24.94
N HIS A 2011 -11.45 20.65 -25.70
CA HIS A 2011 -10.40 20.34 -26.68
C HIS A 2011 -10.75 20.92 -28.04
N LEU A 2012 -11.02 22.22 -28.06
CA LEU A 2012 -11.39 22.93 -29.27
C LEU A 2012 -10.45 24.11 -29.47
N THR A 2013 -9.77 24.16 -30.62
CA THR A 2013 -8.89 25.25 -30.97
C THR A 2013 -9.53 26.21 -31.96
N LEU A 2014 -10.86 26.22 -32.05
CA LEU A 2014 -11.56 27.00 -33.05
C LEU A 2014 -11.51 28.50 -32.79
N MET A 2015 -11.08 28.94 -31.61
CA MET A 2015 -11.08 30.36 -31.29
C MET A 2015 -9.82 30.83 -30.56
N ASP A 2016 -8.76 30.02 -30.53
CA ASP A 2016 -7.54 30.43 -29.83
C ASP A 2016 -6.86 31.59 -30.55
N GLN A 2017 -6.66 31.46 -31.87
CA GLN A 2017 -6.03 32.53 -32.63
C GLN A 2017 -6.90 33.78 -32.65
N ALA A 2018 -8.22 33.61 -32.58
CA ALA A 2018 -9.12 34.77 -32.49
C ALA A 2018 -8.86 35.56 -31.21
N ALA A 2019 -8.72 34.85 -30.08
CA ALA A 2019 -8.41 35.53 -28.83
C ALA A 2019 -7.01 36.15 -28.85
N ILE A 2020 -6.06 35.47 -29.48
CA ILE A 2020 -4.70 36.01 -29.61
C ILE A 2020 -4.73 37.33 -30.39
N THR A 2021 -5.51 37.38 -31.47
CA THR A 2021 -5.62 38.62 -32.23
C THR A 2021 -6.41 39.69 -31.46
N MET A 2022 -7.43 39.29 -30.71
CA MET A 2022 -8.29 40.27 -30.05
C MET A 2022 -7.64 40.91 -28.84
N CYS A 2023 -6.80 40.17 -28.12
CA CYS A 2023 -6.19 40.72 -26.91
C CYS A 2023 -5.29 41.91 -27.24
N ALA A 2024 -4.50 41.81 -28.31
CA ALA A 2024 -3.61 42.90 -28.68
C ALA A 2024 -4.40 44.14 -29.12
N ILE A 2025 -5.47 43.96 -29.87
CA ILE A 2025 -6.21 45.11 -30.37
C ILE A 2025 -7.08 45.73 -29.26
N MET A 2026 -7.47 44.96 -28.24
CA MET A 2026 -8.37 45.49 -27.22
C MET A 2026 -7.63 46.00 -25.98
N GLY A 2027 -6.59 45.32 -25.52
CA GLY A 2027 -5.95 45.71 -24.27
C GLY A 2027 -6.14 44.66 -23.19
N LYS A 2028 -5.07 44.33 -22.47
CA LYS A 2028 -5.15 43.32 -21.43
C LYS A 2028 -6.11 43.73 -20.32
N GLU A 2029 -6.03 44.99 -19.89
CA GLU A 2029 -7.03 45.54 -18.97
C GLU A 2029 -8.31 45.92 -19.68
N GLY A 2030 -8.24 46.23 -20.98
CA GLY A 2030 -9.42 46.62 -21.72
C GLY A 2030 -10.45 45.51 -21.83
N CYS A 2031 -9.99 44.28 -22.04
CA CYS A 2031 -10.91 43.14 -22.08
C CYS A 2031 -11.61 42.94 -20.74
N ARG A 2032 -10.86 43.06 -19.65
CA ARG A 2032 -11.45 42.91 -18.32
C ARG A 2032 -12.45 44.01 -18.03
N GLY A 2033 -12.16 45.23 -18.47
CA GLY A 2033 -13.14 46.29 -18.39
C GLY A 2033 -14.36 46.06 -19.25
N LEU A 2034 -14.16 45.42 -20.41
CA LEU A 2034 -15.27 45.10 -21.30
C LEU A 2034 -16.22 44.08 -20.65
N LEU A 2035 -15.67 43.06 -20.00
CA LEU A 2035 -16.53 42.06 -19.40
C LEU A 2035 -17.19 42.53 -18.10
N THR A 2036 -16.68 43.61 -17.49
CA THR A 2036 -17.25 44.13 -16.25
C THR A 2036 -18.16 45.34 -16.50
N GLU A 2037 -17.64 46.39 -17.13
CA GLU A 2037 -18.35 47.65 -17.28
C GLU A 2037 -18.94 47.84 -18.67
N LYS A 2038 -18.66 46.93 -19.61
CA LYS A 2038 -19.04 47.08 -21.02
C LYS A 2038 -18.49 48.39 -21.60
N ARG A 2039 -17.16 48.45 -21.64
CA ARG A 2039 -16.47 49.64 -22.14
C ARG A 2039 -15.51 49.26 -23.26
N CYS A 2040 -15.44 50.13 -24.27
CA CYS A 2040 -14.52 50.01 -25.40
C CYS A 2040 -14.54 51.35 -26.15
N MET A 2041 -13.48 51.60 -26.91
CA MET A 2041 -13.42 52.79 -27.73
C MET A 2041 -13.75 52.45 -29.19
N ALA A 2042 -14.19 53.46 -29.93
CA ALA A 2042 -14.84 53.22 -31.22
C ALA A 2042 -13.89 52.64 -32.26
N ALA A 2043 -12.65 53.15 -32.32
CA ALA A 2043 -11.73 52.77 -33.39
C ALA A 2043 -11.35 51.30 -33.33
N ILE A 2044 -11.35 50.70 -32.14
CA ILE A 2044 -11.25 49.25 -32.03
C ILE A 2044 -12.59 48.56 -31.89
N ARG A 2045 -13.66 49.33 -31.60
CA ARG A 2045 -15.01 48.76 -31.66
C ARG A 2045 -15.36 48.31 -33.07
N GLU A 2046 -14.88 49.06 -34.07
CA GLU A 2046 -15.14 48.67 -35.47
C GLU A 2046 -14.58 47.30 -35.80
N GLN A 2047 -13.56 46.85 -35.08
CA GLN A 2047 -12.96 45.54 -35.32
C GLN A 2047 -13.41 44.47 -34.33
N VAL A 2048 -13.80 44.85 -33.11
CA VAL A 2048 -14.30 43.85 -32.14
C VAL A 2048 -15.80 43.66 -32.25
N ARG A 2049 -16.49 44.42 -33.09
CA ARG A 2049 -17.91 44.18 -33.33
C ARG A 2049 -18.22 42.79 -33.86
N PRO A 2050 -17.47 42.21 -34.81
CA PRO A 2050 -17.68 40.77 -35.10
C PRO A 2050 -17.47 39.89 -33.87
N PHE A 2051 -16.49 40.18 -33.04
CA PHE A 2051 -16.31 39.40 -31.83
C PHE A 2051 -17.34 39.74 -30.76
N LEU A 2052 -17.92 40.95 -30.82
CA LEU A 2052 -19.04 41.28 -29.95
C LEU A 2052 -20.30 40.51 -30.34
N ILE A 2053 -20.51 40.29 -31.65
CA ILE A 2053 -21.62 39.44 -32.07
C ILE A 2053 -21.30 37.97 -31.84
N PHE A 2054 -20.01 37.61 -31.78
CA PHE A 2054 -19.64 36.26 -31.36
C PHE A 2054 -19.96 36.04 -29.89
N LEU A 2055 -19.72 37.05 -29.05
CA LEU A 2055 -20.12 36.99 -27.66
C LEU A 2055 -21.61 37.13 -27.45
N GLN A 2056 -22.36 37.47 -28.51
CA GLN A 2056 -23.81 37.70 -28.45
C GLN A 2056 -24.16 38.79 -27.45
N ILE A 2057 -23.34 39.83 -27.41
CA ILE A 2057 -23.56 41.00 -26.56
C ILE A 2057 -23.92 42.18 -27.46
N PRO A 2058 -25.07 42.81 -27.28
CA PRO A 2058 -25.51 43.85 -28.21
C PRO A 2058 -24.61 45.09 -28.18
N GLU A 2059 -24.52 45.75 -29.33
CA GLU A 2059 -23.68 46.94 -29.45
C GLU A 2059 -24.33 48.18 -28.88
N ASP A 2060 -25.67 48.22 -28.81
CA ASP A 2060 -26.32 49.35 -28.15
C ASP A 2060 -26.23 49.25 -26.63
N SER A 2061 -26.03 48.05 -26.09
CA SER A 2061 -25.91 47.88 -24.64
C SER A 2061 -24.55 48.33 -24.12
N ILE A 2062 -23.49 48.10 -24.89
CA ILE A 2062 -22.14 48.43 -24.43
C ILE A 2062 -21.94 49.94 -24.52
N SER A 2063 -21.40 50.52 -23.45
CA SER A 2063 -21.22 51.96 -23.34
C SER A 2063 -19.80 52.33 -23.72
N TRP A 2064 -19.65 53.21 -24.71
CA TRP A 2064 -18.34 53.62 -25.16
C TRP A 2064 -17.69 54.56 -24.15
N VAL A 2065 -16.36 54.63 -24.21
CA VAL A 2065 -15.59 55.46 -23.30
C VAL A 2065 -15.75 56.94 -23.67
#